data_4OZG
#
_entry.id   4OZG
#
_cell.length_a   266.024
_cell.length_b   60.266
_cell.length_c   138.235
_cell.angle_alpha   90.00
_cell.angle_beta   114.04
_cell.angle_gamma   90.00
#
_symmetry.space_group_name_H-M   'C 1 2 1'
#
loop_
_entity.id
_entity.type
_entity.pdbx_description
1 polymer 'HLA class II histocompatibility antigen, DQ alpha 1 chain'
2 polymer 'HLA class II histocompatibility antigen, DQ beta 1 chain'
3 polymer 'T-cell receptor, d2, alpha chain'
4 polymer 'T-cell receptor, d2, beta chain'
5 polymer 'deamidated Gliadin-alpha2 peptide'
6 branched 2-acetamido-2-deoxy-beta-D-glucopyranose-(1-4)-2-acetamido-2-deoxy-beta-D-glucopyranose
7 non-polymer 2-acetamido-2-deoxy-beta-D-glucopyranose
8 non-polymer 'CALCIUM ION'
9 water water
#
loop_
_entity_poly.entity_id
_entity_poly.type
_entity_poly.pdbx_seq_one_letter_code
_entity_poly.pdbx_strand_id
1 'polypeptide(L)'
;EDIVADHVASYGVNLYQSYGPSGQYTHEFDGDEQFYVDLGRKETVWCLPVLRQFRFDPQFALTNIAVLKHNLNSLIKRSN
STAATNEVPEVTVFSKSPVTLGQPNILICLVDNIFPPVVNITWLSNGHSVTEGVSETSFLSKSDHSFFKISYLTLLPSAE
ESYDCKVEHWGLDKPLLKHWEPETSGDDDDK
;
A,C
2 'polypeptide(L)'
;GGSIEGRGGSGASRDSPEDFVYQFKGMCYFTNGTERVRLVSRSIYNREEIVRFDSDVGEFRAVTLLGLPAAEYWNSQKDI
LERKRAAVDRVCRHNYQLELRTTLQRRVEPTVTISPSRTEALNHHNLLVCSVTDFYPAQIKVRWFRNDQEETAGVVSTPL
IRNGDWTFQILVMLEMTPQRGDVYTCHVEHPSLQSPITVEWRAQSTGGDDDDK
;
B,D
3 'polypeptide(L)'
;MKTTQPPSMDCAEGRAANLPCNHSTISGNEYVYWYRQIHSQGPQYIIHGLKNNETNEMASLIITEDRKSSTLILPHATLR
DTAVYYCIVLGGADGLTFGKGTHLIIQPYIQNPDPAVYQLRDSKSSDKSVCLFTDFDSQTNVSQSKDSDVYITDKCVLDM
RSMDFKSNSAVAWSNKSDFACANAFNNSIIPEDTFFPSPESS
;
E,G
4 'polypeptide(L)'
;MGVSQSPSNKVTEKGKDVELRCDPISGHTALYWYRQSLGQGLEFLIYFQGNSAPDKSGLPSDRFSAERTGGSVSTLTIQR
TQQEDSAVYLCASSFRFTDTQYFGPGTRLTVLEDLKNVFPPEVAVFEPSEAEISHTQKATLVCLATGFYPDHVELSWWVN
GKEVHSGVCTDPQPLKEQPALNDSRYALSSRLRVSATFWQNPRNHFRCQVQFYGLSENDEWTQDRAKPVTQIVSAEAWGR
AD
;
F,H
5 'polypeptide(L)' APQPELPYPQPGS I,J
#
# COMPACT_ATOMS: atom_id res chain seq x y z
N ILE A 3 34.72 43.68 35.98
CA ILE A 3 35.85 44.58 35.73
C ILE A 3 37.18 43.91 36.19
N VAL A 4 37.23 43.38 37.44
CA VAL A 4 38.44 42.75 37.99
C VAL A 4 38.26 41.22 38.04
N ALA A 5 39.11 40.50 37.28
CA ALA A 5 39.10 39.04 37.18
C ALA A 5 40.49 38.51 36.84
N ASP A 6 40.73 37.20 37.13
CA ASP A 6 41.99 36.49 36.83
C ASP A 6 42.16 36.37 35.33
N HIS A 7 41.07 35.99 34.62
CA HIS A 7 41.04 35.84 33.16
C HIS A 7 39.81 36.49 32.54
N VAL A 8 40.03 37.22 31.43
CA VAL A 8 38.97 37.85 30.65
C VAL A 8 39.02 37.28 29.22
N ALA A 9 37.83 36.94 28.70
CA ALA A 9 37.64 36.38 27.38
C ALA A 9 36.45 37.02 26.69
N SER A 10 36.52 37.10 25.35
CA SER A 10 35.45 37.60 24.50
C SER A 10 35.00 36.51 23.53
N TYR A 11 33.78 35.96 23.73
CA TYR A 11 33.20 34.92 22.88
C TYR A 11 31.88 35.41 22.24
N GLY A 12 31.92 36.32 21.26
CA GLY A 12 33.14 36.90 20.69
C GLY A 12 33.07 38.39 20.46
N VAL A 13 34.03 38.88 19.65
CA VAL A 13 34.14 40.28 19.27
C VAL A 13 33.44 40.44 17.93
N ASN A 14 32.21 40.94 18.00
CA ASN A 14 31.36 41.19 16.84
C ASN A 14 31.50 42.65 16.46
N LEU A 15 31.97 42.92 15.23
CA LEU A 15 32.16 44.29 14.74
C LEU A 15 31.60 44.43 13.32
N TYR A 16 30.90 45.53 13.04
CA TYR A 16 30.34 45.84 11.73
C TYR A 16 30.27 47.34 11.56
N GLN A 17 30.92 47.83 10.49
CA GLN A 17 30.98 49.25 10.16
C GLN A 17 30.41 49.49 8.78
N SER A 18 29.81 50.67 8.59
CA SER A 18 29.15 51.09 7.36
C SER A 18 30.13 51.35 6.21
N TYR A 19 31.41 51.65 6.51
CA TYR A 19 32.44 52.00 5.54
C TYR A 19 32.52 51.06 4.31
N GLY A 20 33.02 49.83 4.49
CA GLY A 20 33.17 48.85 3.42
C GLY A 20 31.95 48.66 2.52
N PRO A 21 30.77 48.24 3.03
CA PRO A 21 30.47 47.82 4.41
C PRO A 21 31.29 46.60 4.76
N SER A 22 31.91 46.62 5.94
CA SER A 22 32.77 45.53 6.38
C SER A 22 32.44 45.10 7.81
N GLY A 23 32.83 43.88 8.14
CA GLY A 23 32.61 43.28 9.44
C GLY A 23 33.74 42.38 9.89
N GLN A 24 33.75 42.02 11.18
CA GLN A 24 34.78 41.16 11.74
C GLN A 24 34.23 40.33 12.90
N TYR A 25 34.58 39.03 12.89
CA TYR A 25 34.25 38.08 13.96
C TYR A 25 35.54 37.46 14.46
N THR A 26 35.74 37.50 15.79
CA THR A 26 36.91 36.98 16.50
C THR A 26 36.56 36.54 17.93
N HIS A 27 37.31 35.56 18.45
CA HIS A 27 37.22 35.14 19.84
C HIS A 27 38.55 35.50 20.46
N GLU A 28 38.52 36.19 21.59
CA GLU A 28 39.76 36.60 22.25
C GLU A 28 39.83 36.00 23.61
N PHE A 29 41.02 35.58 24.02
CA PHE A 29 41.23 35.05 25.37
C PHE A 29 42.48 35.69 25.95
N ASP A 30 42.29 36.49 27.03
CA ASP A 30 43.33 37.25 27.74
C ASP A 30 44.10 38.16 26.77
N GLY A 31 43.36 38.92 25.97
CA GLY A 31 43.88 39.89 25.01
C GLY A 31 44.50 39.36 23.74
N ASP A 32 44.50 38.04 23.54
CA ASP A 32 45.07 37.42 22.35
C ASP A 32 43.97 36.78 21.49
N GLU A 33 44.08 36.96 20.15
CA GLU A 33 43.15 36.45 19.14
C GLU A 33 43.22 34.92 19.06
N GLN A 34 42.12 34.23 19.33
CA GLN A 34 42.06 32.77 19.28
C GLN A 34 41.85 32.30 17.86
N PHE A 35 40.97 33.01 17.12
CA PHE A 35 40.64 32.76 15.73
C PHE A 35 39.87 33.94 15.14
N TYR A 36 39.73 33.93 13.81
CA TYR A 36 38.93 34.87 13.04
C TYR A 36 38.13 34.06 12.03
N VAL A 37 36.98 34.58 11.60
CA VAL A 37 36.15 33.91 10.59
C VAL A 37 36.23 34.75 9.33
N ASP A 38 36.87 34.20 8.27
CA ASP A 38 36.98 34.86 6.96
C ASP A 38 35.58 34.84 6.34
N LEU A 39 34.76 35.86 6.64
CA LEU A 39 33.36 35.97 6.23
C LEU A 39 33.15 35.79 4.70
N GLY A 40 34.19 36.11 3.93
CA GLY A 40 34.20 35.96 2.48
C GLY A 40 34.41 34.52 2.09
N ARG A 41 35.53 33.91 2.57
CA ARG A 41 35.89 32.52 2.29
C ARG A 41 35.00 31.53 3.06
N LYS A 42 34.25 32.03 4.08
CA LYS A 42 33.33 31.31 4.97
C LYS A 42 34.08 30.19 5.70
N GLU A 43 35.21 30.54 6.36
CA GLU A 43 36.03 29.57 7.09
C GLU A 43 36.71 30.19 8.33
N THR A 44 36.85 29.36 9.38
CA THR A 44 37.47 29.70 10.65
C THR A 44 38.98 29.46 10.51
N VAL A 45 39.77 30.51 10.75
CA VAL A 45 41.23 30.47 10.69
C VAL A 45 41.77 30.61 12.13
N TRP A 46 42.21 29.49 12.72
CA TRP A 46 42.73 29.44 14.09
C TRP A 46 44.17 29.92 14.13
N CYS A 47 44.52 30.71 15.16
CA CYS A 47 45.83 31.30 15.36
C CYS A 47 46.79 30.30 16.01
N LEU A 48 46.40 29.70 17.13
CA LEU A 48 47.23 28.72 17.83
C LEU A 48 47.01 27.33 17.23
N PRO A 49 48.11 26.60 16.85
CA PRO A 49 47.95 25.26 16.24
C PRO A 49 47.24 24.21 17.11
N VAL A 50 47.16 24.44 18.44
CA VAL A 50 46.49 23.54 19.39
C VAL A 50 44.94 23.63 19.22
N LEU A 51 44.42 24.84 18.96
CA LEU A 51 43.00 25.12 18.81
C LEU A 51 42.41 24.57 17.50
N ARG A 52 43.25 24.09 16.56
CA ARG A 52 42.79 23.53 15.28
C ARG A 52 42.09 22.15 15.47
N GLN A 53 42.09 21.63 16.72
CA GLN A 53 41.39 20.39 17.08
C GLN A 53 39.90 20.69 17.30
N PHE A 54 39.55 22.00 17.33
CA PHE A 54 38.17 22.49 17.49
C PHE A 54 37.57 22.91 16.13
N ARG A 55 36.23 22.99 16.08
CA ARG A 55 35.51 23.43 14.89
C ARG A 55 34.53 24.53 15.27
N PHE A 56 34.66 25.69 14.65
CA PHE A 56 33.72 26.78 14.83
C PHE A 56 32.94 26.94 13.54
N ASP A 57 31.60 26.85 13.59
CA ASP A 57 30.76 26.97 12.41
C ASP A 57 30.76 28.42 11.89
N PRO A 58 31.20 28.65 10.63
CA PRO A 58 31.21 30.02 10.09
C PRO A 58 29.81 30.65 9.99
N GLN A 59 28.74 29.80 9.95
CA GLN A 59 27.34 30.23 9.91
C GLN A 59 26.96 31.06 11.13
N PHE A 60 27.65 30.82 12.28
CA PHE A 60 27.44 31.56 13.51
C PHE A 60 27.80 33.02 13.32
N ALA A 61 29.04 33.27 12.88
CA ALA A 61 29.61 34.57 12.60
C ALA A 61 28.80 35.30 11.52
N LEU A 62 28.52 34.61 10.40
CA LEU A 62 27.76 35.17 9.26
C LEU A 62 26.41 35.71 9.69
N THR A 63 25.68 34.95 10.52
CA THR A 63 24.36 35.33 11.02
C THR A 63 24.46 36.41 12.10
N ASN A 64 25.53 36.39 12.92
CA ASN A 64 25.76 37.41 13.95
C ASN A 64 26.00 38.77 13.28
N ILE A 65 26.72 38.76 12.14
CA ILE A 65 27.03 39.95 11.35
C ILE A 65 25.75 40.45 10.68
N ALA A 66 24.85 39.53 10.28
CA ALA A 66 23.55 39.87 9.70
C ALA A 66 22.69 40.63 10.73
N VAL A 67 22.91 40.37 12.04
CA VAL A 67 22.20 41.01 13.16
C VAL A 67 22.79 42.42 13.35
N LEU A 68 24.14 42.56 13.32
CA LEU A 68 24.80 43.87 13.49
C LEU A 68 24.47 44.80 12.33
N LYS A 69 24.31 44.27 11.10
CA LYS A 69 23.93 45.05 9.92
C LYS A 69 22.58 45.73 10.20
N HIS A 70 21.63 44.96 10.76
CA HIS A 70 20.30 45.41 11.17
C HIS A 70 20.41 46.43 12.32
N ASN A 71 21.18 46.08 13.37
CA ASN A 71 21.38 46.91 14.56
C ASN A 71 22.02 48.24 14.22
N LEU A 72 23.04 48.25 13.32
CA LEU A 72 23.77 49.45 12.89
C LEU A 72 22.83 50.47 12.23
N ASN A 73 22.04 50.05 11.22
CA ASN A 73 21.07 50.88 10.49
C ASN A 73 20.02 51.47 11.44
N SER A 74 19.57 50.67 12.43
CA SER A 74 18.60 51.04 13.45
C SER A 74 19.18 52.13 14.36
N LEU A 75 20.46 51.96 14.76
CA LEU A 75 21.19 52.89 15.62
C LEU A 75 21.58 54.17 14.89
N ILE A 76 21.70 54.12 13.55
CA ILE A 76 22.01 55.31 12.73
C ILE A 76 20.76 56.22 12.76
N LYS A 77 19.56 55.61 12.64
CA LYS A 77 18.26 56.28 12.68
C LYS A 77 18.01 56.91 14.06
N ARG A 78 18.21 56.12 15.14
CA ARG A 78 17.98 56.56 16.52
C ARG A 78 18.90 57.72 16.94
N SER A 79 20.22 57.60 16.67
CA SER A 79 21.20 58.64 17.02
C SER A 79 21.13 59.85 16.07
N ASN A 80 20.41 59.70 14.93
CA ASN A 80 20.22 60.69 13.86
C ASN A 80 21.57 60.94 13.16
N SER A 81 22.10 59.86 12.54
CA SER A 81 23.36 59.76 11.78
C SER A 81 24.56 60.35 12.56
N THR A 82 24.77 59.89 13.81
CA THR A 82 25.89 60.32 14.65
C THR A 82 27.10 59.47 14.26
N ALA A 83 27.95 60.03 13.39
CA ALA A 83 29.16 59.39 12.86
C ALA A 83 30.25 59.26 13.94
N ALA A 84 31.15 58.28 13.75
CA ALA A 84 32.28 58.03 14.65
C ALA A 84 33.35 59.09 14.47
N THR A 85 33.96 59.54 15.58
CA THR A 85 35.04 60.52 15.53
C THR A 85 36.35 59.76 15.39
N ASN A 86 37.19 60.20 14.44
CA ASN A 86 38.48 59.58 14.15
C ASN A 86 39.50 59.92 15.23
N GLU A 87 40.00 58.87 15.92
CA GLU A 87 40.97 58.97 17.01
C GLU A 87 42.40 59.06 16.46
N VAL A 88 43.32 59.66 17.23
CA VAL A 88 44.74 59.79 16.85
C VAL A 88 45.44 58.47 17.28
N PRO A 89 45.90 57.63 16.32
CA PRO A 89 46.55 56.36 16.70
C PRO A 89 47.94 56.52 17.32
N GLU A 90 48.38 55.49 18.06
CA GLU A 90 49.68 55.42 18.73
C GLU A 90 50.52 54.29 18.09
N VAL A 91 51.61 54.65 17.39
CA VAL A 91 52.47 53.69 16.66
C VAL A 91 53.81 53.47 17.39
N THR A 92 54.19 52.17 17.53
CA THR A 92 55.44 51.70 18.16
C THR A 92 56.04 50.57 17.31
N VAL A 93 57.34 50.65 16.99
CA VAL A 93 58.04 49.64 16.20
C VAL A 93 59.17 49.05 17.06
N PHE A 94 59.12 47.73 17.27
CA PHE A 94 60.07 46.98 18.07
C PHE A 94 60.31 45.59 17.45
N SER A 95 61.38 44.90 17.88
CA SER A 95 61.71 43.56 17.42
C SER A 95 61.25 42.52 18.44
N LYS A 96 60.90 41.31 17.98
CA LYS A 96 60.42 40.19 18.80
C LYS A 96 61.47 39.69 19.79
N SER A 97 62.76 39.80 19.44
CA SER A 97 63.90 39.35 20.24
C SER A 97 65.14 40.27 20.04
N PRO A 98 66.25 40.14 20.83
CA PRO A 98 67.42 41.03 20.60
C PRO A 98 68.06 40.84 19.23
N VAL A 99 68.58 41.92 18.67
CA VAL A 99 69.16 41.89 17.34
C VAL A 99 70.61 41.44 17.30
N THR A 100 70.88 40.46 16.45
CA THR A 100 72.20 40.03 16.11
C THR A 100 72.10 39.78 14.64
N LEU A 101 72.90 40.41 13.83
CA LEU A 101 72.54 40.56 12.44
C LEU A 101 72.38 39.30 11.63
N GLY A 102 73.23 38.32 11.84
CA GLY A 102 73.20 37.14 11.00
C GLY A 102 71.89 36.39 11.11
N GLN A 103 71.38 36.31 12.32
CA GLN A 103 70.24 35.46 12.67
C GLN A 103 68.87 36.01 12.33
N PRO A 104 67.87 35.14 12.23
CA PRO A 104 66.52 35.55 11.81
C PRO A 104 65.67 36.13 12.95
N ASN A 105 65.04 37.30 12.69
CA ASN A 105 64.19 38.02 13.65
C ASN A 105 62.90 38.51 12.97
N ILE A 106 61.90 38.90 13.79
CA ILE A 106 60.62 39.44 13.32
C ILE A 106 60.48 40.86 13.85
N LEU A 107 60.12 41.80 12.95
CA LEU A 107 59.87 43.20 13.29
C LEU A 107 58.38 43.40 13.54
N ILE A 108 58.03 44.05 14.66
CA ILE A 108 56.63 44.23 15.06
C ILE A 108 56.26 45.72 15.05
N CYS A 109 55.06 46.03 14.53
CA CYS A 109 54.50 47.38 14.44
C CYS A 109 53.18 47.45 15.22
N LEU A 110 53.19 48.01 16.44
CA LEU A 110 51.99 48.17 17.23
C LEU A 110 51.29 49.46 16.85
N VAL A 111 50.02 49.36 16.41
CA VAL A 111 49.17 50.49 16.05
C VAL A 111 47.99 50.47 17.03
N ASP A 112 48.15 51.18 18.16
CA ASP A 112 47.16 51.25 19.23
C ASP A 112 46.24 52.47 19.03
N ASN A 113 45.12 52.54 19.79
CA ASN A 113 44.12 53.61 19.79
C ASN A 113 43.53 53.85 18.38
N ILE A 114 43.00 52.76 17.75
CA ILE A 114 42.40 52.83 16.42
C ILE A 114 40.88 52.92 16.54
N PHE A 115 40.30 53.99 16.00
CA PHE A 115 38.85 54.21 15.91
C PHE A 115 38.55 55.28 14.87
N PRO A 116 37.76 54.98 13.80
CA PRO A 116 37.12 53.69 13.49
C PRO A 116 38.11 52.65 12.97
N PRO A 117 37.84 51.33 13.15
CA PRO A 117 38.80 50.30 12.71
C PRO A 117 38.98 50.18 11.18
N VAL A 118 39.68 51.18 10.61
CA VAL A 118 40.05 51.30 9.19
C VAL A 118 41.50 51.76 9.21
N VAL A 119 42.44 50.84 8.91
CA VAL A 119 43.87 51.16 8.94
C VAL A 119 44.64 50.45 7.80
N ASN A 120 45.73 51.07 7.32
CA ASN A 120 46.61 50.54 6.28
C ASN A 120 48.05 50.47 6.82
N ILE A 121 48.50 49.28 7.25
CA ILE A 121 49.85 49.11 7.77
C ILE A 121 50.71 48.42 6.70
N THR A 122 51.79 49.12 6.30
CA THR A 122 52.75 48.72 5.27
C THR A 122 54.18 48.89 5.79
N TRP A 123 55.11 48.04 5.33
CA TRP A 123 56.51 48.11 5.71
C TRP A 123 57.35 48.62 4.54
N LEU A 124 58.42 49.37 4.87
CA LEU A 124 59.34 49.93 3.89
C LEU A 124 60.79 49.68 4.26
N SER A 125 61.61 49.30 3.28
CA SER A 125 63.05 49.05 3.42
C SER A 125 63.82 50.01 2.51
N ASN A 126 64.47 51.03 3.10
CA ASN A 126 65.23 52.09 2.43
C ASN A 126 64.33 52.85 1.40
N GLY A 127 63.07 53.07 1.81
CA GLY A 127 62.07 53.78 1.02
C GLY A 127 61.30 52.91 0.03
N HIS A 128 61.70 51.63 -0.12
CA HIS A 128 61.06 50.70 -1.06
C HIS A 128 60.14 49.74 -0.30
N SER A 129 58.89 49.58 -0.80
CA SER A 129 57.87 48.72 -0.21
C SER A 129 58.24 47.25 -0.34
N VAL A 130 57.94 46.47 0.71
CA VAL A 130 58.21 45.03 0.76
C VAL A 130 56.92 44.27 1.04
N THR A 131 56.50 43.46 0.04
CA THR A 131 55.29 42.64 0.08
C THR A 131 55.58 41.24 0.64
N GLU A 132 56.88 40.87 0.74
CA GLU A 132 57.36 39.57 1.20
C GLU A 132 57.54 39.50 2.72
N GLY A 133 57.06 38.39 3.29
CA GLY A 133 57.15 38.09 4.72
C GLY A 133 56.40 39.03 5.64
N VAL A 134 55.28 39.60 5.16
CA VAL A 134 54.48 40.52 5.95
C VAL A 134 53.12 39.86 6.28
N SER A 135 52.80 39.81 7.59
CA SER A 135 51.58 39.27 8.16
C SER A 135 50.97 40.29 9.09
N GLU A 136 49.65 40.23 9.31
CA GLU A 136 48.95 41.19 10.15
C GLU A 136 47.83 40.51 10.96
N THR A 137 47.68 40.90 12.24
CA THR A 137 46.63 40.34 13.12
C THR A 137 45.30 41.03 12.79
N SER A 138 44.18 40.54 13.35
CA SER A 138 42.87 41.15 13.18
C SER A 138 42.74 42.37 14.10
N PHE A 139 41.62 43.11 14.03
CA PHE A 139 41.40 44.22 14.95
C PHE A 139 41.12 43.63 16.33
N LEU A 140 42.00 43.97 17.29
CA LEU A 140 41.88 43.45 18.65
C LEU A 140 41.25 44.49 19.55
N SER A 141 40.16 44.10 20.22
CA SER A 141 39.33 44.93 21.10
C SER A 141 40.08 45.54 22.29
N LYS A 142 39.57 46.70 22.74
CA LYS A 142 40.02 47.48 23.88
C LYS A 142 38.83 47.88 24.73
N SER A 143 39.03 48.03 26.05
CA SER A 143 38.01 48.38 27.05
C SER A 143 37.27 49.67 26.70
N ASP A 144 37.99 50.70 26.20
CA ASP A 144 37.44 52.02 25.81
C ASP A 144 36.72 51.98 24.44
N HIS A 145 36.41 50.74 23.97
CA HIS A 145 35.70 50.37 22.74
C HIS A 145 36.39 50.89 21.46
N SER A 146 37.73 50.99 21.54
CA SER A 146 38.60 51.31 20.41
C SER A 146 39.31 49.99 20.06
N PHE A 147 40.30 50.02 19.14
CA PHE A 147 41.01 48.81 18.75
C PHE A 147 42.52 49.02 18.69
N PHE A 148 43.24 47.96 18.32
CA PHE A 148 44.69 47.93 18.11
C PHE A 148 45.01 46.79 17.15
N LYS A 149 45.93 47.05 16.19
CA LYS A 149 46.33 46.05 15.20
C LYS A 149 47.86 45.90 15.23
N ILE A 150 48.35 44.70 14.87
CA ILE A 150 49.78 44.42 14.88
C ILE A 150 50.21 43.79 13.54
N SER A 151 51.18 44.43 12.87
CA SER A 151 51.77 43.95 11.62
C SER A 151 53.15 43.38 11.92
N TYR A 152 53.57 42.37 11.16
CA TYR A 152 54.87 41.72 11.33
C TYR A 152 55.67 41.74 10.05
N LEU A 153 57.00 41.78 10.16
CA LEU A 153 57.90 41.74 9.01
C LEU A 153 59.08 40.83 9.34
N THR A 154 59.05 39.59 8.84
CA THR A 154 60.12 38.61 9.06
C THR A 154 61.30 39.02 8.19
N LEU A 155 62.49 39.18 8.81
CA LEU A 155 63.68 39.61 8.11
C LEU A 155 64.98 39.06 8.72
N LEU A 156 66.10 39.36 8.07
CA LEU A 156 67.44 39.03 8.49
C LEU A 156 68.17 40.36 8.66
N PRO A 157 68.32 40.84 9.93
CA PRO A 157 68.94 42.16 10.16
C PRO A 157 70.28 42.40 9.45
N SER A 158 70.45 43.62 8.97
CA SER A 158 71.65 44.10 8.26
C SER A 158 71.96 45.50 8.77
N ALA A 159 73.26 45.80 9.00
CA ALA A 159 73.74 47.08 9.53
C ALA A 159 73.30 48.28 8.68
N GLU A 160 73.33 48.14 7.33
CA GLU A 160 72.99 49.20 6.38
C GLU A 160 71.49 49.27 6.09
N GLU A 161 70.78 48.12 6.12
CA GLU A 161 69.34 48.05 5.84
C GLU A 161 68.54 48.60 7.02
N SER A 162 67.71 49.63 6.76
CA SER A 162 66.83 50.25 7.74
C SER A 162 65.38 49.98 7.38
N TYR A 163 64.47 50.04 8.36
CA TYR A 163 63.06 49.78 8.12
C TYR A 163 62.15 50.86 8.71
N ASP A 164 60.99 51.09 8.06
CA ASP A 164 59.97 52.06 8.44
C ASP A 164 58.56 51.45 8.36
N CYS A 165 57.67 51.84 9.29
CA CYS A 165 56.29 51.33 9.33
C CYS A 165 55.31 52.40 8.84
N LYS A 166 54.76 52.21 7.62
CA LYS A 166 53.82 53.14 7.00
C LYS A 166 52.38 52.80 7.43
N VAL A 167 51.86 53.60 8.37
CA VAL A 167 50.52 53.47 8.94
C VAL A 167 49.62 54.58 8.38
N GLU A 168 48.42 54.21 7.90
CA GLU A 168 47.44 55.14 7.34
C GLU A 168 46.12 55.02 8.08
N HIS A 169 45.63 56.16 8.62
CA HIS A 169 44.38 56.29 9.36
C HIS A 169 43.85 57.70 9.20
N TRP A 170 42.52 57.86 9.21
CA TRP A 170 41.85 59.16 9.03
C TRP A 170 42.14 60.15 10.17
N GLY A 171 42.53 59.64 11.34
CA GLY A 171 42.91 60.44 12.49
C GLY A 171 44.28 61.07 12.35
N LEU A 172 44.95 60.84 11.20
CA LEU A 172 46.28 61.38 10.88
C LEU A 172 46.19 62.34 9.70
N ASP A 173 46.87 63.49 9.84
CA ASP A 173 46.94 64.55 8.82
C ASP A 173 47.81 64.12 7.64
N LYS A 174 48.82 63.27 7.90
CA LYS A 174 49.76 62.73 6.92
C LYS A 174 50.15 61.28 7.28
N PRO A 175 50.57 60.43 6.31
CA PRO A 175 50.93 59.04 6.65
C PRO A 175 52.10 58.93 7.66
N LEU A 176 51.83 58.27 8.80
CA LEU A 176 52.80 58.06 9.88
C LEU A 176 53.86 57.04 9.49
N LEU A 177 55.13 57.33 9.78
CA LEU A 177 56.27 56.47 9.49
C LEU A 177 57.17 56.34 10.71
N LYS A 178 57.15 55.15 11.36
CA LYS A 178 57.99 54.89 12.52
C LYS A 178 59.24 54.12 12.09
N HIS A 179 60.41 54.77 12.22
CA HIS A 179 61.69 54.21 11.81
C HIS A 179 62.18 53.14 12.79
N TRP A 180 63.00 52.21 12.28
CA TRP A 180 63.62 51.15 13.05
C TRP A 180 65.08 51.02 12.64
N GLU A 181 65.98 51.29 13.59
CA GLU A 181 67.42 51.20 13.39
C GLU A 181 67.95 49.92 14.03
N PRO A 182 68.66 49.04 13.28
CA PRO A 182 69.17 47.79 13.88
C PRO A 182 70.31 48.04 14.89
N GLU A 183 71.07 49.15 14.71
CA GLU A 183 72.23 49.61 15.52
C GLU A 183 73.32 48.55 15.54
N SER B 16 38.25 61.70 4.85
CA SER B 16 37.68 61.56 6.19
C SER B 16 36.25 61.07 6.06
N PRO B 17 36.11 59.88 5.34
CA PRO B 17 34.72 59.55 5.07
C PRO B 17 33.96 59.32 6.32
N GLU B 18 32.65 59.41 6.20
CA GLU B 18 31.72 59.11 7.27
C GLU B 18 31.75 57.62 7.55
N ASP B 19 31.64 57.26 8.80
CA ASP B 19 31.56 55.86 9.14
C ASP B 19 30.89 55.69 10.46
N PHE B 20 29.97 54.78 10.46
CA PHE B 20 29.15 54.42 11.61
C PHE B 20 29.56 53.02 12.07
N VAL B 21 29.82 52.82 13.37
CA VAL B 21 30.30 51.55 13.91
C VAL B 21 29.32 50.99 14.97
N TYR B 22 29.09 49.67 14.90
CA TYR B 22 28.32 48.90 15.88
C TYR B 22 29.18 47.72 16.31
N GLN B 23 29.30 47.53 17.62
CA GLN B 23 30.08 46.46 18.24
C GLN B 23 29.22 45.65 19.20
N PHE B 24 29.49 44.35 19.27
CA PHE B 24 28.89 43.45 20.22
C PHE B 24 29.99 42.61 20.84
N LYS B 25 30.12 42.67 22.18
CA LYS B 25 31.17 41.94 22.87
C LYS B 25 30.54 41.01 23.92
N GLY B 26 30.63 39.70 23.68
CA GLY B 26 30.14 38.69 24.60
C GLY B 26 31.31 38.39 25.51
N MET B 27 31.35 39.04 26.68
CA MET B 27 32.52 38.96 27.56
C MET B 27 32.30 38.14 28.82
N CYS B 28 33.28 37.26 29.09
CA CYS B 28 33.32 36.34 30.23
C CYS B 28 34.46 36.72 31.16
N TYR B 29 34.16 36.81 32.47
CA TYR B 29 35.12 37.16 33.52
C TYR B 29 35.20 36.00 34.54
N PHE B 30 36.39 35.37 34.64
CA PHE B 30 36.65 34.24 35.54
C PHE B 30 37.64 34.61 36.64
N THR B 31 37.33 34.23 37.90
CA THR B 31 38.16 34.49 39.07
C THR B 31 38.16 33.23 39.96
N ASN B 32 39.33 32.93 40.58
CA ASN B 32 39.60 31.78 41.45
C ASN B 32 39.21 30.45 40.75
N GLY B 33 39.55 30.37 39.47
CA GLY B 33 39.26 29.22 38.60
C GLY B 33 37.83 29.19 38.11
N THR B 34 37.07 28.20 38.60
CA THR B 34 35.65 27.96 38.26
C THR B 34 34.69 28.55 39.32
N GLU B 35 35.26 29.03 40.45
CA GLU B 35 34.57 29.59 41.61
C GLU B 35 33.67 30.77 41.21
N ARG B 36 34.26 31.83 40.61
CA ARG B 36 33.55 33.03 40.18
C ARG B 36 33.49 33.12 38.66
N VAL B 37 32.27 33.21 38.11
CA VAL B 37 32.02 33.33 36.66
C VAL B 37 30.98 34.44 36.48
N ARG B 38 31.28 35.40 35.61
CA ARG B 38 30.40 36.54 35.32
C ARG B 38 30.38 36.83 33.83
N LEU B 39 29.18 36.90 33.25
CA LEU B 39 29.01 37.23 31.84
C LEU B 39 28.49 38.66 31.72
N VAL B 40 29.16 39.47 30.88
CA VAL B 40 28.76 40.84 30.58
C VAL B 40 28.74 40.98 29.05
N SER B 41 27.53 40.93 28.45
CA SER B 41 27.33 41.07 27.00
C SER B 41 27.02 42.51 26.70
N ARG B 42 27.97 43.20 26.06
CA ARG B 42 27.92 44.63 25.77
C ARG B 42 27.54 44.93 24.31
N SER B 43 26.57 45.85 24.12
CA SER B 43 26.11 46.33 22.81
C SER B 43 26.58 47.76 22.69
N ILE B 44 27.60 48.00 21.83
CA ILE B 44 28.28 49.30 21.70
C ILE B 44 28.04 50.00 20.34
N TYR B 45 27.53 51.25 20.40
CA TYR B 45 27.38 52.07 19.20
C TYR B 45 28.55 53.06 19.18
N ASN B 46 29.36 53.02 18.11
CA ASN B 46 30.60 53.77 17.93
C ASN B 46 31.53 53.39 19.10
N ARG B 47 31.93 54.33 19.99
CA ARG B 47 32.79 54.02 21.14
C ARG B 47 31.99 54.07 22.45
N GLU B 48 30.66 54.14 22.36
CA GLU B 48 29.76 54.27 23.50
C GLU B 48 28.83 53.06 23.64
N GLU B 49 28.97 52.33 24.75
CA GLU B 49 28.13 51.18 25.09
C GLU B 49 26.73 51.72 25.44
N ILE B 50 25.70 51.28 24.70
CA ILE B 50 24.34 51.79 24.86
C ILE B 50 23.49 50.94 25.82
N VAL B 51 23.56 49.60 25.69
CA VAL B 51 22.81 48.63 26.48
C VAL B 51 23.70 47.41 26.79
N ARG B 52 23.43 46.72 27.90
CA ARG B 52 24.20 45.54 28.29
C ARG B 52 23.41 44.53 29.12
N PHE B 53 23.86 43.26 29.06
CA PHE B 53 23.30 42.17 29.86
C PHE B 53 24.39 41.64 30.79
N ASP B 54 24.16 41.72 32.11
CA ASP B 54 25.08 41.22 33.13
C ASP B 54 24.41 40.08 33.88
N SER B 55 25.16 38.96 34.05
CA SER B 55 24.70 37.75 34.74
C SER B 55 24.32 38.01 36.21
N ASP B 56 25.03 38.95 36.86
CA ASP B 56 24.83 39.33 38.25
C ASP B 56 23.53 40.12 38.47
N VAL B 57 23.06 40.86 37.44
CA VAL B 57 21.81 41.64 37.52
C VAL B 57 20.63 40.81 37.00
N GLY B 58 20.87 39.98 35.99
CA GLY B 58 19.90 39.08 35.39
C GLY B 58 18.97 39.65 34.33
N GLU B 59 19.20 40.90 33.90
CA GLU B 59 18.36 41.55 32.90
C GLU B 59 19.15 42.60 32.09
N PHE B 60 18.56 43.05 30.97
CA PHE B 60 19.12 44.09 30.13
C PHE B 60 18.97 45.45 30.79
N ARG B 61 20.06 46.22 30.88
CA ARG B 61 20.01 47.56 31.46
C ARG B 61 20.82 48.50 30.60
N ALA B 62 20.16 49.59 30.18
CA ALA B 62 20.72 50.63 29.33
C ALA B 62 21.76 51.46 30.06
N VAL B 63 22.93 51.60 29.43
CA VAL B 63 24.05 52.41 29.92
C VAL B 63 23.76 53.87 29.48
N THR B 64 23.22 54.04 28.25
CA THR B 64 22.85 55.31 27.60
C THR B 64 21.36 55.30 27.21
N LEU B 65 20.80 56.50 26.97
CA LEU B 65 19.43 56.73 26.50
C LEU B 65 19.15 55.97 25.18
N LEU B 66 20.20 55.79 24.35
CA LEU B 66 20.15 55.09 23.08
C LEU B 66 19.89 53.58 23.24
N GLY B 67 20.16 53.06 24.43
CA GLY B 67 19.98 51.64 24.77
C GLY B 67 18.65 51.31 25.42
N LEU B 68 17.94 52.34 25.93
CA LEU B 68 16.64 52.24 26.58
C LEU B 68 15.58 51.55 25.70
N PRO B 69 15.44 51.82 24.35
CA PRO B 69 14.44 51.11 23.56
C PRO B 69 14.77 49.63 23.37
N ALA B 70 16.08 49.28 23.34
CA ALA B 70 16.53 47.89 23.18
C ALA B 70 16.30 47.07 24.43
N ALA B 71 16.63 47.64 25.62
CA ALA B 71 16.50 46.99 26.93
C ALA B 71 15.05 46.61 27.24
N GLU B 72 14.13 47.60 27.27
CA GLU B 72 12.69 47.40 27.55
C GLU B 72 12.05 46.39 26.58
N TYR B 73 12.50 46.39 25.30
CA TYR B 73 12.00 45.49 24.25
C TYR B 73 12.42 44.07 24.53
N TRP B 74 13.73 43.84 24.63
CA TRP B 74 14.32 42.52 24.86
C TRP B 74 13.88 41.92 26.22
N ASN B 75 13.67 42.77 27.26
CA ASN B 75 13.25 42.31 28.58
C ASN B 75 11.79 41.81 28.57
N SER B 76 10.97 42.30 27.63
CA SER B 76 9.56 41.89 27.49
C SER B 76 9.43 40.59 26.67
N GLN B 77 10.57 40.06 26.16
CA GLN B 77 10.63 38.82 25.38
C GLN B 77 11.19 37.67 26.24
N LYS B 78 10.31 36.72 26.57
CA LYS B 78 10.57 35.54 27.41
C LYS B 78 11.64 34.63 26.81
N ASP B 79 11.63 34.42 25.47
CA ASP B 79 12.60 33.57 24.76
C ASP B 79 14.02 34.17 24.80
N ILE B 80 14.14 35.52 24.74
CA ILE B 80 15.43 36.22 24.75
C ILE B 80 16.08 36.09 26.15
N LEU B 81 15.33 36.47 27.21
CA LEU B 81 15.78 36.42 28.59
C LEU B 81 16.26 35.02 28.98
N GLU B 82 15.48 33.96 28.65
CA GLU B 82 15.86 32.57 28.95
C GLU B 82 17.25 32.26 28.41
N ARG B 83 17.51 32.64 27.14
CA ARG B 83 18.76 32.38 26.42
C ARG B 83 19.93 33.10 27.05
N LYS B 84 19.74 34.38 27.42
CA LYS B 84 20.79 35.20 28.03
C LYS B 84 21.09 34.75 29.46
N ARG B 85 20.05 34.35 30.22
CA ARG B 85 20.22 33.91 31.61
C ARG B 85 20.99 32.59 31.71
N ALA B 86 20.87 31.72 30.69
CA ALA B 86 21.56 30.42 30.64
C ALA B 86 22.93 30.51 29.94
N ALA B 87 23.27 31.70 29.38
CA ALA B 87 24.50 31.95 28.62
C ALA B 87 25.78 31.87 29.45
N VAL B 88 25.72 32.13 30.77
CA VAL B 88 26.89 32.06 31.66
C VAL B 88 27.44 30.63 31.72
N ASP B 89 26.55 29.65 31.63
CA ASP B 89 26.93 28.24 31.65
C ASP B 89 27.21 27.74 30.23
N ARG B 90 26.32 28.08 29.27
CA ARG B 90 26.41 27.67 27.86
C ARG B 90 27.61 28.27 27.12
N VAL B 91 28.00 29.53 27.46
CA VAL B 91 29.12 30.21 26.80
C VAL B 91 30.34 30.22 27.74
N CYS B 92 30.29 31.00 28.84
CA CYS B 92 31.44 31.16 29.75
C CYS B 92 31.90 29.85 30.39
N ARG B 93 31.12 29.26 31.33
CA ARG B 93 31.48 28.03 32.05
C ARG B 93 31.81 26.87 31.11
N HIS B 94 31.14 26.81 29.93
CA HIS B 94 31.36 25.78 28.91
C HIS B 94 32.71 26.00 28.23
N ASN B 95 32.91 27.18 27.60
CA ASN B 95 34.14 27.53 26.88
C ASN B 95 35.37 27.46 27.78
N TYR B 96 35.21 27.72 29.11
CA TYR B 96 36.31 27.65 30.08
C TYR B 96 36.93 26.24 30.13
N GLN B 97 36.08 25.18 29.98
CA GLN B 97 36.50 23.79 29.99
C GLN B 97 37.41 23.50 28.82
N LEU B 98 37.13 24.13 27.66
CA LEU B 98 37.92 24.00 26.45
C LEU B 98 39.23 24.78 26.60
N GLU B 99 39.22 25.90 27.36
CA GLU B 99 40.43 26.72 27.60
C GLU B 99 41.43 25.97 28.47
N LEU B 100 40.92 25.24 29.48
CA LEU B 100 41.69 24.47 30.46
C LEU B 100 42.64 23.45 29.82
N ARG B 101 42.27 22.87 28.72
CA ARG B 101 43.15 21.91 28.11
C ARG B 101 43.88 22.49 26.96
N THR B 102 43.64 23.75 26.69
CA THR B 102 44.19 24.39 25.54
C THR B 102 45.00 25.58 25.94
N THR B 103 44.35 26.73 26.05
CA THR B 103 44.99 27.99 26.34
C THR B 103 45.60 28.04 27.72
N LEU B 104 44.91 27.51 28.71
CA LEU B 104 45.44 27.52 30.04
C LEU B 104 46.65 26.65 30.19
N GLN B 105 46.77 25.66 29.34
CA GLN B 105 47.85 24.69 29.41
C GLN B 105 49.04 25.05 28.59
N ARG B 106 48.93 26.16 27.89
CA ARG B 106 50.02 26.70 27.08
C ARG B 106 51.15 27.25 27.96
N ARG B 107 52.36 26.72 27.76
CA ARG B 107 53.56 27.12 28.49
C ARG B 107 54.70 27.35 27.52
N VAL B 108 55.20 28.59 27.45
CA VAL B 108 56.31 29.00 26.59
C VAL B 108 57.39 29.56 27.52
N GLU B 109 58.51 28.86 27.57
CA GLU B 109 59.67 29.19 28.41
C GLU B 109 60.41 30.42 27.86
N PRO B 110 60.73 31.41 28.71
CA PRO B 110 61.38 32.62 28.19
C PRO B 110 62.86 32.44 27.89
N THR B 111 63.37 33.31 27.00
CA THR B 111 64.77 33.43 26.59
C THR B 111 65.31 34.66 27.31
N VAL B 112 66.33 34.49 28.17
CA VAL B 112 66.87 35.61 28.94
C VAL B 112 68.28 35.98 28.42
N THR B 113 68.43 37.25 28.01
CA THR B 113 69.68 37.79 27.45
C THR B 113 70.04 39.09 28.15
N ILE B 114 71.31 39.27 28.55
CA ILE B 114 71.78 40.52 29.17
C ILE B 114 72.66 41.25 28.15
N SER B 115 72.31 42.51 27.86
CA SER B 115 73.07 43.35 26.95
C SER B 115 73.50 44.66 27.63
N PRO B 116 74.81 44.98 27.68
CA PRO B 116 75.22 46.26 28.29
C PRO B 116 74.94 47.42 27.35
N SER B 117 74.58 48.59 27.91
CA SER B 117 74.29 49.79 27.14
C SER B 117 75.02 51.00 27.74
N HIS B 125 80.45 50.94 29.92
CA HIS B 125 79.00 50.69 30.00
C HIS B 125 78.48 51.03 31.41
N ASN B 126 77.34 51.74 31.49
CA ASN B 126 76.70 52.13 32.75
C ASN B 126 75.33 51.45 32.92
N LEU B 127 74.68 51.11 31.79
CA LEU B 127 73.36 50.47 31.77
C LEU B 127 73.47 48.98 31.44
N LEU B 128 72.56 48.18 32.01
CA LEU B 128 72.45 46.74 31.78
C LEU B 128 70.99 46.38 31.56
N VAL B 129 70.66 45.83 30.37
CA VAL B 129 69.27 45.49 30.04
C VAL B 129 69.09 43.96 29.95
N CYS B 130 68.14 43.43 30.73
CA CYS B 130 67.78 42.02 30.75
C CYS B 130 66.58 41.80 29.83
N SER B 131 66.84 41.24 28.64
CA SER B 131 65.79 40.95 27.66
C SER B 131 65.20 39.58 27.94
N VAL B 132 63.95 39.57 28.42
CA VAL B 132 63.18 38.37 28.75
C VAL B 132 62.09 38.27 27.66
N THR B 133 62.32 37.44 26.66
CA THR B 133 61.47 37.41 25.49
C THR B 133 60.74 36.10 25.26
N ASP B 134 59.67 36.17 24.51
CA ASP B 134 58.94 35.00 24.08
C ASP B 134 58.46 34.05 25.15
N PHE B 135 57.58 34.50 26.03
CA PHE B 135 57.03 33.64 27.05
C PHE B 135 55.55 33.74 27.18
N TYR B 136 54.93 32.70 27.72
CA TYR B 136 53.52 32.66 27.99
C TYR B 136 53.32 31.78 29.20
N PRO B 137 52.30 31.98 30.04
CA PRO B 137 51.45 33.18 30.13
C PRO B 137 52.18 34.48 30.48
N ALA B 138 51.40 35.57 30.60
CA ALA B 138 51.85 36.92 30.92
C ALA B 138 52.47 37.06 32.32
N GLN B 139 52.15 36.14 33.26
CA GLN B 139 52.67 36.16 34.63
C GLN B 139 54.19 36.00 34.63
N ILE B 140 54.93 36.96 35.25
CA ILE B 140 56.39 36.96 35.35
C ILE B 140 56.88 37.80 36.56
N LYS B 141 58.12 37.54 37.00
CA LYS B 141 58.84 38.22 38.06
C LYS B 141 60.33 38.13 37.73
N VAL B 142 60.98 39.28 37.58
CA VAL B 142 62.38 39.37 37.21
C VAL B 142 63.09 40.35 38.17
N ARG B 143 64.24 39.88 38.75
CA ARG B 143 65.04 40.61 39.73
C ARG B 143 66.49 40.81 39.26
N TRP B 144 67.08 41.96 39.65
CA TRP B 144 68.48 42.29 39.39
C TRP B 144 69.30 42.09 40.65
N PHE B 145 70.46 41.46 40.55
CA PHE B 145 71.30 41.23 41.71
C PHE B 145 72.69 41.71 41.50
N ARG B 146 73.28 42.34 42.51
CA ARG B 146 74.68 42.65 42.44
C ARG B 146 75.29 41.70 43.39
N ASN B 147 76.14 40.81 42.91
CA ASN B 147 76.71 39.82 43.78
C ASN B 147 75.58 39.06 44.42
N ASP B 148 75.51 39.04 45.73
CA ASP B 148 74.36 38.45 46.38
C ASP B 148 73.30 39.46 46.78
N GLN B 149 73.63 40.74 46.70
CA GLN B 149 72.68 41.79 47.01
C GLN B 149 71.66 41.98 45.91
N GLU B 150 70.45 42.35 46.28
CA GLU B 150 69.40 42.52 45.30
C GLU B 150 69.15 43.97 45.02
N GLU B 151 69.18 44.33 43.77
CA GLU B 151 69.10 45.72 43.39
C GLU B 151 67.70 46.11 43.10
N THR B 152 67.21 47.08 43.85
CA THR B 152 65.83 47.56 43.75
C THR B 152 65.77 49.06 43.42
N ALA B 153 66.67 49.87 43.99
CA ALA B 153 66.68 51.33 43.83
C ALA B 153 67.06 51.78 42.41
N GLY B 154 68.04 51.11 41.80
CA GLY B 154 68.54 51.46 40.48
C GLY B 154 67.94 50.71 39.31
N VAL B 155 66.71 50.18 39.45
CA VAL B 155 66.07 49.43 38.38
C VAL B 155 64.80 50.14 37.87
N VAL B 156 64.55 50.00 36.55
CA VAL B 156 63.37 50.49 35.84
C VAL B 156 63.03 49.44 34.76
N SER B 157 61.91 48.76 34.95
CA SER B 157 61.44 47.73 34.04
C SER B 157 60.41 48.32 33.10
N THR B 158 60.52 48.01 31.80
CA THR B 158 59.57 48.46 30.78
C THR B 158 58.21 47.79 31.07
N PRO B 159 57.06 48.20 30.47
CA PRO B 159 55.83 47.46 30.74
C PRO B 159 55.87 46.06 30.08
N LEU B 160 54.82 45.26 30.25
CA LEU B 160 54.75 43.94 29.65
C LEU B 160 54.33 44.09 28.18
N ILE B 161 55.26 43.84 27.26
CA ILE B 161 55.04 43.99 25.82
C ILE B 161 54.35 42.75 25.27
N ARG B 162 53.20 42.95 24.62
CA ARG B 162 52.38 41.91 23.99
C ARG B 162 52.69 41.87 22.49
N ASN B 163 53.42 40.82 22.05
CA ASN B 163 53.80 40.65 20.64
C ASN B 163 52.59 40.33 19.78
N GLY B 164 51.53 39.80 20.39
CA GLY B 164 50.27 39.49 19.73
C GLY B 164 50.17 38.10 19.16
N ASP B 165 51.29 37.34 19.15
CA ASP B 165 51.34 35.97 18.62
C ASP B 165 51.45 34.96 19.78
N TRP B 166 50.71 35.23 20.88
CA TRP B 166 50.61 34.42 22.12
C TRP B 166 51.97 34.22 22.81
N THR B 167 52.80 35.29 22.78
CA THR B 167 54.11 35.41 23.42
C THR B 167 54.26 36.83 23.90
N PHE B 168 54.80 37.00 25.11
CA PHE B 168 55.08 38.29 25.73
C PHE B 168 56.59 38.51 25.86
N GLN B 169 57.01 39.74 26.12
CA GLN B 169 58.41 40.11 26.32
C GLN B 169 58.49 41.29 27.27
N ILE B 170 59.58 41.37 28.04
CA ILE B 170 59.81 42.46 28.98
C ILE B 170 61.32 42.74 29.05
N LEU B 171 61.68 44.01 29.18
CA LEU B 171 63.07 44.45 29.29
C LEU B 171 63.24 45.13 30.64
N VAL B 172 64.25 44.69 31.42
CA VAL B 172 64.48 45.23 32.75
C VAL B 172 65.86 45.88 32.75
N MET B 173 65.89 47.23 32.85
CA MET B 173 67.12 48.02 32.85
C MET B 173 67.61 48.29 34.26
N LEU B 174 68.95 48.28 34.44
CA LEU B 174 69.63 48.52 35.72
C LEU B 174 70.81 49.49 35.56
N GLU B 175 70.82 50.56 36.38
CA GLU B 175 71.92 51.51 36.43
C GLU B 175 72.97 50.89 37.34
N MET B 176 74.20 50.72 36.83
CA MET B 176 75.27 50.08 37.60
C MET B 176 76.61 50.80 37.45
N THR B 177 77.45 50.68 38.50
CA THR B 177 78.80 51.20 38.58
C THR B 177 79.70 49.95 38.62
N PRO B 178 80.16 49.43 37.45
CA PRO B 178 80.95 48.19 37.46
C PRO B 178 82.37 48.36 37.98
N GLN B 179 82.93 47.25 38.48
CA GLN B 179 84.29 47.11 39.01
C GLN B 179 84.74 45.66 38.83
N ARG B 180 86.06 45.39 38.94
CA ARG B 180 86.62 44.05 38.77
C ARG B 180 86.11 43.09 39.86
N GLY B 181 85.72 41.90 39.43
CA GLY B 181 85.22 40.83 40.29
C GLY B 181 83.71 40.81 40.49
N ASP B 182 83.02 41.92 40.14
CA ASP B 182 81.57 42.08 40.28
C ASP B 182 80.80 41.14 39.35
N VAL B 183 79.70 40.55 39.86
CA VAL B 183 78.83 39.65 39.10
C VAL B 183 77.39 40.21 39.18
N TYR B 184 76.81 40.55 38.01
CA TYR B 184 75.45 41.08 37.93
C TYR B 184 74.52 39.96 37.43
N THR B 185 73.61 39.50 38.30
CA THR B 185 72.70 38.39 38.00
C THR B 185 71.27 38.87 37.73
N CYS B 186 70.65 38.31 36.67
CA CYS B 186 69.26 38.55 36.31
C CYS B 186 68.47 37.29 36.64
N HIS B 187 67.61 37.35 37.67
CA HIS B 187 66.81 36.23 38.17
C HIS B 187 65.40 36.31 37.59
N VAL B 188 64.97 35.28 36.85
CA VAL B 188 63.66 35.27 36.20
C VAL B 188 62.81 34.09 36.71
N GLU B 189 61.56 34.38 37.10
CA GLU B 189 60.59 33.40 37.57
C GLU B 189 59.33 33.43 36.70
N HIS B 190 58.99 32.26 36.13
CA HIS B 190 57.84 32.08 35.24
C HIS B 190 57.06 30.78 35.60
N PRO B 191 55.70 30.73 35.42
CA PRO B 191 54.95 29.50 35.76
C PRO B 191 55.39 28.26 34.99
N SER B 192 56.05 28.45 33.82
CA SER B 192 56.58 27.38 32.96
C SER B 192 57.87 26.78 33.51
N LEU B 193 58.43 27.37 34.59
CA LEU B 193 59.68 26.93 35.19
C LEU B 193 59.50 26.58 36.66
N GLN B 194 59.99 25.41 37.05
CA GLN B 194 59.94 24.93 38.44
C GLN B 194 61.18 25.45 39.18
N SER B 195 62.19 25.88 38.42
CA SER B 195 63.45 26.47 38.87
C SER B 195 63.75 27.76 38.07
N PRO B 196 64.15 28.89 38.72
CA PRO B 196 64.40 30.13 37.98
C PRO B 196 65.60 30.09 37.02
N ILE B 197 65.58 30.96 36.00
CA ILE B 197 66.68 31.10 35.03
C ILE B 197 67.49 32.32 35.46
N THR B 198 68.77 32.11 35.81
CA THR B 198 69.67 33.17 36.29
C THR B 198 70.89 33.36 35.38
N VAL B 199 70.76 34.29 34.41
CA VAL B 199 71.82 34.66 33.48
C VAL B 199 72.71 35.72 34.17
N GLU B 200 74.06 35.54 34.10
CA GLU B 200 75.04 36.42 34.74
C GLU B 200 75.83 37.24 33.74
N TRP B 201 76.15 38.49 34.13
CA TRP B 201 76.96 39.42 33.35
C TRP B 201 78.20 39.81 34.14
N ARG B 202 79.38 39.60 33.54
CA ARG B 202 80.66 39.91 34.17
C ARG B 202 81.41 41.01 33.40
N ALA B 203 82.17 41.85 34.12
CA ALA B 203 82.94 42.95 33.56
C ALA B 203 84.19 42.43 32.84
N ILE C 3 -36.69 -50.43 -24.74
CA ILE C 3 -37.64 -50.66 -25.84
C ILE C 3 -39.09 -50.66 -25.31
N VAL C 4 -39.31 -51.20 -24.09
CA VAL C 4 -40.62 -51.27 -23.44
C VAL C 4 -40.55 -50.53 -22.09
N ALA C 5 -41.44 -49.51 -21.91
CA ALA C 5 -41.54 -48.70 -20.69
C ALA C 5 -42.88 -47.97 -20.59
N ASP C 6 -43.28 -47.59 -19.35
CA ASP C 6 -44.50 -46.85 -19.07
C ASP C 6 -44.42 -45.43 -19.63
N HIS C 7 -43.23 -44.79 -19.51
CA HIS C 7 -42.98 -43.44 -20.01
C HIS C 7 -41.63 -43.33 -20.70
N VAL C 8 -41.63 -42.74 -21.92
CA VAL C 8 -40.45 -42.52 -22.75
C VAL C 8 -40.22 -41.01 -22.91
N ALA C 9 -39.01 -40.56 -22.54
CA ALA C 9 -38.63 -39.14 -22.61
C ALA C 9 -37.26 -38.95 -23.29
N SER C 10 -37.14 -37.86 -24.05
CA SER C 10 -35.91 -37.51 -24.76
C SER C 10 -35.37 -36.19 -24.22
N TYR C 11 -34.21 -36.24 -23.50
CA TYR C 11 -33.61 -35.04 -22.90
C TYR C 11 -32.15 -34.82 -23.41
N GLY C 12 -31.96 -34.37 -24.64
CA GLY C 12 -33.00 -34.05 -25.61
C GLY C 12 -32.72 -34.57 -27.02
N VAL C 13 -33.42 -33.99 -28.01
CA VAL C 13 -33.27 -34.34 -29.42
C VAL C 13 -32.38 -33.26 -30.05
N ASN C 14 -31.08 -33.55 -30.14
CA ASN C 14 -30.04 -32.68 -30.70
C ASN C 14 -29.75 -33.10 -32.13
N LEU C 15 -29.88 -32.19 -33.11
CA LEU C 15 -29.58 -32.52 -34.50
C LEU C 15 -28.85 -31.36 -35.21
N TYR C 16 -27.93 -31.70 -36.13
CA TYR C 16 -27.13 -30.75 -36.89
C TYR C 16 -27.00 -31.22 -38.34
N GLN C 17 -27.57 -30.44 -39.29
CA GLN C 17 -27.54 -30.73 -40.72
C GLN C 17 -26.43 -29.95 -41.41
N SER C 18 -25.98 -30.42 -42.58
CA SER C 18 -24.95 -29.75 -43.38
C SER C 18 -25.56 -28.61 -44.22
N TYR C 19 -26.90 -28.68 -44.48
CA TYR C 19 -27.71 -27.77 -45.31
C TYR C 19 -27.43 -26.27 -45.07
N GLY C 20 -27.83 -25.75 -43.92
CA GLY C 20 -27.68 -24.34 -43.55
C GLY C 20 -26.24 -23.88 -43.32
N PRO C 21 -25.47 -24.46 -42.36
CA PRO C 21 -25.79 -25.60 -41.48
C PRO C 21 -26.96 -25.30 -40.54
N SER C 22 -27.94 -26.23 -40.49
CA SER C 22 -29.15 -26.10 -39.68
C SER C 22 -29.13 -27.04 -38.48
N GLY C 23 -29.23 -26.47 -37.29
CA GLY C 23 -29.26 -27.19 -36.02
C GLY C 23 -30.60 -27.08 -35.33
N GLN C 24 -30.84 -27.93 -34.30
CA GLN C 24 -32.07 -27.95 -33.52
C GLN C 24 -31.86 -28.62 -32.15
N TYR C 25 -32.48 -28.05 -31.11
CA TYR C 25 -32.46 -28.60 -29.75
C TYR C 25 -33.88 -28.63 -29.21
N THR C 26 -34.32 -29.81 -28.76
CA THR C 26 -35.66 -30.03 -28.22
C THR C 26 -35.68 -31.06 -27.09
N HIS C 27 -36.72 -30.98 -26.24
CA HIS C 27 -36.98 -31.91 -25.15
C HIS C 27 -38.36 -32.48 -25.38
N GLU C 28 -38.48 -33.81 -25.39
CA GLU C 28 -39.76 -34.46 -25.62
C GLU C 28 -40.14 -35.39 -24.47
N PHE C 29 -41.44 -35.42 -24.13
CA PHE C 29 -42.00 -36.31 -23.12
C PHE C 29 -43.23 -36.99 -23.70
N ASP C 30 -43.18 -38.34 -23.79
CA ASP C 30 -44.22 -39.21 -24.33
C ASP C 30 -44.64 -38.74 -25.74
N GLY C 31 -43.64 -38.56 -26.61
CA GLY C 31 -43.81 -38.15 -28.00
C GLY C 31 -44.03 -36.68 -28.28
N ASP C 32 -44.59 -35.92 -27.31
CA ASP C 32 -44.91 -34.49 -27.47
C ASP C 32 -43.72 -33.58 -27.13
N GLU C 33 -43.65 -32.41 -27.81
CA GLU C 33 -42.61 -31.38 -27.65
C GLU C 33 -42.83 -30.57 -26.38
N GLN C 34 -41.78 -30.46 -25.55
CA GLN C 34 -41.79 -29.68 -24.32
C GLN C 34 -41.30 -28.25 -24.61
N PHE C 35 -40.14 -28.11 -25.32
CA PHE C 35 -39.57 -26.80 -25.69
C PHE C 35 -38.54 -26.92 -26.81
N TYR C 36 -38.29 -25.79 -27.52
CA TYR C 36 -37.27 -25.65 -28.55
C TYR C 36 -36.41 -24.43 -28.23
N VAL C 37 -35.11 -24.49 -28.54
CA VAL C 37 -34.21 -23.38 -28.26
C VAL C 37 -33.75 -22.71 -29.57
N ASP C 38 -34.08 -21.42 -29.72
CA ASP C 38 -33.68 -20.61 -30.89
C ASP C 38 -32.18 -20.30 -30.74
N LEU C 39 -31.34 -20.94 -31.59
CA LEU C 39 -29.87 -20.79 -31.58
C LEU C 39 -29.41 -19.35 -31.90
N GLY C 40 -30.15 -18.64 -32.75
CA GLY C 40 -29.86 -17.27 -33.12
C GLY C 40 -30.20 -16.28 -32.02
N ARG C 41 -31.48 -16.29 -31.58
CA ARG C 41 -32.03 -15.43 -30.53
C ARG C 41 -31.44 -15.77 -29.15
N LYS C 42 -31.02 -17.05 -28.97
CA LYS C 42 -30.43 -17.65 -27.76
C LYS C 42 -31.46 -17.61 -26.59
N GLU C 43 -32.65 -18.22 -26.81
CA GLU C 43 -33.73 -18.28 -25.82
C GLU C 43 -34.58 -19.55 -25.95
N THR C 44 -34.94 -20.14 -24.79
CA THR C 44 -35.75 -21.35 -24.61
C THR C 44 -37.23 -20.99 -24.81
N VAL C 45 -37.90 -21.65 -25.77
CA VAL C 45 -39.32 -21.39 -26.07
C VAL C 45 -40.15 -22.61 -25.62
N TRP C 46 -40.86 -22.48 -24.48
CA TRP C 46 -41.72 -23.52 -23.91
C TRP C 46 -42.98 -23.69 -24.74
N CYS C 47 -43.44 -24.95 -24.93
CA CYS C 47 -44.63 -25.27 -25.74
C CYS C 47 -45.84 -25.65 -24.87
N LEU C 48 -45.65 -25.81 -23.55
CA LEU C 48 -46.72 -26.12 -22.60
C LEU C 48 -46.81 -24.96 -21.58
N PRO C 49 -48.03 -24.42 -21.31
CA PRO C 49 -48.15 -23.24 -20.43
C PRO C 49 -47.66 -23.44 -18.99
N VAL C 50 -47.87 -24.64 -18.41
CA VAL C 50 -47.50 -24.96 -17.03
C VAL C 50 -45.95 -25.08 -16.91
N LEU C 51 -45.25 -25.55 -17.97
CA LEU C 51 -43.80 -25.74 -17.99
C LEU C 51 -43.00 -24.41 -18.00
N ARG C 52 -43.69 -23.26 -18.23
CA ARG C 52 -43.09 -21.92 -18.27
C ARG C 52 -42.49 -21.48 -16.91
N GLN C 53 -42.87 -22.17 -15.82
CA GLN C 53 -42.39 -21.92 -14.45
C GLN C 53 -40.90 -22.28 -14.31
N PHE C 54 -40.39 -23.14 -15.22
CA PHE C 54 -39.00 -23.62 -15.24
C PHE C 54 -38.10 -22.74 -16.11
N ARG C 55 -36.79 -23.00 -16.06
CA ARG C 55 -35.78 -22.29 -16.84
C ARG C 55 -34.77 -23.28 -17.42
N PHE C 56 -34.43 -23.11 -18.70
CA PHE C 56 -33.42 -23.94 -19.36
C PHE C 56 -32.37 -23.02 -19.97
N ASP C 57 -31.10 -23.25 -19.61
CA ASP C 57 -29.98 -22.43 -20.08
C ASP C 57 -29.70 -22.70 -21.58
N PRO C 58 -29.84 -21.67 -22.45
CA PRO C 58 -29.59 -21.88 -23.90
C PRO C 58 -28.13 -22.20 -24.22
N GLN C 59 -27.20 -21.91 -23.27
CA GLN C 59 -25.77 -22.18 -23.39
C GLN C 59 -25.54 -23.68 -23.62
N PHE C 60 -26.40 -24.54 -23.01
CA PHE C 60 -26.39 -25.99 -23.17
C PHE C 60 -26.67 -26.39 -24.62
N ALA C 61 -27.74 -25.82 -25.20
CA ALA C 61 -28.17 -26.06 -26.59
C ALA C 61 -27.08 -25.68 -27.58
N LEU C 62 -26.46 -24.49 -27.39
CA LEU C 62 -25.39 -23.98 -28.24
C LEU C 62 -24.13 -24.85 -28.18
N THR C 63 -23.70 -25.24 -26.95
CA THR C 63 -22.51 -26.10 -26.75
C THR C 63 -22.72 -27.50 -27.33
N ASN C 64 -23.93 -28.09 -27.16
CA ASN C 64 -24.28 -29.42 -27.69
C ASN C 64 -24.19 -29.41 -29.22
N ILE C 65 -24.76 -28.37 -29.87
CA ILE C 65 -24.75 -28.17 -31.33
C ILE C 65 -23.30 -27.92 -31.81
N ALA C 66 -22.47 -27.23 -30.99
CA ALA C 66 -21.05 -26.98 -31.30
C ALA C 66 -20.25 -28.29 -31.36
N VAL C 67 -20.63 -29.28 -30.52
CA VAL C 67 -20.04 -30.61 -30.45
C VAL C 67 -20.52 -31.40 -31.68
N LEU C 68 -21.82 -31.27 -32.03
CA LEU C 68 -22.42 -31.98 -33.18
C LEU C 68 -21.79 -31.54 -34.51
N LYS C 69 -21.35 -30.27 -34.61
CA LYS C 69 -20.67 -29.74 -35.80
C LYS C 69 -19.35 -30.49 -36.00
N HIS C 70 -18.66 -30.78 -34.89
CA HIS C 70 -17.42 -31.54 -34.84
C HIS C 70 -17.71 -33.01 -35.14
N ASN C 71 -18.83 -33.54 -34.60
CA ASN C 71 -19.25 -34.93 -34.79
C ASN C 71 -19.73 -35.20 -36.22
N LEU C 72 -20.22 -34.17 -36.94
CA LEU C 72 -20.66 -34.32 -38.33
C LEU C 72 -19.44 -34.31 -39.26
N ASN C 73 -18.53 -33.33 -39.07
CA ASN C 73 -17.29 -33.13 -39.83
C ASN C 73 -16.38 -34.38 -39.77
N SER C 74 -16.22 -34.97 -38.57
CA SER C 74 -15.41 -36.16 -38.32
C SER C 74 -16.03 -37.44 -38.94
N LEU C 75 -17.38 -37.56 -38.90
CA LEU C 75 -18.07 -38.73 -39.41
C LEU C 75 -18.31 -38.71 -40.94
N ILE C 76 -18.06 -37.57 -41.62
CA ILE C 76 -18.19 -37.50 -43.07
C ILE C 76 -16.92 -38.17 -43.66
N LYS C 77 -15.74 -37.86 -43.06
CA LYS C 77 -14.43 -38.41 -43.43
C LYS C 77 -14.39 -39.93 -43.15
N ARG C 78 -15.09 -40.37 -42.07
CA ARG C 78 -15.17 -41.76 -41.63
C ARG C 78 -16.15 -42.60 -42.49
N SER C 79 -17.20 -41.97 -43.05
CA SER C 79 -18.20 -42.67 -43.87
C SER C 79 -17.97 -42.48 -45.38
N ASN C 80 -16.77 -41.98 -45.78
CA ASN C 80 -16.37 -41.73 -47.18
C ASN C 80 -17.35 -40.75 -47.88
N SER C 81 -17.90 -39.78 -47.09
CA SER C 81 -18.85 -38.74 -47.47
C SER C 81 -20.17 -39.36 -47.99
N THR C 82 -20.98 -39.91 -47.06
CA THR C 82 -22.28 -40.53 -47.37
C THR C 82 -23.42 -39.61 -46.96
N ALA C 83 -24.30 -39.27 -47.93
CA ALA C 83 -25.47 -38.41 -47.73
C ALA C 83 -26.67 -39.24 -47.25
N ALA C 84 -27.72 -38.56 -46.73
CA ALA C 84 -28.94 -39.21 -46.24
C ALA C 84 -29.91 -39.51 -47.38
N THR C 85 -30.56 -40.69 -47.32
CA THR C 85 -31.53 -41.18 -48.30
C THR C 85 -32.88 -40.48 -48.06
N ASN C 86 -33.55 -39.99 -49.11
CA ASN C 86 -34.86 -39.33 -48.92
C ASN C 86 -36.07 -40.23 -48.99
N GLU C 87 -36.97 -40.08 -48.04
CA GLU C 87 -38.05 -41.03 -47.85
C GLU C 87 -39.41 -40.38 -48.09
N VAL C 88 -40.40 -41.20 -48.40
CA VAL C 88 -41.66 -40.68 -48.86
C VAL C 88 -42.51 -40.33 -47.70
N PRO C 89 -42.72 -38.95 -47.54
CA PRO C 89 -43.48 -38.60 -46.35
C PRO C 89 -44.95 -38.85 -46.51
N GLU C 90 -45.67 -38.97 -45.42
CA GLU C 90 -47.10 -39.15 -45.51
C GLU C 90 -47.84 -37.95 -44.94
N VAL C 91 -48.66 -37.33 -45.76
CA VAL C 91 -49.39 -36.11 -45.42
C VAL C 91 -50.87 -36.46 -45.17
N THR C 92 -51.38 -36.09 -43.98
CA THR C 92 -52.78 -36.32 -43.57
C THR C 92 -53.34 -35.01 -43.01
N VAL C 93 -54.46 -34.54 -43.60
CA VAL C 93 -55.13 -33.30 -43.19
C VAL C 93 -56.49 -33.67 -42.57
N PHE C 94 -56.69 -33.23 -41.32
CA PHE C 94 -57.88 -33.48 -40.51
C PHE C 94 -58.13 -32.33 -39.52
N SER C 95 -59.37 -32.23 -39.01
CA SER C 95 -59.76 -31.20 -38.03
C SER C 95 -59.54 -31.71 -36.60
N LYS C 96 -59.37 -30.77 -35.64
CA LYS C 96 -59.15 -31.08 -34.22
C LYS C 96 -60.45 -31.60 -33.58
N SER C 97 -61.54 -30.84 -33.71
CA SER C 97 -62.86 -31.18 -33.17
C SER C 97 -63.85 -31.49 -34.32
N PRO C 98 -65.01 -32.17 -34.08
CA PRO C 98 -65.94 -32.46 -35.19
C PRO C 98 -66.45 -31.19 -35.91
N VAL C 99 -66.68 -31.33 -37.23
CA VAL C 99 -67.10 -30.28 -38.15
C VAL C 99 -68.48 -29.67 -37.84
N THR C 100 -68.50 -28.32 -37.79
CA THR C 100 -69.68 -27.47 -37.60
C THR C 100 -69.57 -26.32 -38.61
N LEU C 101 -70.66 -26.02 -39.33
CA LEU C 101 -70.80 -25.02 -40.39
C LEU C 101 -70.06 -23.67 -40.17
N GLY C 102 -69.94 -23.23 -38.90
CA GLY C 102 -69.28 -21.96 -38.60
C GLY C 102 -68.54 -21.85 -37.28
N GLN C 103 -68.45 -22.95 -36.51
CA GLN C 103 -67.74 -22.96 -35.21
C GLN C 103 -66.22 -22.89 -35.40
N PRO C 104 -65.48 -22.08 -34.59
CA PRO C 104 -64.02 -21.99 -34.77
C PRO C 104 -63.30 -23.33 -34.56
N ASN C 105 -62.66 -23.84 -35.62
CA ASN C 105 -61.95 -25.11 -35.61
C ASN C 105 -60.48 -24.95 -36.03
N ILE C 106 -59.65 -25.94 -35.68
CA ILE C 106 -58.21 -25.97 -36.00
C ILE C 106 -57.93 -27.16 -36.92
N LEU C 107 -57.24 -26.91 -38.06
CA LEU C 107 -56.88 -27.94 -39.02
C LEU C 107 -55.42 -28.37 -38.83
N ILE C 108 -55.18 -29.70 -38.72
CA ILE C 108 -53.87 -30.28 -38.49
C ILE C 108 -53.32 -30.92 -39.77
N CYS C 109 -52.12 -30.50 -40.19
CA CYS C 109 -51.41 -31.03 -41.35
C CYS C 109 -50.23 -31.87 -40.88
N LEU C 110 -50.52 -33.11 -40.42
CA LEU C 110 -49.51 -34.03 -39.91
C LEU C 110 -48.69 -34.61 -41.06
N VAL C 111 -47.45 -34.12 -41.19
CA VAL C 111 -46.50 -34.56 -42.20
C VAL C 111 -45.57 -35.55 -41.50
N ASP C 112 -45.75 -36.85 -41.77
CA ASP C 112 -44.98 -37.94 -41.16
C ASP C 112 -43.90 -38.46 -42.09
N ASN C 113 -42.82 -39.04 -41.52
CA ASN C 113 -41.67 -39.65 -42.19
C ASN C 113 -40.90 -38.62 -43.07
N ILE C 114 -40.23 -37.66 -42.42
CA ILE C 114 -39.44 -36.61 -43.08
C ILE C 114 -37.94 -36.86 -42.80
N PHE C 115 -37.18 -37.23 -43.85
CA PHE C 115 -35.75 -37.43 -43.76
C PHE C 115 -35.06 -37.20 -45.12
N PRO C 116 -34.09 -36.25 -45.24
CA PRO C 116 -33.53 -35.36 -44.20
C PRO C 116 -34.55 -34.34 -43.66
N PRO C 117 -34.41 -33.86 -42.39
CA PRO C 117 -35.41 -32.93 -41.85
C PRO C 117 -35.35 -31.50 -42.42
N VAL C 118 -35.75 -31.35 -43.70
CA VAL C 118 -35.87 -30.08 -44.43
C VAL C 118 -37.25 -30.12 -45.11
N VAL C 119 -38.21 -29.34 -44.57
CA VAL C 119 -39.58 -29.30 -45.06
C VAL C 119 -39.99 -27.83 -45.41
N ASN C 120 -41.07 -27.66 -46.19
CA ASN C 120 -41.58 -26.40 -46.70
C ASN C 120 -43.13 -26.40 -46.65
N ILE C 121 -43.71 -26.54 -45.44
CA ILE C 121 -45.17 -26.59 -45.26
C ILE C 121 -45.76 -25.16 -45.36
N THR C 122 -46.69 -24.97 -46.33
CA THR C 122 -47.39 -23.72 -46.60
C THR C 122 -48.89 -24.01 -46.84
N TRP C 123 -49.78 -23.31 -46.11
CA TRP C 123 -51.24 -23.48 -46.25
C TRP C 123 -51.76 -22.65 -47.44
N LEU C 124 -52.70 -23.23 -48.22
CA LEU C 124 -53.29 -22.59 -49.40
C LEU C 124 -54.82 -22.74 -49.48
N SER C 125 -55.48 -21.68 -49.96
CA SER C 125 -56.93 -21.62 -50.16
C SER C 125 -57.24 -21.09 -51.57
N ASN C 126 -57.74 -21.97 -52.46
CA ASN C 126 -58.08 -21.74 -53.87
C ASN C 126 -56.85 -21.21 -54.66
N GLY C 127 -55.69 -21.82 -54.42
CA GLY C 127 -54.43 -21.45 -55.07
C GLY C 127 -53.91 -20.08 -54.67
N HIS C 128 -54.03 -19.74 -53.37
CA HIS C 128 -53.59 -18.47 -52.81
C HIS C 128 -52.96 -18.67 -51.43
N SER C 129 -51.79 -18.05 -51.20
CA SER C 129 -51.03 -18.14 -49.96
C SER C 129 -51.69 -17.38 -48.81
N VAL C 130 -51.74 -18.02 -47.63
CA VAL C 130 -52.29 -17.47 -46.38
C VAL C 130 -51.21 -17.57 -45.28
N THR C 131 -51.10 -16.54 -44.44
CA THR C 131 -50.09 -16.49 -43.38
C THR C 131 -50.72 -16.46 -41.98
N GLU C 132 -51.86 -15.77 -41.82
CA GLU C 132 -52.57 -15.61 -40.55
C GLU C 132 -53.23 -16.91 -40.08
N GLY C 133 -53.03 -17.23 -38.80
CA GLY C 133 -53.56 -18.44 -38.16
C GLY C 133 -52.59 -19.59 -38.14
N VAL C 134 -51.63 -19.61 -39.10
CA VAL C 134 -50.62 -20.64 -39.26
C VAL C 134 -49.63 -20.68 -38.09
N SER C 135 -49.30 -21.91 -37.65
CA SER C 135 -48.35 -22.21 -36.57
C SER C 135 -47.77 -23.62 -36.76
N GLU C 136 -46.46 -23.77 -36.53
CA GLU C 136 -45.76 -25.05 -36.70
C GLU C 136 -45.09 -25.53 -35.42
N THR C 137 -44.82 -26.85 -35.35
CA THR C 137 -44.10 -27.51 -34.26
C THR C 137 -42.74 -27.96 -34.78
N SER C 138 -41.73 -28.02 -33.89
CA SER C 138 -40.38 -28.45 -34.28
C SER C 138 -40.37 -29.91 -34.76
N PHE C 139 -39.30 -30.31 -35.48
CA PHE C 139 -39.14 -31.67 -35.99
C PHE C 139 -39.13 -32.64 -34.82
N LEU C 140 -40.23 -33.40 -34.66
CA LEU C 140 -40.41 -34.38 -33.60
C LEU C 140 -39.81 -35.72 -34.02
N SER C 141 -38.94 -36.29 -33.17
CA SER C 141 -38.22 -37.55 -33.42
C SER C 141 -39.14 -38.77 -33.40
N LYS C 142 -38.68 -39.85 -34.06
CA LYS C 142 -39.38 -41.14 -34.16
C LYS C 142 -38.42 -42.30 -33.85
N SER C 143 -38.98 -43.49 -33.55
CA SER C 143 -38.24 -44.72 -33.22
C SER C 143 -37.32 -45.17 -34.37
N ASP C 144 -37.70 -44.88 -35.63
CA ASP C 144 -36.94 -45.23 -36.83
C ASP C 144 -35.89 -44.14 -37.18
N HIS C 145 -35.67 -43.19 -36.24
CA HIS C 145 -34.73 -42.06 -36.29
C HIS C 145 -35.00 -41.14 -37.50
N SER C 146 -36.29 -40.86 -37.73
CA SER C 146 -36.80 -39.93 -38.74
C SER C 146 -37.54 -38.80 -38.00
N PHE C 147 -38.25 -37.92 -38.73
CA PHE C 147 -38.96 -36.81 -38.10
C PHE C 147 -40.37 -36.59 -38.66
N PHE C 148 -41.22 -35.89 -37.89
CA PHE C 148 -42.58 -35.52 -38.28
C PHE C 148 -42.92 -34.13 -37.76
N LYS C 149 -43.33 -33.24 -38.68
CA LYS C 149 -43.67 -31.84 -38.42
C LYS C 149 -45.18 -31.63 -38.59
N ILE C 150 -45.83 -31.11 -37.54
CA ILE C 150 -47.28 -30.85 -37.52
C ILE C 150 -47.53 -29.35 -37.66
N SER C 151 -48.34 -28.96 -38.66
CA SER C 151 -48.71 -27.56 -38.90
C SER C 151 -50.19 -27.36 -38.56
N TYR C 152 -50.51 -26.23 -37.91
CA TYR C 152 -51.87 -25.89 -37.48
C TYR C 152 -52.39 -24.65 -38.21
N LEU C 153 -53.72 -24.59 -38.42
CA LEU C 153 -54.40 -23.47 -39.05
C LEU C 153 -55.75 -23.22 -38.35
N THR C 154 -55.80 -22.14 -37.57
CA THR C 154 -57.00 -21.73 -36.82
C THR C 154 -57.89 -20.94 -37.79
N LEU C 155 -58.77 -21.66 -38.50
CA LEU C 155 -59.64 -21.09 -39.51
C LEU C 155 -61.11 -21.40 -39.25
N LEU C 156 -62.00 -20.44 -39.58
CA LEU C 156 -63.45 -20.57 -39.44
C LEU C 156 -64.04 -21.24 -40.69
N PRO C 157 -64.73 -22.40 -40.57
CA PRO C 157 -65.26 -23.09 -41.77
C PRO C 157 -66.41 -22.36 -42.44
N SER C 158 -66.56 -22.62 -43.75
CA SER C 158 -67.59 -22.10 -44.67
C SER C 158 -67.63 -22.95 -45.93
N ALA C 159 -68.82 -23.08 -46.55
CA ALA C 159 -69.01 -23.86 -47.78
C ALA C 159 -68.29 -23.24 -48.98
N GLU C 160 -68.06 -21.91 -48.92
CA GLU C 160 -67.39 -21.10 -49.95
C GLU C 160 -65.94 -21.55 -50.24
N GLU C 161 -65.19 -22.01 -49.21
CA GLU C 161 -63.80 -22.43 -49.42
C GLU C 161 -63.40 -23.71 -48.69
N SER C 162 -62.51 -24.47 -49.34
CA SER C 162 -61.91 -25.72 -48.87
C SER C 162 -60.38 -25.56 -48.84
N TYR C 163 -59.77 -25.79 -47.67
CA TYR C 163 -58.34 -25.63 -47.45
C TYR C 163 -57.50 -26.76 -48.07
N ASP C 164 -56.26 -26.43 -48.49
CA ASP C 164 -55.28 -27.34 -49.08
C ASP C 164 -53.91 -27.11 -48.42
N CYS C 165 -53.24 -28.18 -47.97
CA CYS C 165 -51.94 -28.09 -47.30
C CYS C 165 -50.80 -28.44 -48.27
N LYS C 166 -50.11 -27.40 -48.80
CA LYS C 166 -48.99 -27.59 -49.73
C LYS C 166 -47.73 -27.98 -48.96
N VAL C 167 -47.14 -29.10 -49.38
CA VAL C 167 -45.89 -29.58 -48.85
C VAL C 167 -44.87 -29.71 -49.94
N GLU C 168 -43.64 -29.32 -49.62
CA GLU C 168 -42.54 -29.37 -50.56
C GLU C 168 -41.39 -30.07 -49.86
N HIS C 169 -40.40 -30.49 -50.65
CA HIS C 169 -39.23 -31.25 -50.17
C HIS C 169 -37.95 -30.81 -50.86
N TRP C 170 -36.82 -31.03 -50.21
CA TRP C 170 -35.56 -31.21 -50.88
C TRP C 170 -35.69 -32.50 -51.65
N GLY C 171 -36.40 -33.45 -51.04
CA GLY C 171 -36.59 -34.81 -51.53
C GLY C 171 -37.33 -35.20 -52.78
N LEU C 172 -38.49 -34.62 -53.04
CA LEU C 172 -39.28 -35.07 -54.20
C LEU C 172 -39.25 -34.18 -55.45
N ASP C 173 -39.44 -32.89 -55.28
CA ASP C 173 -39.63 -32.01 -56.43
C ASP C 173 -40.96 -32.30 -57.13
N LYS C 174 -41.86 -32.93 -56.40
CA LYS C 174 -43.23 -33.17 -56.85
C LYS C 174 -44.19 -32.75 -55.74
N PRO C 175 -44.40 -31.37 -55.55
CA PRO C 175 -45.08 -31.06 -54.27
C PRO C 175 -46.42 -31.71 -54.18
N LEU C 176 -46.76 -32.25 -53.03
CA LEU C 176 -48.06 -32.89 -52.93
C LEU C 176 -48.85 -32.31 -51.79
N LEU C 177 -50.05 -31.85 -52.06
CA LEU C 177 -50.87 -31.24 -51.03
C LEU C 177 -52.22 -31.89 -50.96
N LYS C 178 -52.69 -32.15 -49.76
CA LYS C 178 -53.93 -32.88 -49.60
C LYS C 178 -55.08 -32.01 -49.13
N HIS C 179 -56.13 -31.99 -49.96
CA HIS C 179 -57.28 -31.13 -49.77
C HIS C 179 -58.17 -31.61 -48.64
N TRP C 180 -59.03 -30.69 -48.20
CA TRP C 180 -59.91 -30.90 -47.07
C TRP C 180 -61.25 -30.19 -47.30
N GLU C 181 -62.33 -30.98 -47.44
CA GLU C 181 -63.69 -30.48 -47.67
C GLU C 181 -64.39 -30.16 -46.34
N PRO C 182 -65.17 -29.05 -46.26
CA PRO C 182 -65.84 -28.73 -44.99
C PRO C 182 -67.18 -29.45 -44.82
N SER D 16 -31.47 -31.50 -57.11
CA SER D 16 -31.65 -32.37 -55.96
C SER D 16 -30.45 -32.24 -55.04
N PRO D 17 -30.71 -31.74 -53.76
CA PRO D 17 -29.49 -31.36 -53.02
C PRO D 17 -29.09 -32.33 -51.91
N GLU D 18 -27.80 -32.52 -51.73
CA GLU D 18 -27.28 -33.49 -50.77
C GLU D 18 -27.51 -32.99 -49.36
N ASP D 19 -27.32 -33.86 -48.38
CA ASP D 19 -27.38 -33.46 -46.98
C ASP D 19 -26.78 -34.48 -46.00
N PHE D 20 -25.98 -33.98 -45.05
CA PHE D 20 -25.39 -34.85 -44.03
C PHE D 20 -26.05 -34.52 -42.69
N VAL D 21 -26.77 -35.50 -42.11
CA VAL D 21 -27.52 -35.32 -40.85
C VAL D 21 -26.87 -36.10 -39.72
N TYR D 22 -26.80 -35.48 -38.53
CA TYR D 22 -26.28 -36.09 -37.30
C TYR D 22 -27.21 -35.78 -36.14
N GLN D 23 -27.63 -36.82 -35.42
CA GLN D 23 -28.55 -36.72 -34.29
C GLN D 23 -27.93 -37.25 -32.98
N PHE D 24 -28.48 -36.79 -31.84
CA PHE D 24 -28.12 -37.22 -30.50
C PHE D 24 -29.40 -37.22 -29.66
N LYS D 25 -29.79 -38.40 -29.16
CA LYS D 25 -30.99 -38.58 -28.36
C LYS D 25 -30.67 -39.02 -26.94
N GLY D 26 -31.14 -38.26 -25.97
CA GLY D 26 -30.97 -38.56 -24.55
C GLY D 26 -32.20 -39.27 -24.04
N MET D 27 -32.41 -40.51 -24.53
CA MET D 27 -33.56 -41.36 -24.24
C MET D 27 -33.59 -41.85 -22.78
N CYS D 28 -34.71 -41.56 -22.09
CA CYS D 28 -35.00 -42.00 -20.71
C CYS D 28 -36.28 -42.84 -20.75
N TYR D 29 -36.21 -44.07 -20.22
CA TYR D 29 -37.32 -45.01 -20.20
C TYR D 29 -37.70 -45.33 -18.75
N PHE D 30 -38.90 -44.88 -18.33
CA PHE D 30 -39.41 -45.04 -16.97
C PHE D 30 -40.55 -46.06 -16.89
N THR D 31 -40.52 -46.91 -15.85
CA THR D 31 -41.53 -47.93 -15.56
C THR D 31 -41.77 -47.95 -14.05
N ASN D 32 -43.06 -47.93 -13.62
CA ASN D 32 -43.54 -47.92 -12.23
C ASN D 32 -42.96 -46.69 -11.47
N GLY D 33 -42.99 -45.54 -12.14
CA GLY D 33 -42.47 -44.29 -11.61
C GLY D 33 -40.97 -44.21 -11.72
N THR D 34 -40.29 -44.19 -10.57
CA THR D 34 -38.82 -44.13 -10.48
C THR D 34 -38.23 -45.51 -10.10
N GLU D 35 -39.08 -46.55 -10.00
CA GLU D 35 -38.71 -47.92 -9.64
C GLU D 35 -37.70 -48.53 -10.63
N ARG D 36 -37.99 -48.43 -11.94
CA ARG D 36 -37.13 -48.95 -13.00
C ARG D 36 -36.89 -47.87 -14.05
N VAL D 37 -35.69 -47.25 -13.99
CA VAL D 37 -35.27 -46.18 -14.91
C VAL D 37 -34.11 -46.68 -15.78
N ARG D 38 -34.23 -46.52 -17.11
CA ARG D 38 -33.24 -46.91 -18.11
C ARG D 38 -32.90 -45.71 -19.00
N LEU D 39 -31.60 -45.48 -19.25
CA LEU D 39 -31.12 -44.38 -20.09
C LEU D 39 -30.34 -44.92 -21.29
N VAL D 40 -30.65 -44.41 -22.49
CA VAL D 40 -29.97 -44.78 -23.73
C VAL D 40 -29.56 -43.50 -24.49
N SER D 41 -28.24 -43.19 -24.50
CA SER D 41 -27.70 -42.02 -25.19
C SER D 41 -27.27 -42.45 -26.59
N ARG D 42 -28.15 -42.19 -27.58
CA ARG D 42 -27.96 -42.58 -28.98
C ARG D 42 -27.22 -41.53 -29.80
N SER D 43 -26.18 -41.97 -30.52
CA SER D 43 -25.40 -41.16 -31.44
C SER D 43 -25.72 -41.70 -32.82
N ILE D 44 -26.27 -40.84 -33.67
CA ILE D 44 -26.82 -41.26 -34.93
C ILE D 44 -26.19 -40.56 -36.09
N TYR D 45 -25.97 -41.26 -37.19
CA TYR D 45 -25.59 -40.64 -38.42
C TYR D 45 -26.67 -41.01 -39.41
N ASN D 46 -27.34 -40.03 -39.95
CA ASN D 46 -28.45 -40.29 -40.82
C ASN D 46 -29.44 -41.14 -40.08
N ARG D 47 -30.02 -42.15 -40.71
CA ARG D 47 -31.04 -42.93 -40.04
C ARG D 47 -30.41 -44.09 -39.31
N GLU D 48 -29.09 -44.18 -39.38
CA GLU D 48 -28.37 -45.29 -38.77
C GLU D 48 -27.62 -44.87 -37.51
N GLU D 49 -28.06 -45.42 -36.35
CA GLU D 49 -27.42 -45.24 -35.04
C GLU D 49 -26.06 -45.94 -35.11
N ILE D 50 -24.97 -45.25 -34.70
CA ILE D 50 -23.63 -45.81 -34.86
C ILE D 50 -22.97 -46.28 -33.55
N VAL D 51 -23.25 -45.62 -32.41
CA VAL D 51 -22.72 -45.96 -31.08
C VAL D 51 -23.76 -45.54 -30.02
N ARG D 52 -23.79 -46.21 -28.85
CA ARG D 52 -24.74 -45.88 -27.78
C ARG D 52 -24.21 -46.17 -26.37
N PHE D 53 -24.78 -45.46 -25.37
CA PHE D 53 -24.51 -45.68 -23.96
C PHE D 53 -25.80 -46.12 -23.27
N ASP D 54 -25.80 -47.36 -22.76
CA ASP D 54 -26.94 -47.92 -22.04
C ASP D 54 -26.57 -48.07 -20.56
N SER D 55 -27.43 -47.50 -19.68
CA SER D 55 -27.28 -47.55 -18.22
C SER D 55 -27.31 -49.01 -17.72
N ASP D 56 -28.05 -49.88 -18.44
CA ASP D 56 -28.16 -51.30 -18.12
C ASP D 56 -26.86 -52.06 -18.46
N VAL D 57 -26.08 -51.61 -19.47
CA VAL D 57 -24.82 -52.27 -19.84
C VAL D 57 -23.65 -51.60 -19.08
N GLY D 58 -23.80 -50.30 -18.78
CA GLY D 58 -22.84 -49.52 -18.01
C GLY D 58 -21.72 -48.83 -18.77
N GLU D 59 -21.52 -49.19 -20.05
CA GLU D 59 -20.45 -48.61 -20.86
C GLU D 59 -20.92 -48.35 -22.30
N PHE D 60 -20.08 -47.64 -23.08
CA PHE D 60 -20.34 -47.36 -24.48
C PHE D 60 -20.13 -48.60 -25.32
N ARG D 61 -20.97 -48.79 -26.36
CA ARG D 61 -20.82 -49.92 -27.26
C ARG D 61 -21.35 -49.55 -28.65
N ALA D 62 -20.51 -49.77 -29.67
CA ALA D 62 -20.78 -49.47 -31.08
C ALA D 62 -21.95 -50.29 -31.64
N VAL D 63 -22.86 -49.61 -32.36
CA VAL D 63 -24.01 -50.20 -33.02
C VAL D 63 -23.55 -50.64 -34.42
N THR D 64 -22.77 -49.78 -35.10
CA THR D 64 -22.19 -49.97 -36.43
C THR D 64 -20.65 -49.76 -36.34
N LEU D 65 -19.91 -50.22 -37.37
CA LEU D 65 -18.45 -50.10 -37.48
C LEU D 65 -17.98 -48.60 -37.51
N LEU D 66 -18.93 -47.68 -37.76
CA LEU D 66 -18.66 -46.24 -37.78
C LEU D 66 -18.48 -45.70 -36.37
N GLY D 67 -19.17 -46.29 -35.39
CA GLY D 67 -19.10 -45.89 -33.99
C GLY D 67 -18.08 -46.65 -33.15
N LEU D 68 -17.25 -47.51 -33.79
CA LEU D 68 -16.22 -48.30 -33.13
C LEU D 68 -15.04 -47.42 -32.62
N PRO D 69 -14.51 -46.43 -33.39
CA PRO D 69 -13.39 -45.61 -32.86
C PRO D 69 -13.81 -44.68 -31.71
N ALA D 70 -15.10 -44.23 -31.71
CA ALA D 70 -15.65 -43.36 -30.67
C ALA D 70 -15.86 -44.11 -29.36
N ALA D 71 -16.40 -45.36 -29.44
CA ALA D 71 -16.67 -46.22 -28.28
C ALA D 71 -15.38 -46.53 -27.51
N GLU D 72 -14.33 -47.03 -28.22
CA GLU D 72 -13.01 -47.36 -27.67
C GLU D 72 -12.30 -46.12 -27.08
N TYR D 73 -12.58 -44.92 -27.61
CA TYR D 73 -11.97 -43.68 -27.14
C TYR D 73 -12.66 -43.17 -25.88
N TRP D 74 -14.00 -43.19 -25.85
CA TRP D 74 -14.79 -42.69 -24.73
C TRP D 74 -14.72 -43.62 -23.55
N ASN D 75 -14.62 -44.94 -23.79
CA ASN D 75 -14.49 -45.92 -22.70
C ASN D 75 -13.07 -45.89 -22.11
N SER D 76 -12.10 -45.28 -22.84
CA SER D 76 -10.72 -45.12 -22.41
C SER D 76 -10.55 -43.88 -21.50
N GLN D 77 -11.64 -43.09 -21.34
CA GLN D 77 -11.67 -41.87 -20.51
C GLN D 77 -12.63 -42.05 -19.33
N LYS D 78 -12.09 -42.02 -18.09
CA LYS D 78 -12.86 -42.17 -16.85
C LYS D 78 -13.74 -40.95 -16.59
N ASP D 79 -13.30 -39.76 -17.03
CA ASP D 79 -14.03 -38.49 -16.89
C ASP D 79 -15.37 -38.52 -17.61
N ILE D 80 -15.42 -39.16 -18.80
CA ILE D 80 -16.65 -39.32 -19.59
C ILE D 80 -17.54 -40.36 -18.91
N LEU D 81 -17.02 -41.58 -18.74
CA LEU D 81 -17.69 -42.74 -18.19
C LEU D 81 -18.40 -42.47 -16.86
N GLU D 82 -17.77 -41.69 -15.94
CA GLU D 82 -18.40 -41.38 -14.66
C GLU D 82 -19.67 -40.53 -14.84
N ARG D 83 -19.62 -39.54 -15.76
CA ARG D 83 -20.71 -38.62 -16.09
C ARG D 83 -21.88 -39.35 -16.70
N LYS D 84 -21.58 -40.31 -17.58
CA LYS D 84 -22.59 -41.10 -18.28
C LYS D 84 -23.26 -42.06 -17.33
N ARG D 85 -22.50 -42.70 -16.43
CA ARG D 85 -23.02 -43.65 -15.45
C ARG D 85 -23.89 -42.95 -14.39
N ALA D 86 -23.63 -41.65 -14.13
CA ALA D 86 -24.36 -40.83 -13.16
C ALA D 86 -25.59 -40.13 -13.75
N ALA D 87 -25.69 -40.08 -15.10
CA ALA D 87 -26.78 -39.40 -15.82
C ALA D 87 -28.18 -39.97 -15.52
N VAL D 88 -28.26 -41.26 -15.13
CA VAL D 88 -29.50 -41.95 -14.77
C VAL D 88 -30.26 -41.15 -13.69
N ASP D 89 -29.54 -40.68 -12.65
CA ASP D 89 -30.09 -39.90 -11.53
C ASP D 89 -30.02 -38.39 -11.79
N ARG D 90 -29.02 -37.93 -12.55
CA ARG D 90 -28.81 -36.52 -12.85
C ARG D 90 -29.74 -36.00 -13.94
N VAL D 91 -30.01 -36.80 -14.97
CA VAL D 91 -30.86 -36.38 -16.09
C VAL D 91 -32.27 -36.98 -15.92
N CYS D 92 -32.44 -38.31 -16.09
CA CYS D 92 -33.72 -39.00 -16.07
C CYS D 92 -34.49 -38.86 -14.74
N ARG D 93 -33.92 -39.31 -13.60
CA ARG D 93 -34.59 -39.28 -12.29
C ARG D 93 -34.92 -37.86 -11.81
N HIS D 94 -34.00 -36.90 -12.03
CA HIS D 94 -34.16 -35.49 -11.66
C HIS D 94 -35.30 -34.83 -12.45
N ASN D 95 -35.37 -35.06 -13.77
CA ASN D 95 -36.38 -34.46 -14.64
C ASN D 95 -37.78 -35.02 -14.37
N TYR D 96 -37.88 -36.35 -14.11
CA TYR D 96 -39.15 -37.03 -13.82
C TYR D 96 -39.86 -36.42 -12.59
N GLN D 97 -39.09 -35.96 -11.59
CA GLN D 97 -39.62 -35.33 -10.38
C GLN D 97 -40.35 -34.04 -10.74
N LEU D 98 -39.83 -33.30 -11.74
CA LEU D 98 -40.42 -32.06 -12.25
C LEU D 98 -41.66 -32.37 -13.09
N GLU D 99 -41.63 -33.48 -13.85
CA GLU D 99 -42.74 -33.94 -14.71
C GLU D 99 -43.94 -34.41 -13.88
N LEU D 100 -43.68 -34.91 -12.65
CA LEU D 100 -44.68 -35.41 -11.71
C LEU D 100 -45.72 -34.36 -11.35
N ARG D 101 -45.28 -33.10 -11.12
CA ARG D 101 -46.16 -32.00 -10.74
C ARG D 101 -46.61 -31.14 -11.96
N THR D 102 -46.18 -31.50 -13.20
CA THR D 102 -46.56 -30.74 -14.40
C THR D 102 -47.26 -31.62 -15.46
N THR D 103 -46.50 -32.40 -16.27
CA THR D 103 -47.03 -33.22 -17.37
C THR D 103 -47.79 -34.47 -16.87
N LEU D 104 -47.25 -35.18 -15.86
CA LEU D 104 -47.89 -36.37 -15.29
C LEU D 104 -49.19 -36.02 -14.58
N GLN D 105 -49.29 -34.78 -14.07
CA GLN D 105 -50.45 -34.24 -13.38
C GLN D 105 -51.53 -33.77 -14.37
N ARG D 106 -51.13 -33.42 -15.62
CA ARG D 106 -52.01 -32.94 -16.69
C ARG D 106 -53.10 -33.97 -17.06
N ARG D 107 -54.36 -33.52 -16.97
CA ARG D 107 -55.57 -34.29 -17.26
C ARG D 107 -56.62 -33.41 -17.95
N VAL D 108 -56.88 -33.67 -19.24
CA VAL D 108 -57.83 -32.92 -20.06
C VAL D 108 -59.08 -33.80 -20.30
N GLU D 109 -60.27 -33.24 -20.00
CA GLU D 109 -61.57 -33.92 -20.17
C GLU D 109 -61.91 -34.04 -21.65
N PRO D 110 -62.39 -35.21 -22.11
CA PRO D 110 -62.71 -35.36 -23.54
C PRO D 110 -64.04 -34.70 -23.96
N THR D 111 -64.31 -34.71 -25.28
CA THR D 111 -65.51 -34.16 -25.90
C THR D 111 -66.05 -35.24 -26.85
N VAL D 112 -67.26 -35.76 -26.54
CA VAL D 112 -67.91 -36.81 -27.31
C VAL D 112 -69.05 -36.24 -28.18
N THR D 113 -69.03 -36.59 -29.47
CA THR D 113 -70.03 -36.18 -30.47
C THR D 113 -70.33 -37.36 -31.41
N ILE D 114 -71.63 -37.63 -31.66
CA ILE D 114 -72.03 -38.71 -32.55
C ILE D 114 -72.57 -38.11 -33.84
N SER D 115 -71.99 -38.51 -34.99
CA SER D 115 -72.40 -38.03 -36.32
C SER D 115 -72.76 -39.20 -37.23
N PRO D 116 -73.99 -39.24 -37.79
CA PRO D 116 -74.35 -40.35 -38.68
C PRO D 116 -73.80 -40.14 -40.09
N SER D 117 -73.27 -41.23 -40.70
CA SER D 117 -72.71 -41.26 -42.05
C SER D 117 -72.66 -42.69 -42.61
N ASN D 126 -76.79 -46.21 -41.39
CA ASN D 126 -75.74 -46.96 -42.08
C ASN D 126 -74.47 -47.06 -41.23
N LEU D 127 -74.00 -45.91 -40.68
CA LEU D 127 -72.80 -45.82 -39.85
C LEU D 127 -72.90 -44.71 -38.82
N LEU D 128 -72.48 -44.99 -37.58
CA LEU D 128 -72.46 -44.02 -36.48
C LEU D 128 -71.05 -43.95 -35.91
N VAL D 129 -70.51 -42.72 -35.76
CA VAL D 129 -69.15 -42.53 -35.25
C VAL D 129 -69.17 -41.79 -33.90
N CYS D 130 -68.47 -42.34 -32.91
CA CYS D 130 -68.33 -41.74 -31.59
C CYS D 130 -67.03 -40.93 -31.60
N SER D 131 -67.14 -39.62 -31.89
CA SER D 131 -65.98 -38.74 -32.01
C SER D 131 -65.48 -38.27 -30.63
N VAL D 132 -64.45 -38.95 -30.11
CA VAL D 132 -63.80 -38.62 -28.83
C VAL D 132 -62.63 -37.70 -29.15
N THR D 133 -62.72 -36.42 -28.77
CA THR D 133 -61.68 -35.42 -29.06
C THR D 133 -61.25 -34.66 -27.80
N ASP D 134 -60.07 -34.01 -27.88
CA ASP D 134 -59.42 -33.19 -26.85
C ASP D 134 -59.29 -33.94 -25.51
N PHE D 135 -58.40 -34.95 -25.49
CA PHE D 135 -58.15 -35.77 -24.30
C PHE D 135 -56.66 -35.96 -24.02
N TYR D 136 -56.30 -36.09 -22.73
CA TYR D 136 -54.95 -36.33 -22.23
C TYR D 136 -55.00 -36.93 -20.82
N PRO D 137 -54.24 -38.01 -20.48
CA PRO D 137 -53.24 -38.72 -21.28
C PRO D 137 -53.83 -39.71 -22.31
N ALA D 138 -52.95 -40.47 -23.00
CA ALA D 138 -53.22 -41.44 -24.06
C ALA D 138 -54.14 -42.59 -23.66
N GLN D 139 -54.21 -42.93 -22.36
CA GLN D 139 -55.05 -44.03 -21.84
C GLN D 139 -56.55 -43.75 -22.03
N ILE D 140 -57.27 -44.67 -22.70
CA ILE D 140 -58.71 -44.58 -22.97
C ILE D 140 -59.31 -45.98 -23.25
N LYS D 141 -60.60 -46.18 -22.92
CA LYS D 141 -61.33 -47.43 -23.13
C LYS D 141 -62.76 -47.10 -23.60
N VAL D 142 -62.92 -46.96 -24.91
CA VAL D 142 -64.19 -46.62 -25.57
C VAL D 142 -64.95 -47.92 -25.97
N ARG D 143 -66.24 -48.00 -25.57
CA ARG D 143 -67.12 -49.14 -25.82
C ARG D 143 -68.42 -48.72 -26.50
N TRP D 144 -68.98 -49.62 -27.35
CA TRP D 144 -70.25 -49.41 -28.05
C TRP D 144 -71.31 -50.38 -27.51
N PHE D 145 -72.49 -49.90 -27.16
CA PHE D 145 -73.52 -50.76 -26.60
C PHE D 145 -74.78 -50.73 -27.39
N ARG D 146 -75.49 -51.84 -27.38
CA ARG D 146 -76.85 -51.86 -27.86
C ARG D 146 -77.63 -52.13 -26.60
N ASN D 147 -78.52 -51.22 -26.23
CA ASN D 147 -79.31 -51.44 -25.05
C ASN D 147 -78.39 -51.65 -23.85
N ASP D 148 -78.56 -52.79 -23.16
CA ASP D 148 -77.71 -53.22 -22.06
C ASP D 148 -76.78 -54.35 -22.51
N GLN D 149 -76.62 -54.50 -23.82
CA GLN D 149 -75.71 -55.48 -24.40
C GLN D 149 -74.58 -54.80 -25.20
N GLU D 150 -73.34 -55.32 -25.09
CA GLU D 150 -72.18 -54.70 -25.75
C GLU D 150 -71.97 -55.23 -27.17
N GLU D 151 -71.69 -54.32 -28.12
CA GLU D 151 -71.43 -54.66 -29.52
C GLU D 151 -69.93 -54.65 -29.78
N THR D 152 -69.39 -55.79 -30.25
CA THR D 152 -67.95 -55.95 -30.51
C THR D 152 -67.65 -56.34 -31.97
N ALA D 153 -68.58 -57.04 -32.63
CA ALA D 153 -68.38 -57.52 -34.00
C ALA D 153 -68.47 -56.40 -35.05
N GLY D 154 -69.44 -55.49 -34.91
CA GLY D 154 -69.66 -54.41 -35.86
C GLY D 154 -69.01 -53.09 -35.53
N VAL D 155 -67.89 -53.10 -34.77
CA VAL D 155 -67.19 -51.87 -34.39
C VAL D 155 -65.75 -51.85 -34.98
N VAL D 156 -65.37 -50.68 -35.55
CA VAL D 156 -64.04 -50.39 -36.11
C VAL D 156 -63.54 -49.06 -35.52
N SER D 157 -62.34 -49.10 -34.94
CA SER D 157 -61.71 -47.94 -34.33
C SER D 157 -60.40 -47.61 -35.04
N THR D 158 -60.20 -46.32 -35.34
CA THR D 158 -58.99 -45.79 -35.98
C THR D 158 -57.89 -45.67 -34.93
N PRO D 159 -56.57 -45.71 -35.29
CA PRO D 159 -55.53 -45.58 -34.25
C PRO D 159 -55.61 -44.24 -33.50
N LEU D 160 -55.01 -44.20 -32.29
CA LEU D 160 -55.00 -43.01 -31.43
C LEU D 160 -54.22 -41.87 -32.11
N ILE D 161 -54.97 -40.90 -32.67
CA ILE D 161 -54.47 -39.74 -33.40
C ILE D 161 -53.81 -38.75 -32.43
N ARG D 162 -52.54 -38.41 -32.68
CA ARG D 162 -51.77 -37.45 -31.88
C ARG D 162 -51.83 -36.09 -32.59
N ASN D 163 -52.44 -35.09 -31.94
CA ASN D 163 -52.59 -33.73 -32.46
C ASN D 163 -51.27 -32.96 -32.42
N GLY D 164 -50.44 -33.26 -31.41
CA GLY D 164 -49.12 -32.66 -31.22
C GLY D 164 -49.05 -31.60 -30.15
N ASP D 165 -50.13 -30.82 -29.97
CA ASP D 165 -50.24 -29.76 -28.97
C ASP D 165 -50.73 -30.32 -27.62
N TRP D 166 -50.25 -31.53 -27.25
CA TRP D 166 -50.56 -32.29 -26.03
C TRP D 166 -52.08 -32.62 -25.97
N THR D 167 -52.63 -33.01 -27.13
CA THR D 167 -54.03 -33.37 -27.36
C THR D 167 -54.13 -34.72 -28.07
N PHE D 168 -55.13 -35.55 -27.67
CA PHE D 168 -55.38 -36.87 -28.29
C PHE D 168 -56.84 -37.01 -28.70
N GLN D 169 -57.06 -37.55 -29.92
CA GLN D 169 -58.40 -37.79 -30.46
C GLN D 169 -58.49 -39.17 -31.13
N ILE D 170 -59.70 -39.75 -31.16
CA ILE D 170 -59.98 -41.06 -31.76
C ILE D 170 -61.41 -41.08 -32.33
N LEU D 171 -61.58 -41.72 -33.50
CA LEU D 171 -62.88 -41.88 -34.16
C LEU D 171 -63.25 -43.37 -34.15
N VAL D 172 -64.33 -43.70 -33.43
CA VAL D 172 -64.80 -45.07 -33.27
C VAL D 172 -66.14 -45.25 -34.01
N MET D 173 -66.08 -45.90 -35.18
CA MET D 173 -67.22 -46.15 -36.07
C MET D 173 -67.94 -47.48 -35.75
N LEU D 174 -69.27 -47.52 -36.01
CA LEU D 174 -70.11 -48.70 -35.80
C LEU D 174 -71.16 -48.85 -36.91
N GLU D 175 -71.22 -50.07 -37.52
CA GLU D 175 -72.20 -50.41 -38.54
C GLU D 175 -73.49 -50.76 -37.82
N MET D 176 -74.56 -49.98 -38.09
CA MET D 176 -75.86 -50.12 -37.43
C MET D 176 -76.97 -50.62 -38.37
N THR D 177 -78.07 -51.11 -37.77
CA THR D 177 -79.28 -51.56 -38.45
C THR D 177 -80.44 -50.82 -37.75
N PRO D 178 -80.76 -49.57 -38.21
CA PRO D 178 -81.76 -48.75 -37.51
C PRO D 178 -83.20 -49.29 -37.49
N GLN D 179 -83.85 -49.15 -36.32
CA GLN D 179 -85.24 -49.53 -36.01
C GLN D 179 -85.72 -48.81 -34.72
N ARG D 180 -87.04 -48.76 -34.50
CA ARG D 180 -87.67 -48.10 -33.34
C ARG D 180 -87.36 -48.83 -32.02
N GLY D 181 -87.21 -48.03 -30.95
CA GLY D 181 -86.92 -48.52 -29.62
C GLY D 181 -85.45 -48.63 -29.27
N ASP D 182 -84.59 -48.85 -30.30
CA ASP D 182 -83.14 -49.02 -30.20
C ASP D 182 -82.46 -47.77 -29.58
N VAL D 183 -81.77 -47.98 -28.45
CA VAL D 183 -81.05 -46.94 -27.72
C VAL D 183 -79.56 -47.30 -27.69
N TYR D 184 -78.77 -46.69 -28.60
CA TYR D 184 -77.33 -46.93 -28.70
C TYR D 184 -76.57 -46.09 -27.67
N THR D 185 -75.58 -46.70 -27.00
CA THR D 185 -74.80 -46.04 -25.95
C THR D 185 -73.29 -46.10 -26.26
N CYS D 186 -72.57 -44.99 -26.00
CA CYS D 186 -71.13 -44.90 -26.18
C CYS D 186 -70.46 -44.68 -24.82
N HIS D 187 -69.97 -45.79 -24.24
CA HIS D 187 -69.30 -45.87 -22.95
C HIS D 187 -67.84 -45.45 -23.11
N VAL D 188 -67.42 -44.35 -22.44
CA VAL D 188 -66.05 -43.82 -22.54
C VAL D 188 -65.40 -43.78 -21.15
N GLU D 189 -64.27 -44.50 -20.99
CA GLU D 189 -63.51 -44.57 -19.74
C GLU D 189 -62.16 -43.85 -19.91
N HIS D 190 -61.94 -42.78 -19.12
CA HIS D 190 -60.73 -41.94 -19.16
C HIS D 190 -60.23 -41.64 -17.74
N PRO D 191 -58.90 -41.60 -17.49
CA PRO D 191 -58.42 -41.32 -16.10
C PRO D 191 -58.77 -39.94 -15.56
N SER D 192 -59.35 -39.04 -16.39
CA SER D 192 -59.77 -37.70 -15.99
C SER D 192 -61.19 -37.71 -15.41
N LEU D 193 -61.93 -38.82 -15.59
CA LEU D 193 -63.31 -38.95 -15.14
C LEU D 193 -63.46 -39.97 -14.00
N GLN D 194 -64.25 -39.62 -12.98
CA GLN D 194 -64.55 -40.47 -11.82
C GLN D 194 -65.51 -41.59 -12.24
N SER D 195 -66.50 -41.26 -13.10
CA SER D 195 -67.49 -42.16 -13.66
C SER D 195 -67.46 -42.08 -15.19
N PRO D 196 -67.69 -43.20 -15.92
CA PRO D 196 -67.60 -43.14 -17.40
C PRO D 196 -68.69 -42.29 -18.05
N ILE D 197 -68.33 -41.58 -19.14
CA ILE D 197 -69.24 -40.73 -19.92
C ILE D 197 -70.06 -41.61 -20.88
N THR D 198 -71.39 -41.42 -20.87
CA THR D 198 -72.32 -42.15 -21.72
C THR D 198 -73.13 -41.15 -22.55
N VAL D 199 -72.91 -41.16 -23.87
CA VAL D 199 -73.60 -40.30 -24.84
C VAL D 199 -74.54 -41.20 -25.69
N GLU D 200 -75.86 -40.87 -25.69
CA GLU D 200 -76.89 -41.65 -26.37
C GLU D 200 -77.30 -41.06 -27.72
N TRP D 201 -77.57 -41.95 -28.70
CA TRP D 201 -78.02 -41.62 -30.05
C TRP D 201 -79.23 -42.50 -30.42
N ARG D 202 -80.39 -41.84 -30.64
CA ARG D 202 -81.66 -42.51 -30.95
C ARG D 202 -82.11 -42.17 -32.38
N ALA D 203 -82.62 -43.18 -33.12
CA ALA D 203 -83.10 -43.04 -34.50
C ALA D 203 -84.42 -42.24 -34.56
N MET E 1 -26.55 -23.78 -6.26
CA MET E 1 -26.54 -23.57 -4.81
C MET E 1 -25.21 -22.93 -4.33
N LYS E 2 -25.16 -22.49 -3.04
CA LYS E 2 -23.97 -21.88 -2.45
C LYS E 2 -23.43 -22.71 -1.29
N THR E 3 -22.10 -22.77 -1.19
CA THR E 3 -21.35 -23.49 -0.16
C THR E 3 -20.89 -22.59 0.97
N THR E 4 -20.88 -23.14 2.19
CA THR E 4 -20.47 -22.44 3.41
C THR E 4 -19.49 -23.34 4.18
N GLN E 5 -18.24 -22.89 4.31
CA GLN E 5 -17.18 -23.62 5.00
C GLN E 5 -16.35 -22.69 5.91
N PRO E 6 -15.69 -23.19 7.01
CA PRO E 6 -14.92 -22.31 7.91
C PRO E 6 -13.87 -21.45 7.20
N PRO E 7 -13.54 -20.24 7.72
CA PRO E 7 -12.57 -19.37 7.01
C PRO E 7 -11.15 -19.93 7.04
N SER E 8 -10.74 -20.54 8.17
CA SER E 8 -9.43 -21.13 8.34
C SER E 8 -9.46 -22.25 9.38
N MET E 9 -8.53 -23.22 9.24
CA MET E 9 -8.38 -24.36 10.14
C MET E 9 -6.92 -24.66 10.41
N ASP E 10 -6.61 -25.06 11.65
CA ASP E 10 -5.27 -25.44 12.09
C ASP E 10 -5.36 -26.88 12.57
N CYS E 11 -4.73 -27.81 11.84
CA CYS E 11 -4.77 -29.23 12.14
C CYS E 11 -3.37 -29.81 12.32
N ALA E 12 -3.26 -30.84 13.16
CA ALA E 12 -2.01 -31.54 13.48
C ALA E 12 -1.54 -32.45 12.35
N GLU E 13 -0.21 -32.64 12.24
CA GLU E 13 0.41 -33.48 11.23
C GLU E 13 0.37 -34.96 11.66
N GLY E 14 0.39 -35.85 10.66
CA GLY E 14 0.34 -37.29 10.87
C GLY E 14 -1.00 -37.81 11.37
N ARG E 15 -2.07 -37.08 11.04
CA ARG E 15 -3.44 -37.40 11.43
C ARG E 15 -4.38 -37.20 10.24
N ALA E 16 -5.67 -37.52 10.40
CA ALA E 16 -6.66 -37.34 9.33
C ALA E 16 -7.40 -36.01 9.53
N ALA E 17 -7.26 -35.10 8.56
CA ALA E 17 -7.89 -33.77 8.61
C ALA E 17 -9.27 -33.80 7.96
N ASN E 18 -10.31 -33.50 8.76
CA ASN E 18 -11.68 -33.46 8.29
C ASN E 18 -12.08 -32.02 8.04
N LEU E 19 -12.33 -31.69 6.77
CA LEU E 19 -12.70 -30.35 6.34
C LEU E 19 -14.21 -30.27 6.14
N PRO E 20 -14.93 -29.40 6.88
CA PRO E 20 -16.39 -29.34 6.71
C PRO E 20 -16.83 -28.40 5.57
N CYS E 21 -18.05 -28.62 5.08
CA CYS E 21 -18.71 -27.84 4.03
C CYS E 21 -20.22 -27.99 4.19
N ASN E 22 -20.95 -26.87 4.06
CA ASN E 22 -22.40 -26.85 4.15
C ASN E 22 -22.99 -26.36 2.84
N HIS E 23 -24.01 -27.06 2.36
CA HIS E 23 -24.70 -26.77 1.09
C HIS E 23 -26.11 -27.32 1.16
N SER E 24 -26.95 -26.65 1.97
CA SER E 24 -28.33 -27.04 2.23
C SER E 24 -29.24 -26.84 1.02
N THR E 25 -28.98 -25.76 0.25
CA THR E 25 -29.75 -25.37 -0.94
C THR E 25 -29.41 -26.19 -2.20
N ILE E 26 -28.61 -27.29 -2.07
CA ILE E 26 -28.18 -28.14 -3.18
C ILE E 26 -29.41 -28.84 -3.87
N SER E 27 -29.30 -29.08 -5.19
CA SER E 27 -30.35 -29.74 -5.99
C SER E 27 -29.85 -31.10 -6.48
N GLY E 28 -30.80 -32.01 -6.76
CA GLY E 28 -30.55 -33.38 -7.21
C GLY E 28 -29.41 -33.59 -8.18
N ASN E 29 -29.43 -32.85 -9.31
CA ASN E 29 -28.45 -32.95 -10.39
C ASN E 29 -27.10 -32.25 -10.09
N GLU E 30 -26.91 -31.70 -8.88
CA GLU E 30 -25.69 -30.97 -8.56
C GLU E 30 -24.64 -31.82 -7.82
N TYR E 31 -23.39 -31.73 -8.30
CA TYR E 31 -22.16 -32.35 -7.78
C TYR E 31 -21.52 -31.47 -6.71
N VAL E 32 -20.78 -32.10 -5.78
CA VAL E 32 -19.97 -31.42 -4.78
C VAL E 32 -18.53 -31.55 -5.26
N TYR E 33 -17.85 -30.43 -5.51
CA TYR E 33 -16.47 -30.43 -6.01
C TYR E 33 -15.50 -29.87 -4.98
N TRP E 34 -14.29 -30.45 -4.91
CA TRP E 34 -13.23 -29.99 -4.01
C TRP E 34 -11.91 -29.74 -4.77
N TYR E 35 -11.36 -28.53 -4.56
CA TYR E 35 -10.11 -28.03 -5.13
C TYR E 35 -9.22 -27.45 -4.05
N ARG E 36 -7.89 -27.52 -4.23
CA ARG E 36 -6.95 -26.88 -3.31
C ARG E 36 -5.99 -25.98 -4.08
N GLN E 37 -5.56 -24.89 -3.49
CA GLN E 37 -4.55 -24.10 -4.11
C GLN E 37 -3.56 -23.69 -3.09
N ILE E 38 -2.30 -23.67 -3.48
CA ILE E 38 -1.29 -23.18 -2.58
C ILE E 38 -0.62 -21.95 -3.11
N HIS E 39 -0.82 -20.83 -2.43
CA HIS E 39 0.04 -19.71 -2.70
C HIS E 39 -0.09 -19.31 -4.18
N SER E 40 1.05 -19.32 -4.86
CA SER E 40 1.26 -18.94 -6.23
C SER E 40 0.52 -19.81 -7.19
N GLN E 41 0.53 -21.11 -6.91
CA GLN E 41 0.23 -22.12 -7.90
C GLN E 41 -1.20 -22.22 -8.27
N GLY E 42 -1.42 -22.85 -9.42
CA GLY E 42 -2.73 -23.04 -9.97
C GLY E 42 -3.53 -24.03 -9.18
N PRO E 43 -4.83 -23.85 -9.16
CA PRO E 43 -5.69 -24.78 -8.42
C PRO E 43 -5.54 -26.23 -8.83
N GLN E 44 -5.46 -27.10 -7.83
CA GLN E 44 -5.34 -28.55 -7.99
C GLN E 44 -6.66 -29.19 -7.63
N TYR E 45 -7.22 -29.99 -8.56
CA TYR E 45 -8.47 -30.73 -8.35
C TYR E 45 -8.20 -31.84 -7.36
N ILE E 46 -9.16 -32.08 -6.45
CA ILE E 46 -9.03 -33.15 -5.46
C ILE E 46 -9.99 -34.30 -5.81
N ILE E 47 -11.30 -34.11 -5.57
CA ILE E 47 -12.35 -35.12 -5.73
C ILE E 47 -13.74 -34.48 -5.91
N HIS E 48 -14.71 -35.27 -6.40
CA HIS E 48 -16.11 -34.87 -6.56
C HIS E 48 -17.04 -36.09 -6.47
N GLY E 49 -18.23 -35.83 -5.91
CA GLY E 49 -19.28 -36.83 -5.71
C GLY E 49 -20.67 -36.25 -5.85
N LEU E 50 -21.68 -37.14 -5.99
CA LEU E 50 -23.08 -36.74 -6.14
C LEU E 50 -23.87 -37.10 -4.88
N LYS E 51 -24.12 -38.40 -4.63
CA LYS E 51 -24.91 -38.87 -3.49
C LYS E 51 -24.10 -39.78 -2.58
N ASN E 52 -23.43 -40.77 -3.17
CA ASN E 52 -22.61 -41.74 -2.46
C ASN E 52 -21.25 -41.14 -2.10
N ASN E 53 -20.59 -41.71 -1.07
CA ASN E 53 -19.25 -41.32 -0.64
C ASN E 53 -18.24 -41.73 -1.70
N GLU E 54 -17.17 -40.92 -1.84
CA GLU E 54 -16.12 -41.18 -2.82
C GLU E 54 -14.75 -41.21 -2.16
N THR E 55 -13.81 -41.94 -2.77
CA THR E 55 -12.43 -42.07 -2.30
C THR E 55 -11.50 -41.96 -3.48
N ASN E 56 -10.37 -41.30 -3.25
CA ASN E 56 -9.30 -41.02 -4.20
C ASN E 56 -7.99 -41.57 -3.65
N GLU E 57 -6.88 -41.30 -4.34
CA GLU E 57 -5.53 -41.65 -3.90
C GLU E 57 -4.96 -40.43 -3.16
N MET E 58 -5.77 -39.36 -3.07
CA MET E 58 -5.46 -38.06 -2.47
C MET E 58 -6.27 -37.79 -1.20
N ALA E 59 -7.61 -38.00 -1.25
CA ALA E 59 -8.54 -37.76 -0.16
C ALA E 59 -9.86 -38.56 -0.30
N SER E 60 -10.73 -38.50 0.72
CA SER E 60 -12.02 -39.17 0.73
C SER E 60 -13.14 -38.16 0.99
N LEU E 61 -14.24 -38.26 0.24
CA LEU E 61 -15.40 -37.37 0.36
C LEU E 61 -16.59 -38.11 0.96
N ILE E 62 -17.16 -37.57 2.06
CA ILE E 62 -18.30 -38.19 2.74
C ILE E 62 -19.49 -37.21 2.73
N ILE E 63 -20.46 -37.48 1.84
CA ILE E 63 -21.68 -36.68 1.71
C ILE E 63 -22.76 -37.30 2.62
N THR E 64 -23.40 -36.48 3.46
CA THR E 64 -24.46 -36.90 4.39
C THR E 64 -25.67 -37.43 3.61
N GLU E 65 -26.52 -38.26 4.27
CA GLU E 65 -27.72 -38.84 3.65
C GLU E 65 -28.65 -37.73 3.15
N ASP E 66 -28.86 -36.69 3.99
CA ASP E 66 -29.68 -35.51 3.72
C ASP E 66 -29.12 -34.65 2.57
N ARG E 67 -27.82 -34.86 2.19
CA ARG E 67 -27.08 -34.20 1.11
C ARG E 67 -26.83 -32.69 1.36
N LYS E 68 -27.28 -32.17 2.52
CA LYS E 68 -27.20 -30.76 2.89
C LYS E 68 -25.79 -30.34 3.41
N SER E 69 -24.85 -31.30 3.53
CA SER E 69 -23.46 -31.07 3.95
C SER E 69 -22.55 -32.21 3.51
N SER E 70 -21.22 -31.96 3.49
CA SER E 70 -20.20 -32.94 3.11
C SER E 70 -18.90 -32.66 3.89
N THR E 71 -17.99 -33.64 3.89
CA THR E 71 -16.71 -33.54 4.60
C THR E 71 -15.60 -34.10 3.72
N LEU E 72 -14.49 -33.37 3.61
CA LEU E 72 -13.31 -33.82 2.89
C LEU E 72 -12.32 -34.35 3.91
N ILE E 73 -11.84 -35.59 3.69
CA ILE E 73 -10.91 -36.23 4.63
C ILE E 73 -9.56 -36.46 3.96
N LEU E 74 -8.51 -35.81 4.50
CA LEU E 74 -7.13 -36.00 4.05
C LEU E 74 -6.55 -37.13 4.93
N PRO E 75 -6.24 -38.31 4.33
CA PRO E 75 -5.82 -39.49 5.13
C PRO E 75 -4.67 -39.29 6.13
N HIS E 76 -3.59 -38.65 5.69
CA HIS E 76 -2.41 -38.41 6.49
C HIS E 76 -1.98 -37.00 6.19
N ALA E 77 -2.30 -36.07 7.10
CA ALA E 77 -2.02 -34.65 6.97
C ALA E 77 -0.52 -34.40 7.11
N THR E 78 0.07 -33.79 6.08
CA THR E 78 1.49 -33.45 6.04
C THR E 78 1.64 -31.97 5.71
N LEU E 79 2.87 -31.45 5.77
CA LEU E 79 3.17 -30.04 5.46
C LEU E 79 2.77 -29.67 4.03
N ARG E 80 2.88 -30.63 3.08
CA ARG E 80 2.53 -30.53 1.65
C ARG E 80 1.02 -30.29 1.43
N ASP E 81 0.21 -30.48 2.48
CA ASP E 81 -1.23 -30.30 2.40
C ASP E 81 -1.66 -28.88 2.82
N THR E 82 -0.73 -28.02 3.33
CA THR E 82 -1.04 -26.64 3.72
C THR E 82 -1.40 -25.86 2.46
N ALA E 83 -2.71 -25.53 2.33
CA ALA E 83 -3.30 -24.83 1.18
C ALA E 83 -4.66 -24.23 1.56
N VAL E 84 -5.37 -23.65 0.56
CA VAL E 84 -6.72 -23.13 0.70
C VAL E 84 -7.64 -24.18 0.05
N TYR E 85 -8.65 -24.64 0.78
CA TYR E 85 -9.53 -25.69 0.26
C TYR E 85 -10.90 -25.13 -0.11
N TYR E 86 -11.27 -25.30 -1.40
CA TYR E 86 -12.51 -24.80 -1.98
C TYR E 86 -13.50 -25.93 -2.24
N CYS E 87 -14.71 -25.77 -1.70
CA CYS E 87 -15.87 -26.66 -1.81
C CYS E 87 -16.88 -25.96 -2.71
N ILE E 88 -17.18 -26.54 -3.89
CA ILE E 88 -18.07 -25.92 -4.89
C ILE E 88 -19.27 -26.84 -5.22
N VAL E 89 -20.41 -26.21 -5.55
CA VAL E 89 -21.64 -26.91 -5.95
C VAL E 89 -21.97 -26.54 -7.42
N LEU E 90 -21.96 -27.56 -8.30
CA LEU E 90 -22.27 -27.45 -9.74
C LEU E 90 -23.07 -28.69 -10.17
N GLY E 91 -24.12 -28.57 -10.99
CA GLY E 91 -24.63 -27.33 -11.57
C GLY E 91 -25.11 -27.54 -13.01
N GLY E 92 -25.47 -26.43 -13.65
CA GLY E 92 -25.93 -26.43 -15.02
C GLY E 92 -24.80 -25.96 -15.91
N ALA E 93 -25.03 -24.84 -16.62
CA ALA E 93 -24.01 -24.21 -17.47
C ALA E 93 -23.48 -22.95 -16.76
N ASP E 94 -23.59 -22.94 -15.41
CA ASP E 94 -23.21 -21.85 -14.48
C ASP E 94 -21.71 -21.52 -14.54
N GLY E 95 -20.86 -22.42 -14.06
CA GLY E 95 -19.43 -22.17 -14.04
C GLY E 95 -18.75 -22.16 -12.71
N LEU E 96 -17.43 -22.04 -12.71
CA LEU E 96 -16.64 -22.25 -11.53
C LEU E 96 -16.45 -20.97 -10.76
N THR E 97 -16.88 -20.97 -9.51
CA THR E 97 -16.71 -19.82 -8.66
C THR E 97 -16.08 -20.30 -7.41
N PHE E 98 -15.03 -19.63 -6.97
CA PHE E 98 -14.34 -20.06 -5.81
C PHE E 98 -14.73 -19.19 -4.67
N GLY E 99 -15.27 -19.80 -3.64
CA GLY E 99 -15.69 -19.07 -2.46
C GLY E 99 -14.52 -18.68 -1.62
N LYS E 100 -14.78 -18.18 -0.43
CA LYS E 100 -13.73 -17.73 0.44
C LYS E 100 -12.81 -18.87 0.81
N GLY E 101 -13.41 -20.03 1.02
CA GLY E 101 -12.64 -21.23 1.22
C GLY E 101 -12.18 -21.36 2.62
N THR E 102 -11.40 -22.41 2.89
CA THR E 102 -10.85 -22.65 4.20
C THR E 102 -9.39 -22.70 4.03
N HIS E 103 -8.64 -21.97 4.83
CA HIS E 103 -7.21 -22.01 4.74
C HIS E 103 -6.70 -22.85 5.84
N LEU E 104 -6.07 -23.95 5.48
CA LEU E 104 -5.75 -24.94 6.45
C LEU E 104 -4.29 -25.04 6.52
N ILE E 105 -3.78 -24.88 7.72
CA ILE E 105 -2.37 -24.88 7.99
C ILE E 105 -2.13 -26.12 8.78
N ILE E 106 -1.06 -26.83 8.47
CA ILE E 106 -0.76 -28.06 9.18
C ILE E 106 0.38 -27.85 10.11
N GLN E 107 0.20 -28.21 11.37
CA GLN E 107 1.14 -27.91 12.41
C GLN E 107 2.04 -29.05 12.68
N PRO E 108 3.39 -28.72 12.75
CA PRO E 108 4.24 -29.83 13.14
C PRO E 108 4.10 -30.11 14.61
N TYR E 109 4.57 -31.25 15.06
CA TYR E 109 4.55 -31.58 16.46
C TYR E 109 5.95 -31.48 16.96
N ILE E 110 6.16 -30.70 18.01
CA ILE E 110 7.50 -30.57 18.58
C ILE E 110 7.58 -31.37 19.84
N GLN E 111 8.43 -32.38 19.84
CA GLN E 111 8.56 -33.27 20.98
C GLN E 111 9.13 -32.62 22.24
N ASN E 112 10.13 -31.78 22.04
CA ASN E 112 10.80 -31.01 23.09
C ASN E 112 11.08 -29.57 22.62
N PRO E 113 10.17 -28.61 22.90
CA PRO E 113 10.39 -27.23 22.44
C PRO E 113 11.40 -26.48 23.29
N ASP E 114 12.31 -25.75 22.63
CA ASP E 114 13.37 -24.94 23.24
C ASP E 114 13.31 -23.49 22.69
N PRO E 115 12.28 -22.68 23.06
CA PRO E 115 12.17 -21.32 22.50
C PRO E 115 13.39 -20.46 22.80
N ALA E 116 13.90 -19.75 21.77
CA ALA E 116 15.09 -18.89 21.87
C ALA E 116 15.16 -17.85 20.76
N VAL E 117 15.75 -16.68 21.08
CA VAL E 117 15.97 -15.57 20.14
C VAL E 117 17.49 -15.41 19.98
N TYR E 118 18.03 -15.88 18.83
CA TYR E 118 19.46 -15.84 18.53
C TYR E 118 19.80 -14.71 17.55
N GLN E 119 21.03 -14.17 17.67
CA GLN E 119 21.55 -13.10 16.80
C GLN E 119 22.63 -13.67 15.85
N LEU E 120 22.37 -13.60 14.54
CA LEU E 120 23.28 -14.12 13.50
C LEU E 120 24.06 -12.98 12.84
N ARG E 121 25.40 -13.00 12.96
CA ARG E 121 26.29 -12.00 12.37
C ARG E 121 26.38 -12.19 10.85
N ASP E 122 26.66 -11.10 10.10
CA ASP E 122 26.77 -11.12 8.64
C ASP E 122 27.99 -11.92 8.16
N SER E 123 27.84 -12.67 7.04
CA SER E 123 28.89 -13.49 6.44
C SER E 123 30.06 -12.65 5.87
N ASP E 127 24.99 -6.50 9.81
CA ASP E 127 24.78 -5.25 9.11
C ASP E 127 23.98 -5.49 7.80
N LYS E 128 22.62 -5.52 7.85
CA LYS E 128 21.75 -5.33 9.02
C LYS E 128 21.58 -6.64 9.80
N SER E 129 21.95 -6.62 11.10
CA SER E 129 21.88 -7.77 12.02
C SER E 129 20.47 -8.36 12.08
N VAL E 130 20.39 -9.72 12.11
CA VAL E 130 19.13 -10.46 12.14
C VAL E 130 18.91 -11.17 13.49
N CYS E 131 17.65 -11.25 13.93
CA CYS E 131 17.22 -11.96 15.13
C CYS E 131 16.31 -13.10 14.71
N LEU E 132 16.59 -14.31 15.18
CA LEU E 132 15.82 -15.49 14.81
C LEU E 132 15.12 -16.10 16.02
N PHE E 133 13.79 -16.28 15.92
CA PHE E 133 12.96 -16.93 16.93
C PHE E 133 12.75 -18.34 16.44
N THR E 134 13.29 -19.35 17.17
CA THR E 134 13.25 -20.74 16.73
C THR E 134 12.90 -21.71 17.88
N ASP E 135 12.69 -23.00 17.52
CA ASP E 135 12.39 -24.17 18.37
C ASP E 135 11.20 -23.93 19.33
N PHE E 136 10.25 -23.06 18.96
CA PHE E 136 9.08 -22.78 19.78
C PHE E 136 7.93 -23.71 19.43
N ASP E 137 6.98 -23.88 20.38
CA ASP E 137 5.78 -24.69 20.27
C ASP E 137 4.86 -24.14 19.18
N SER E 138 4.15 -25.03 18.45
CA SER E 138 3.22 -24.65 17.37
C SER E 138 2.02 -23.83 17.89
N GLN E 139 1.72 -23.95 19.21
CA GLN E 139 0.65 -23.24 19.91
C GLN E 139 0.90 -21.72 19.94
N THR E 140 2.17 -21.30 20.17
CA THR E 140 2.55 -19.89 20.24
C THR E 140 2.56 -19.27 18.83
N ASN E 141 1.89 -18.11 18.67
CA ASN E 141 1.76 -17.37 17.42
C ASN E 141 2.57 -16.08 17.43
N VAL E 142 3.12 -15.68 16.26
CA VAL E 142 3.91 -14.44 16.09
C VAL E 142 3.05 -13.35 15.42
N SER E 143 3.36 -12.08 15.71
CA SER E 143 2.68 -10.91 15.16
C SER E 143 3.67 -9.81 14.80
N GLN E 144 3.43 -9.11 13.67
CA GLN E 144 4.25 -8.03 13.12
C GLN E 144 4.50 -6.91 14.13
N SER E 145 5.72 -6.34 14.14
CA SER E 145 6.13 -5.29 15.07
C SER E 145 5.38 -3.97 14.86
N LYS E 146 5.32 -3.16 15.92
CA LYS E 146 4.68 -1.85 15.93
C LYS E 146 5.53 -0.82 15.18
N ASP E 147 6.88 -0.92 15.27
CA ASP E 147 7.82 -0.01 14.59
C ASP E 147 7.87 -0.36 13.10
N SER E 148 7.71 0.65 12.24
CA SER E 148 7.68 0.51 10.78
C SER E 148 9.06 0.18 10.16
N ASP E 149 10.16 0.42 10.91
CA ASP E 149 11.53 0.20 10.42
C ASP E 149 12.16 -1.12 10.94
N VAL E 150 11.34 -2.03 11.53
CA VAL E 150 11.76 -3.36 11.98
C VAL E 150 10.77 -4.37 11.35
N TYR E 151 11.32 -5.30 10.54
CA TYR E 151 10.56 -6.29 9.78
C TYR E 151 10.62 -7.67 10.41
N ILE E 152 9.42 -8.26 10.65
CA ILE E 152 9.25 -9.60 11.23
C ILE E 152 8.45 -10.44 10.23
N THR E 153 8.99 -11.60 9.84
CA THR E 153 8.34 -12.53 8.91
C THR E 153 7.45 -13.48 9.70
N ASP E 154 6.41 -14.04 9.04
CA ASP E 154 5.51 -14.99 9.69
C ASP E 154 6.25 -16.30 9.97
N LYS E 155 5.86 -17.00 11.05
CA LYS E 155 6.45 -18.26 11.50
C LYS E 155 6.35 -19.29 10.39
N CYS E 156 7.48 -19.90 10.01
CA CYS E 156 7.48 -20.89 8.95
C CYS E 156 8.21 -22.15 9.41
N VAL E 157 7.62 -23.30 9.06
CA VAL E 157 8.09 -24.62 9.49
C VAL E 157 9.18 -25.17 8.57
N LEU E 158 10.30 -25.50 9.21
CA LEU E 158 11.54 -26.08 8.70
C LEU E 158 11.47 -27.59 8.91
N ASP E 159 11.88 -28.40 7.93
CA ASP E 159 11.84 -29.86 8.08
C ASP E 159 13.18 -30.49 7.70
N MET E 160 13.91 -30.98 8.71
CA MET E 160 15.18 -31.68 8.53
C MET E 160 14.89 -33.17 8.47
N ARG E 161 14.54 -33.65 7.26
CA ARG E 161 14.16 -35.02 6.92
C ARG E 161 15.10 -36.11 7.47
N SER E 162 16.44 -35.86 7.48
CA SER E 162 17.45 -36.81 7.97
C SER E 162 17.24 -37.15 9.45
N MET E 163 17.35 -36.15 10.33
CA MET E 163 17.20 -36.26 11.78
C MET E 163 15.75 -36.53 12.22
N ASP E 164 14.77 -36.30 11.32
CA ASP E 164 13.31 -36.40 11.55
C ASP E 164 12.95 -35.36 12.63
N PHE E 165 13.29 -34.10 12.34
CA PHE E 165 13.08 -32.96 13.23
C PHE E 165 12.44 -31.82 12.47
N LYS E 166 11.35 -31.31 13.01
CA LYS E 166 10.60 -30.18 12.45
C LYS E 166 10.67 -29.02 13.42
N SER E 167 10.98 -27.82 12.93
CA SER E 167 11.09 -26.64 13.79
C SER E 167 10.37 -25.43 13.21
N ASN E 168 9.75 -24.63 14.10
CA ASN E 168 9.06 -23.40 13.74
C ASN E 168 10.02 -22.24 13.88
N SER E 169 9.99 -21.26 12.96
CA SER E 169 10.91 -20.11 13.04
C SER E 169 10.40 -18.85 12.32
N ALA E 170 10.66 -17.70 12.95
CA ALA E 170 10.35 -16.36 12.45
C ALA E 170 11.61 -15.49 12.54
N VAL E 171 11.90 -14.72 11.48
CA VAL E 171 13.10 -13.87 11.41
C VAL E 171 12.70 -12.39 11.58
N ALA E 172 13.51 -11.62 12.33
CA ALA E 172 13.31 -10.19 12.55
C ALA E 172 14.60 -9.42 12.35
N TRP E 173 14.61 -8.46 11.40
CA TRP E 173 15.76 -7.61 11.11
C TRP E 173 15.36 -6.15 11.03
N SER E 174 16.32 -5.25 11.29
CA SER E 174 16.12 -3.80 11.25
C SER E 174 17.42 -3.09 10.90
N ASN E 175 17.30 -2.03 10.09
CA ASN E 175 18.42 -1.17 9.67
C ASN E 175 18.73 -0.13 10.76
N LYS E 176 17.92 -0.10 11.84
CA LYS E 176 18.02 0.78 13.01
C LYS E 176 19.28 0.49 13.82
N SER E 177 19.89 1.56 14.39
CA SER E 177 21.09 1.46 15.22
C SER E 177 20.76 0.92 16.62
N ASP E 178 19.68 1.44 17.24
CA ASP E 178 19.21 1.07 18.58
C ASP E 178 18.51 -0.30 18.62
N PHE E 179 18.46 -1.04 17.49
CA PHE E 179 17.80 -2.34 17.38
C PHE E 179 18.55 -3.45 18.13
N ALA E 180 17.81 -4.21 18.95
CA ALA E 180 18.29 -5.33 19.75
C ALA E 180 17.27 -6.46 19.76
N CYS E 181 17.75 -7.72 19.87
CA CYS E 181 16.93 -8.93 19.85
C CYS E 181 16.06 -9.08 21.11
N ALA E 182 16.50 -8.55 22.27
CA ALA E 182 15.78 -8.63 23.54
C ALA E 182 14.37 -7.97 23.50
N ASN E 183 14.20 -6.93 22.66
CA ASN E 183 12.94 -6.21 22.52
C ASN E 183 12.29 -6.41 21.14
N ALA E 184 12.94 -7.21 20.26
CA ALA E 184 12.48 -7.49 18.89
C ALA E 184 11.17 -8.26 18.87
N PHE E 185 11.07 -9.32 19.69
CA PHE E 185 9.87 -10.16 19.77
C PHE E 185 9.06 -9.88 21.06
N ASN E 186 9.23 -8.68 21.63
CA ASN E 186 8.50 -8.21 22.81
C ASN E 186 7.03 -7.94 22.45
N ASN E 187 6.75 -7.71 21.15
CA ASN E 187 5.41 -7.45 20.59
C ASN E 187 4.53 -8.71 20.66
N SER E 188 5.14 -9.89 20.46
CA SER E 188 4.43 -11.17 20.46
C SER E 188 4.45 -11.87 21.84
N ILE E 189 3.62 -12.93 21.98
CA ILE E 189 3.44 -13.72 23.20
C ILE E 189 4.51 -14.84 23.32
N ILE E 190 5.79 -14.44 23.48
CA ILE E 190 6.89 -15.38 23.67
C ILE E 190 6.80 -15.94 25.11
N PRO E 191 7.01 -17.27 25.33
CA PRO E 191 6.88 -17.82 26.69
C PRO E 191 7.92 -17.30 27.70
N GLU E 192 7.70 -17.57 29.00
CA GLU E 192 8.61 -17.15 30.09
C GLU E 192 9.90 -18.00 30.12
N ASP E 193 9.94 -19.08 29.32
CA ASP E 193 11.06 -20.00 29.20
C ASP E 193 12.01 -19.67 28.02
N THR E 194 11.64 -18.66 27.17
CA THR E 194 12.42 -18.22 26.00
C THR E 194 13.87 -17.93 26.39
N PHE E 195 14.83 -18.43 25.60
CA PHE E 195 16.27 -18.28 25.88
C PHE E 195 16.84 -17.04 25.19
N PHE E 196 17.29 -16.07 26.00
CA PHE E 196 17.91 -14.83 25.54
C PHE E 196 19.39 -14.78 25.96
N PRO E 197 20.33 -15.04 25.01
CA PRO E 197 21.77 -15.01 25.36
C PRO E 197 22.31 -13.60 25.49
N GLY F 2 -0.47 -32.63 -18.45
CA GLY F 2 -1.48 -31.67 -18.03
C GLY F 2 -1.50 -30.38 -18.83
N VAL F 3 -2.05 -29.31 -18.23
CA VAL F 3 -2.14 -28.00 -18.87
C VAL F 3 -0.80 -27.26 -18.68
N SER F 4 -0.31 -26.63 -19.75
CA SER F 4 0.93 -25.85 -19.77
C SER F 4 0.63 -24.40 -20.11
N GLN F 5 1.33 -23.46 -19.47
CA GLN F 5 1.16 -22.02 -19.71
C GLN F 5 2.51 -21.34 -19.94
N SER F 6 2.54 -20.38 -20.87
CA SER F 6 3.76 -19.65 -21.20
C SER F 6 3.45 -18.19 -21.59
N PRO F 7 4.24 -17.21 -21.07
CA PRO F 7 5.37 -17.37 -20.15
C PRO F 7 4.92 -17.63 -18.70
N SER F 8 5.83 -18.16 -17.86
CA SER F 8 5.54 -18.41 -16.44
C SER F 8 5.55 -17.07 -15.66
N ASN F 9 6.40 -16.13 -16.13
CA ASN F 9 6.56 -14.77 -15.60
C ASN F 9 6.56 -13.76 -16.75
N LYS F 10 5.93 -12.59 -16.53
CA LYS F 10 5.88 -11.52 -17.52
C LYS F 10 5.89 -10.17 -16.81
N VAL F 11 7.03 -9.47 -16.92
CA VAL F 11 7.28 -8.15 -16.34
C VAL F 11 7.33 -7.19 -17.53
N THR F 12 6.20 -6.52 -17.81
CA THR F 12 6.05 -5.63 -18.97
C THR F 12 5.79 -4.18 -18.55
N GLU F 13 6.15 -3.22 -19.43
CA GLU F 13 5.93 -1.79 -19.24
C GLU F 13 4.51 -1.43 -19.72
N LYS F 14 3.87 -0.41 -19.11
CA LYS F 14 2.52 0.00 -19.47
C LYS F 14 2.45 0.50 -20.93
N GLY F 15 1.35 0.17 -21.60
CA GLY F 15 1.12 0.56 -22.98
C GLY F 15 1.53 -0.49 -24.00
N LYS F 16 2.33 -1.49 -23.57
CA LYS F 16 2.80 -2.59 -24.42
C LYS F 16 1.77 -3.73 -24.45
N ASP F 17 1.80 -4.55 -25.50
CA ASP F 17 0.88 -5.69 -25.68
C ASP F 17 1.52 -6.98 -25.18
N VAL F 18 0.71 -7.89 -24.57
CA VAL F 18 1.20 -9.18 -24.05
C VAL F 18 0.36 -10.34 -24.61
N GLU F 19 1.04 -11.40 -25.05
CA GLU F 19 0.43 -12.61 -25.60
C GLU F 19 0.71 -13.78 -24.67
N LEU F 20 -0.35 -14.34 -24.06
CA LEU F 20 -0.25 -15.44 -23.11
C LEU F 20 -0.80 -16.72 -23.71
N ARG F 21 0.05 -17.75 -23.81
CA ARG F 21 -0.26 -19.04 -24.43
C ARG F 21 -0.70 -20.06 -23.38
N CYS F 22 -1.55 -21.02 -23.81
CA CYS F 22 -2.06 -22.12 -23.00
C CYS F 22 -2.31 -23.34 -23.87
N ASP F 23 -1.62 -24.46 -23.56
CA ASP F 23 -1.77 -25.75 -24.23
C ASP F 23 -2.64 -26.64 -23.34
N PRO F 24 -3.85 -27.04 -23.79
CA PRO F 24 -4.71 -27.86 -22.94
C PRO F 24 -4.30 -29.34 -22.93
N ILE F 25 -4.98 -30.15 -22.08
CA ILE F 25 -4.75 -31.60 -21.95
C ILE F 25 -5.14 -32.25 -23.28
N SER F 26 -4.28 -33.14 -23.81
CA SER F 26 -4.53 -33.82 -25.08
C SER F 26 -5.89 -34.54 -25.06
N GLY F 27 -6.82 -34.01 -25.88
CA GLY F 27 -8.18 -34.52 -26.00
C GLY F 27 -9.25 -33.58 -25.50
N HIS F 28 -8.88 -32.61 -24.65
CA HIS F 28 -9.81 -31.65 -24.06
C HIS F 28 -10.22 -30.57 -25.08
N THR F 29 -11.51 -30.57 -25.44
CA THR F 29 -12.11 -29.67 -26.43
C THR F 29 -12.54 -28.34 -25.83
N ALA F 30 -12.80 -28.30 -24.51
CA ALA F 30 -13.19 -27.08 -23.81
C ALA F 30 -11.96 -26.43 -23.16
N LEU F 31 -11.88 -25.10 -23.22
CA LEU F 31 -10.79 -24.31 -22.63
C LEU F 31 -11.38 -23.12 -21.90
N TYR F 32 -10.82 -22.81 -20.72
CA TYR F 32 -11.28 -21.73 -19.84
C TYR F 32 -10.11 -20.83 -19.45
N TRP F 33 -10.32 -19.51 -19.57
CA TRP F 33 -9.32 -18.49 -19.20
C TRP F 33 -9.80 -17.76 -17.96
N TYR F 34 -8.96 -17.77 -16.92
CA TYR F 34 -9.26 -17.12 -15.64
C TYR F 34 -8.20 -16.07 -15.29
N ARG F 35 -8.47 -15.31 -14.22
CA ARG F 35 -7.64 -14.25 -13.68
C ARG F 35 -7.71 -14.31 -12.17
N GLN F 36 -6.58 -14.08 -11.49
CA GLN F 36 -6.52 -14.11 -10.02
C GLN F 36 -5.48 -13.14 -9.47
N SER F 37 -5.84 -12.38 -8.44
CA SER F 37 -4.94 -11.44 -7.79
C SER F 37 -4.77 -11.81 -6.33
N LEU F 38 -3.51 -11.78 -5.82
CA LEU F 38 -3.20 -12.09 -4.42
C LEU F 38 -3.90 -11.07 -3.54
N GLY F 39 -4.92 -11.54 -2.83
CA GLY F 39 -5.78 -10.72 -1.99
C GLY F 39 -7.20 -10.68 -2.52
N GLN F 40 -7.62 -11.80 -3.15
CA GLN F 40 -8.95 -12.08 -3.74
C GLN F 40 -8.95 -13.46 -4.44
N GLY F 41 -10.11 -13.86 -4.96
CA GLY F 41 -10.31 -15.16 -5.60
C GLY F 41 -10.23 -15.21 -7.10
N LEU F 42 -10.81 -16.28 -7.66
CA LEU F 42 -10.83 -16.58 -9.09
C LEU F 42 -11.86 -15.74 -9.84
N GLU F 43 -11.47 -15.24 -11.02
CA GLU F 43 -12.29 -14.41 -11.89
C GLU F 43 -12.33 -15.00 -13.29
N PHE F 44 -13.52 -15.35 -13.77
CA PHE F 44 -13.72 -15.93 -15.10
C PHE F 44 -13.63 -14.84 -16.17
N LEU F 45 -12.97 -15.15 -17.30
CA LEU F 45 -12.80 -14.20 -18.39
C LEU F 45 -13.49 -14.68 -19.68
N ILE F 46 -13.15 -15.90 -20.17
CA ILE F 46 -13.72 -16.46 -21.40
C ILE F 46 -13.54 -17.99 -21.45
N TYR F 47 -14.37 -18.67 -22.25
CA TYR F 47 -14.29 -20.12 -22.47
C TYR F 47 -14.46 -20.44 -23.95
N PHE F 48 -13.78 -21.49 -24.41
CA PHE F 48 -13.83 -21.98 -25.78
C PHE F 48 -14.37 -23.40 -25.83
N GLN F 49 -15.29 -23.66 -26.77
CA GLN F 49 -15.83 -24.99 -27.05
C GLN F 49 -15.51 -25.28 -28.51
N GLY F 50 -14.42 -26.01 -28.69
CA GLY F 50 -13.87 -26.32 -30.00
C GLY F 50 -12.90 -25.22 -30.36
N ASN F 51 -13.35 -24.27 -31.18
CA ASN F 51 -12.54 -23.15 -31.62
C ASN F 51 -13.32 -21.82 -31.52
N SER F 52 -14.58 -21.88 -31.06
CA SER F 52 -15.45 -20.70 -30.95
C SER F 52 -15.75 -20.32 -29.50
N ALA F 53 -15.61 -19.00 -29.21
CA ALA F 53 -15.91 -18.39 -27.93
C ALA F 53 -17.07 -17.40 -28.12
N PRO F 54 -18.34 -17.89 -28.06
CA PRO F 54 -19.48 -16.98 -28.30
C PRO F 54 -19.68 -15.97 -27.17
N ASP F 55 -19.37 -16.38 -25.93
CA ASP F 55 -19.50 -15.56 -24.72
C ASP F 55 -18.29 -14.61 -24.60
N LYS F 56 -18.39 -13.41 -25.21
CA LYS F 56 -17.34 -12.40 -25.19
C LYS F 56 -17.45 -11.49 -23.96
N SER F 57 -18.38 -11.83 -23.04
CA SER F 57 -18.59 -11.15 -21.77
C SER F 57 -17.56 -11.68 -20.76
N GLY F 58 -17.48 -11.06 -19.59
CA GLY F 58 -16.51 -11.46 -18.57
C GLY F 58 -15.18 -10.77 -18.76
N LEU F 59 -14.83 -10.48 -20.02
CA LEU F 59 -13.62 -9.77 -20.41
C LEU F 59 -13.65 -8.35 -19.85
N PRO F 60 -12.55 -7.88 -19.21
CA PRO F 60 -12.57 -6.55 -18.59
C PRO F 60 -12.76 -5.39 -19.56
N SER F 61 -12.07 -5.40 -20.72
CA SER F 61 -12.16 -4.33 -21.71
C SER F 61 -12.00 -4.86 -23.14
N ASP F 62 -12.07 -3.95 -24.13
CA ASP F 62 -11.89 -4.26 -25.55
C ASP F 62 -10.43 -4.65 -25.85
N ARG F 63 -9.53 -4.31 -24.92
CA ARG F 63 -8.09 -4.60 -24.95
C ARG F 63 -7.83 -6.11 -24.83
N PHE F 64 -8.72 -6.81 -24.10
CA PHE F 64 -8.66 -8.25 -23.88
C PHE F 64 -9.29 -8.99 -25.06
N SER F 65 -8.54 -9.96 -25.61
CA SER F 65 -8.94 -10.78 -26.76
C SER F 65 -8.37 -12.19 -26.66
N ALA F 66 -9.19 -13.20 -26.97
CA ALA F 66 -8.79 -14.59 -26.94
C ALA F 66 -8.89 -15.22 -28.33
N GLU F 67 -7.89 -16.04 -28.65
CA GLU F 67 -7.81 -16.75 -29.92
C GLU F 67 -7.52 -18.24 -29.77
N ARG F 68 -8.38 -19.05 -30.37
CA ARG F 68 -8.13 -20.46 -30.53
C ARG F 68 -8.53 -20.87 -31.93
N THR F 69 -7.75 -20.48 -32.91
CA THR F 69 -7.97 -20.86 -34.30
C THR F 69 -7.84 -22.34 -34.50
N GLY F 70 -6.81 -22.90 -33.88
CA GLY F 70 -6.46 -24.30 -34.05
C GLY F 70 -7.56 -25.19 -33.56
N GLY F 71 -8.21 -24.76 -32.51
CA GLY F 71 -9.19 -25.56 -31.83
C GLY F 71 -8.52 -26.44 -30.80
N SER F 72 -7.21 -26.32 -30.68
CA SER F 72 -6.49 -27.04 -29.67
C SER F 72 -5.96 -26.01 -28.71
N VAL F 73 -4.81 -25.45 -29.04
CA VAL F 73 -4.14 -24.44 -28.25
C VAL F 73 -4.87 -23.13 -28.32
N SER F 74 -4.64 -22.27 -27.35
CA SER F 74 -5.29 -20.97 -27.31
C SER F 74 -4.37 -19.90 -26.77
N THR F 75 -4.69 -18.65 -27.08
CA THR F 75 -3.85 -17.51 -26.71
C THR F 75 -4.70 -16.30 -26.30
N LEU F 76 -4.35 -15.68 -25.15
CA LEU F 76 -5.02 -14.48 -24.64
C LEU F 76 -4.09 -13.29 -24.83
N THR F 77 -4.60 -12.23 -25.50
CA THR F 77 -3.85 -11.01 -25.78
C THR F 77 -4.46 -9.83 -25.00
N ILE F 78 -3.60 -8.98 -24.43
CA ILE F 78 -3.96 -7.77 -23.69
C ILE F 78 -3.21 -6.60 -24.34
N GLN F 79 -3.85 -5.90 -25.28
CA GLN F 79 -3.20 -4.78 -25.97
C GLN F 79 -3.25 -3.50 -25.13
N ARG F 80 -2.12 -2.75 -25.09
CA ARG F 80 -1.92 -1.50 -24.33
C ARG F 80 -2.23 -1.74 -22.84
N THR F 81 -1.36 -2.52 -22.16
CA THR F 81 -1.47 -2.93 -20.76
C THR F 81 -1.43 -1.76 -19.77
N GLN F 82 -2.15 -1.94 -18.66
CA GLN F 82 -2.29 -1.02 -17.53
C GLN F 82 -2.06 -1.80 -16.23
N GLN F 83 -1.75 -1.10 -15.12
CA GLN F 83 -1.49 -1.69 -13.79
C GLN F 83 -2.68 -2.55 -13.28
N GLU F 84 -3.91 -2.27 -13.77
CA GLU F 84 -5.16 -2.98 -13.45
C GLU F 84 -5.10 -4.44 -13.88
N ASP F 85 -4.38 -4.73 -14.99
CA ASP F 85 -4.22 -6.05 -15.59
C ASP F 85 -3.25 -6.94 -14.82
N SER F 86 -2.35 -6.35 -13.99
CA SER F 86 -1.39 -7.09 -13.16
C SER F 86 -2.12 -8.10 -12.27
N ALA F 87 -1.99 -9.39 -12.62
CA ALA F 87 -2.63 -10.52 -11.94
C ALA F 87 -2.06 -11.86 -12.45
N VAL F 88 -2.50 -12.99 -11.85
CA VAL F 88 -2.10 -14.33 -12.27
C VAL F 88 -3.18 -14.84 -13.23
N TYR F 89 -2.79 -15.05 -14.49
CA TYR F 89 -3.70 -15.51 -15.50
C TYR F 89 -3.63 -17.03 -15.55
N LEU F 90 -4.73 -17.67 -15.14
CA LEU F 90 -4.86 -19.10 -15.04
C LEU F 90 -5.67 -19.66 -16.20
N CYS F 91 -5.29 -20.84 -16.66
CA CYS F 91 -5.92 -21.51 -17.77
C CYS F 91 -6.33 -22.90 -17.36
N ALA F 92 -7.59 -23.26 -17.61
CA ALA F 92 -8.15 -24.57 -17.28
C ALA F 92 -8.75 -25.23 -18.51
N SER F 93 -8.78 -26.56 -18.54
CA SER F 93 -9.37 -27.28 -19.66
C SER F 93 -10.08 -28.54 -19.21
N SER F 94 -11.37 -28.66 -19.61
CA SER F 94 -12.19 -29.83 -19.35
C SER F 94 -12.37 -30.56 -20.68
N PHE F 95 -12.76 -31.82 -20.65
CA PHE F 95 -12.86 -32.58 -21.87
C PHE F 95 -13.88 -31.99 -22.77
N ARG F 96 -15.04 -31.75 -22.18
CA ARG F 96 -16.17 -31.21 -22.88
C ARG F 96 -16.73 -30.17 -21.94
N PHE F 97 -17.45 -29.20 -22.46
CA PHE F 97 -17.96 -28.13 -21.62
C PHE F 97 -18.86 -28.78 -20.58
N THR F 98 -18.75 -28.30 -19.35
CA THR F 98 -19.46 -28.84 -18.19
C THR F 98 -18.73 -29.98 -17.50
N ASP F 99 -17.57 -30.36 -18.00
CA ASP F 99 -16.83 -31.47 -17.44
C ASP F 99 -15.76 -30.99 -16.48
N THR F 100 -15.13 -31.90 -15.75
CA THR F 100 -14.20 -31.50 -14.74
C THR F 100 -13.02 -30.76 -15.33
N GLN F 101 -12.71 -29.62 -14.73
CA GLN F 101 -11.67 -28.70 -15.21
C GLN F 101 -10.35 -28.94 -14.50
N TYR F 102 -9.26 -28.99 -15.28
CA TYR F 102 -7.91 -29.18 -14.74
C TYR F 102 -7.09 -27.94 -15.11
N PHE F 103 -6.59 -27.21 -14.09
CA PHE F 103 -5.84 -25.96 -14.22
C PHE F 103 -4.35 -26.15 -14.50
N GLY F 104 -3.76 -25.09 -15.05
CA GLY F 104 -2.34 -24.99 -15.35
C GLY F 104 -1.56 -24.24 -14.30
N PRO F 105 -0.22 -24.08 -14.47
CA PRO F 105 0.59 -23.41 -13.43
C PRO F 105 0.31 -21.91 -13.30
N GLY F 106 -0.06 -21.27 -14.41
CA GLY F 106 -0.37 -19.85 -14.45
C GLY F 106 0.69 -18.97 -15.06
N THR F 107 0.29 -17.74 -15.44
CA THR F 107 1.14 -16.70 -16.00
C THR F 107 1.06 -15.50 -15.05
N ARG F 108 2.17 -15.19 -14.37
CA ARG F 108 2.21 -14.05 -13.45
C ARG F 108 2.54 -12.82 -14.27
N LEU F 109 1.61 -11.86 -14.27
CA LEU F 109 1.77 -10.63 -15.04
C LEU F 109 1.87 -9.44 -14.09
N THR F 110 2.86 -8.59 -14.35
CA THR F 110 3.11 -7.37 -13.60
C THR F 110 3.36 -6.27 -14.61
N VAL F 111 2.49 -5.25 -14.59
CA VAL F 111 2.55 -4.08 -15.46
C VAL F 111 3.08 -2.92 -14.61
N LEU F 112 4.18 -2.30 -15.06
CA LEU F 112 4.86 -1.23 -14.32
C LEU F 112 4.50 0.15 -14.84
N GLU F 113 4.49 1.13 -13.92
CA GLU F 113 4.21 2.53 -14.23
C GLU F 113 5.42 3.14 -14.95
N ASP F 114 6.63 2.96 -14.39
CA ASP F 114 7.89 3.40 -15.00
C ASP F 114 8.99 2.41 -14.61
N LEU F 115 9.79 1.98 -15.59
CA LEU F 115 10.87 1.00 -15.42
C LEU F 115 12.02 1.51 -14.54
N LYS F 116 12.06 2.82 -14.22
CA LYS F 116 13.12 3.45 -13.41
C LYS F 116 13.16 2.91 -11.97
N ASN F 117 11.97 2.65 -11.36
CA ASN F 117 11.85 2.14 -9.98
C ASN F 117 12.12 0.61 -9.87
N VAL F 118 12.32 -0.08 -11.01
CA VAL F 118 12.65 -1.51 -11.07
C VAL F 118 14.09 -1.68 -10.60
N PHE F 119 14.33 -2.54 -9.60
CA PHE F 119 15.67 -2.76 -9.06
C PHE F 119 15.96 -4.24 -8.76
N PRO F 120 17.22 -4.73 -8.97
CA PRO F 120 17.54 -6.13 -8.66
C PRO F 120 17.72 -6.35 -7.15
N PRO F 121 17.66 -7.60 -6.63
CA PRO F 121 17.80 -7.77 -5.17
C PRO F 121 19.25 -7.66 -4.68
N GLU F 122 19.37 -7.47 -3.37
CA GLU F 122 20.62 -7.41 -2.64
C GLU F 122 20.59 -8.62 -1.70
N VAL F 123 21.25 -9.69 -2.12
CA VAL F 123 21.29 -10.97 -1.41
C VAL F 123 22.43 -10.96 -0.38
N ALA F 124 22.11 -11.39 0.86
CA ALA F 124 23.03 -11.47 1.98
C ALA F 124 22.72 -12.68 2.87
N VAL F 125 23.70 -13.58 3.03
CA VAL F 125 23.57 -14.75 3.89
C VAL F 125 24.13 -14.38 5.29
N PHE F 126 23.48 -14.86 6.36
CA PHE F 126 23.89 -14.57 7.74
C PHE F 126 24.32 -15.86 8.42
N GLU F 127 25.61 -15.95 8.76
CA GLU F 127 26.22 -17.12 9.39
C GLU F 127 25.56 -17.43 10.75
N PRO F 128 25.40 -18.73 11.12
CA PRO F 128 24.71 -19.09 12.37
C PRO F 128 25.32 -18.53 13.67
N SER F 129 24.52 -18.59 14.74
CA SER F 129 24.83 -18.13 16.09
C SER F 129 25.50 -19.26 16.90
N GLU F 130 26.54 -18.92 17.68
CA GLU F 130 27.26 -19.87 18.53
C GLU F 130 26.39 -20.28 19.74
N ALA F 131 25.46 -19.41 20.16
CA ALA F 131 24.52 -19.68 21.24
C ALA F 131 23.53 -20.79 20.85
N GLU F 132 23.29 -20.95 19.53
CA GLU F 132 22.42 -21.97 18.95
C GLU F 132 23.17 -23.30 18.91
N ILE F 133 24.42 -23.28 18.41
CA ILE F 133 25.32 -24.44 18.29
C ILE F 133 25.57 -25.08 19.68
N SER F 134 25.78 -24.24 20.72
CA SER F 134 26.05 -24.69 22.09
C SER F 134 24.78 -25.16 22.84
N HIS F 135 23.57 -24.87 22.33
CA HIS F 135 22.32 -25.21 23.01
C HIS F 135 21.50 -26.29 22.31
N THR F 136 21.42 -26.25 20.96
CA THR F 136 20.58 -27.19 20.22
C THR F 136 21.40 -28.11 19.27
N GLN F 137 22.74 -27.93 19.23
CA GLN F 137 23.68 -28.71 18.38
C GLN F 137 23.27 -28.63 16.89
N LYS F 138 22.58 -27.54 16.52
CA LYS F 138 22.09 -27.24 15.17
C LYS F 138 22.48 -25.82 14.79
N ALA F 139 22.66 -25.59 13.47
CA ALA F 139 23.05 -24.29 12.93
C ALA F 139 22.04 -23.79 11.90
N THR F 140 21.39 -22.63 12.19
CA THR F 140 20.42 -22.01 11.28
C THR F 140 21.08 -20.81 10.61
N LEU F 141 21.13 -20.80 9.27
CA LEU F 141 21.71 -19.68 8.54
C LEU F 141 20.64 -19.06 7.66
N VAL F 142 20.44 -17.74 7.82
CA VAL F 142 19.40 -16.98 7.15
C VAL F 142 19.93 -16.24 5.92
N CYS F 143 19.12 -16.24 4.86
CA CYS F 143 19.36 -15.51 3.63
C CYS F 143 18.43 -14.31 3.58
N LEU F 144 18.87 -13.20 2.99
CA LEU F 144 18.04 -12.02 2.88
C LEU F 144 18.11 -11.39 1.50
N ALA F 145 16.99 -11.44 0.77
CA ALA F 145 16.82 -10.83 -0.54
C ALA F 145 16.06 -9.54 -0.29
N THR F 146 16.77 -8.39 -0.37
CA THR F 146 16.18 -7.10 -0.05
C THR F 146 16.38 -6.06 -1.14
N GLY F 147 15.42 -5.13 -1.22
CA GLY F 147 15.44 -4.01 -2.16
C GLY F 147 15.30 -4.37 -3.61
N PHE F 148 14.26 -5.12 -3.96
CA PHE F 148 14.04 -5.43 -5.36
C PHE F 148 12.67 -5.06 -5.84
N TYR F 149 12.52 -4.72 -7.10
CA TYR F 149 11.24 -4.48 -7.69
C TYR F 149 11.43 -5.07 -9.04
N PRO F 150 10.41 -5.79 -9.69
CA PRO F 150 9.11 -5.80 -9.06
C PRO F 150 8.71 -7.01 -8.24
N ASP F 151 9.60 -7.86 -7.77
CA ASP F 151 9.19 -9.03 -6.96
C ASP F 151 8.90 -10.40 -7.59
N HIS F 152 9.22 -10.59 -8.85
CA HIS F 152 9.20 -11.92 -9.39
C HIS F 152 10.54 -12.51 -9.03
N VAL F 153 10.56 -13.46 -8.11
CA VAL F 153 11.80 -14.07 -7.67
C VAL F 153 11.64 -15.51 -7.26
N GLU F 154 12.74 -16.25 -7.28
CA GLU F 154 12.79 -17.58 -6.74
C GLU F 154 14.06 -17.76 -5.97
N LEU F 155 13.96 -18.07 -4.70
CA LEU F 155 15.14 -18.22 -3.88
C LEU F 155 15.38 -19.67 -3.58
N SER F 156 16.60 -20.10 -3.82
CA SER F 156 17.02 -21.50 -3.70
C SER F 156 18.32 -21.60 -2.90
N TRP F 157 18.51 -22.74 -2.18
CA TRP F 157 19.73 -22.98 -1.40
C TRP F 157 20.61 -24.04 -2.08
N TRP F 158 21.95 -23.81 -2.06
CA TRP F 158 22.91 -24.69 -2.74
C TRP F 158 24.08 -25.09 -1.83
N VAL F 159 24.05 -26.33 -1.30
CA VAL F 159 25.10 -26.89 -0.45
C VAL F 159 26.02 -27.78 -1.31
N ASN F 160 27.32 -27.41 -1.35
CA ASN F 160 28.42 -28.07 -2.09
C ASN F 160 28.05 -28.36 -3.56
N GLY F 161 27.47 -27.37 -4.22
CA GLY F 161 27.07 -27.42 -5.63
C GLY F 161 25.74 -28.06 -5.96
N LYS F 162 25.04 -28.64 -4.97
CA LYS F 162 23.76 -29.31 -5.22
C LYS F 162 22.64 -28.60 -4.47
N GLU F 163 21.48 -28.41 -5.15
CA GLU F 163 20.31 -27.74 -4.57
C GLU F 163 19.76 -28.58 -3.44
N VAL F 164 19.38 -27.91 -2.33
CA VAL F 164 18.85 -28.57 -1.14
C VAL F 164 17.40 -28.12 -0.88
N HIS F 165 16.59 -29.05 -0.36
CA HIS F 165 15.18 -28.81 -0.03
C HIS F 165 14.89 -29.16 1.43
N SER F 166 15.65 -30.14 1.96
CA SER F 166 15.56 -30.60 3.35
C SER F 166 16.22 -29.56 4.25
N GLY F 167 15.48 -29.15 5.27
CA GLY F 167 15.94 -28.15 6.23
C GLY F 167 15.96 -26.77 5.65
N VAL F 168 15.02 -26.48 4.72
CA VAL F 168 14.89 -25.20 4.04
C VAL F 168 13.46 -24.65 4.28
N CYS F 169 13.35 -23.32 4.45
CA CYS F 169 12.08 -22.64 4.61
C CYS F 169 12.18 -21.17 4.18
N THR F 170 11.69 -20.91 2.96
CA THR F 170 11.64 -19.59 2.32
C THR F 170 10.27 -18.98 2.56
N ASP F 171 10.20 -17.64 2.79
CA ASP F 171 8.95 -16.92 2.97
C ASP F 171 8.03 -17.16 1.77
N PRO F 172 6.74 -17.53 1.98
CA PRO F 172 5.87 -17.85 0.83
C PRO F 172 5.50 -16.64 -0.03
N GLN F 173 5.48 -15.44 0.56
CA GLN F 173 5.16 -14.21 -0.15
C GLN F 173 6.07 -13.07 0.33
N PRO F 174 6.71 -12.30 -0.58
CA PRO F 174 7.62 -11.21 -0.14
C PRO F 174 6.87 -10.04 0.51
N LEU F 175 7.56 -9.31 1.43
CA LEU F 175 7.00 -8.18 2.16
C LEU F 175 7.54 -6.82 1.66
N LYS F 176 6.68 -5.80 1.66
CA LYS F 176 7.00 -4.43 1.26
C LYS F 176 7.86 -3.76 2.35
N GLU F 177 9.03 -3.23 1.97
CA GLU F 177 9.97 -2.58 2.88
C GLU F 177 9.42 -1.23 3.38
N GLN F 178 8.64 -0.54 2.54
CA GLN F 178 7.99 0.74 2.86
C GLN F 178 6.55 0.65 2.34
N PRO F 179 5.65 0.16 3.15
CA PRO F 179 4.35 -0.24 2.68
C PRO F 179 3.66 0.95 2.12
N ALA F 180 3.84 2.11 2.73
CA ALA F 180 3.20 3.31 2.24
C ALA F 180 3.63 3.73 0.83
N LEU F 181 4.91 3.60 0.53
CA LEU F 181 5.41 4.06 -0.76
C LEU F 181 4.81 3.27 -1.90
N ASN F 182 4.61 3.93 -3.03
CA ASN F 182 3.92 3.35 -4.16
C ASN F 182 4.49 2.17 -4.91
N ASP F 183 5.77 2.18 -5.16
CA ASP F 183 6.36 1.17 -5.98
C ASP F 183 7.40 0.74 -5.02
N SER F 184 6.93 0.19 -3.92
CA SER F 184 7.78 -0.17 -2.83
C SER F 184 8.69 -1.29 -3.19
N ARG F 185 9.86 -1.24 -2.61
CA ARG F 185 10.87 -2.29 -2.72
C ARG F 185 10.48 -3.44 -1.79
N TYR F 186 10.77 -4.68 -2.21
CA TYR F 186 10.40 -5.86 -1.44
C TYR F 186 11.60 -6.55 -0.77
N ALA F 187 11.29 -7.36 0.25
CA ALA F 187 12.24 -8.16 1.02
C ALA F 187 11.75 -9.62 1.07
N LEU F 188 12.68 -10.58 1.28
CA LEU F 188 12.35 -12.01 1.37
C LEU F 188 13.43 -12.77 2.15
N SER F 189 13.02 -13.47 3.22
CA SER F 189 13.94 -14.25 4.06
C SER F 189 13.79 -15.76 3.81
N SER F 190 14.87 -16.51 4.08
CA SER F 190 14.92 -17.97 3.98
C SER F 190 15.89 -18.55 4.99
N ARG F 191 15.63 -19.78 5.43
CA ARG F 191 16.46 -20.44 6.43
C ARG F 191 16.97 -21.78 5.97
N LEU F 192 18.23 -22.07 6.28
CA LEU F 192 18.83 -23.36 6.06
C LEU F 192 19.36 -23.84 7.40
N ARG F 193 18.85 -24.99 7.87
CA ARG F 193 19.28 -25.57 9.14
C ARG F 193 20.04 -26.86 8.90
N VAL F 194 21.20 -26.98 9.55
CA VAL F 194 22.12 -28.12 9.45
C VAL F 194 22.57 -28.51 10.87
N SER F 195 23.31 -29.62 11.00
CA SER F 195 23.86 -30.04 12.29
C SER F 195 25.06 -29.17 12.64
N ALA F 196 25.44 -29.11 13.93
CA ALA F 196 26.59 -28.33 14.37
C ALA F 196 27.87 -28.82 13.69
N THR F 197 28.07 -30.15 13.69
CA THR F 197 29.20 -30.87 13.10
C THR F 197 29.38 -30.56 11.60
N PHE F 198 28.26 -30.38 10.86
CA PHE F 198 28.26 -30.07 9.43
C PHE F 198 28.75 -28.64 9.15
N TRP F 199 28.26 -27.65 9.93
CA TRP F 199 28.63 -26.24 9.76
C TRP F 199 30.10 -26.00 10.17
N GLN F 200 30.60 -26.78 11.15
CA GLN F 200 31.97 -26.63 11.65
C GLN F 200 33.05 -27.13 10.65
N ASN F 201 32.64 -27.88 9.60
CA ASN F 201 33.53 -28.37 8.55
C ASN F 201 33.83 -27.23 7.56
N PRO F 202 35.12 -26.80 7.41
CA PRO F 202 35.43 -25.70 6.48
C PRO F 202 35.35 -26.09 4.99
N ARG F 203 35.39 -27.40 4.68
CA ARG F 203 35.33 -27.93 3.32
C ARG F 203 33.90 -27.80 2.73
N ASN F 204 32.91 -27.44 3.57
CA ASN F 204 31.50 -27.27 3.18
C ASN F 204 31.17 -25.83 2.78
N HIS F 205 30.57 -25.67 1.59
CA HIS F 205 30.18 -24.38 1.02
C HIS F 205 28.66 -24.24 1.01
N PHE F 206 28.18 -23.07 1.46
CA PHE F 206 26.76 -22.72 1.59
C PHE F 206 26.44 -21.50 0.74
N ARG F 207 25.58 -21.65 -0.27
CA ARG F 207 25.24 -20.55 -1.16
C ARG F 207 23.73 -20.34 -1.25
N CYS F 208 23.33 -19.07 -1.28
CA CYS F 208 21.96 -18.63 -1.46
C CYS F 208 21.80 -18.05 -2.86
N GLN F 209 20.79 -18.49 -3.60
CA GLN F 209 20.58 -18.04 -4.97
C GLN F 209 19.22 -17.42 -5.14
N VAL F 210 19.14 -16.22 -5.74
CA VAL F 210 17.87 -15.52 -5.96
C VAL F 210 17.72 -15.15 -7.44
N GLN F 211 16.83 -15.86 -8.16
CA GLN F 211 16.51 -15.59 -9.56
C GLN F 211 15.60 -14.37 -9.59
N PHE F 212 15.99 -13.33 -10.33
CA PHE F 212 15.22 -12.10 -10.44
C PHE F 212 14.71 -11.89 -11.86
N TYR F 213 13.40 -11.65 -11.99
CA TYR F 213 12.77 -11.37 -13.28
C TYR F 213 12.59 -9.87 -13.42
N GLY F 214 13.26 -9.29 -14.41
CA GLY F 214 13.24 -7.86 -14.68
C GLY F 214 13.08 -7.51 -16.14
N LEU F 215 13.91 -6.55 -16.62
CA LEU F 215 13.90 -6.04 -17.99
C LEU F 215 14.54 -7.03 -18.97
N SER F 216 14.22 -6.89 -20.27
CA SER F 216 14.77 -7.72 -21.34
C SER F 216 15.81 -6.92 -22.14
N GLU F 217 16.47 -7.57 -23.12
CA GLU F 217 17.48 -6.93 -23.97
C GLU F 217 16.82 -5.91 -24.92
N ASN F 218 15.54 -6.15 -25.30
CA ASN F 218 14.73 -5.30 -26.18
C ASN F 218 14.31 -3.99 -25.50
N ASP F 219 14.23 -3.99 -24.15
CA ASP F 219 13.85 -2.82 -23.35
C ASP F 219 14.96 -1.75 -23.33
N GLU F 220 14.56 -0.47 -23.19
CA GLU F 220 15.49 0.67 -23.16
C GLU F 220 15.82 1.11 -21.73
N TRP F 221 17.10 1.47 -21.50
CA TRP F 221 17.64 1.93 -20.22
C TRP F 221 18.66 3.05 -20.46
N THR F 222 18.53 4.18 -19.72
CA THR F 222 19.40 5.36 -19.91
C THR F 222 20.05 5.86 -18.59
N GLN F 223 19.56 5.41 -17.43
CA GLN F 223 20.05 5.82 -16.11
C GLN F 223 21.49 5.34 -15.82
N ASP F 224 22.17 6.01 -14.87
CA ASP F 224 23.55 5.75 -14.44
C ASP F 224 23.72 4.31 -13.91
N ARG F 225 22.79 3.88 -13.04
CA ARG F 225 22.76 2.55 -12.42
C ARG F 225 22.66 1.45 -13.48
N ALA F 226 23.33 0.31 -13.25
CA ALA F 226 23.33 -0.85 -14.16
C ALA F 226 21.90 -1.35 -14.41
N LYS F 227 21.61 -1.72 -15.67
CA LYS F 227 20.31 -2.18 -16.14
C LYS F 227 19.73 -3.29 -15.23
N PRO F 228 18.49 -3.12 -14.71
CA PRO F 228 17.89 -4.15 -13.85
C PRO F 228 17.27 -5.28 -14.68
N VAL F 229 18.11 -5.88 -15.54
CA VAL F 229 17.82 -6.97 -16.47
C VAL F 229 17.56 -8.29 -15.69
N THR F 230 16.84 -9.27 -16.31
CA THR F 230 16.55 -10.57 -15.70
C THR F 230 17.90 -11.25 -15.39
N GLN F 231 18.18 -11.46 -14.10
CA GLN F 231 19.46 -11.99 -13.62
C GLN F 231 19.34 -12.88 -12.38
N ILE F 232 20.46 -13.47 -11.95
CA ILE F 232 20.57 -14.32 -10.75
C ILE F 232 21.58 -13.64 -9.80
N VAL F 233 21.13 -13.27 -8.60
CA VAL F 233 21.96 -12.62 -7.57
C VAL F 233 22.23 -13.67 -6.47
N SER F 234 23.48 -13.72 -5.95
CA SER F 234 23.86 -14.72 -4.96
C SER F 234 24.79 -14.18 -3.86
N ALA F 235 24.70 -14.81 -2.68
CA ALA F 235 25.51 -14.58 -1.49
C ALA F 235 25.94 -15.92 -0.93
N GLU F 236 27.21 -16.08 -0.55
CA GLU F 236 27.71 -17.37 -0.08
C GLU F 236 28.48 -17.30 1.25
N ALA F 237 28.71 -18.48 1.86
CA ALA F 237 29.40 -18.64 3.14
C ALA F 237 30.09 -20.01 3.25
N TRP F 238 31.30 -20.03 3.85
CA TRP F 238 32.09 -21.24 4.08
C TRP F 238 32.04 -21.63 5.56
N GLY F 239 31.99 -22.94 5.82
CA GLY F 239 31.93 -23.54 7.16
C GLY F 239 32.94 -23.00 8.14
N ARG F 240 32.48 -22.65 9.35
CA ARG F 240 33.32 -22.05 10.40
C ARG F 240 33.65 -23.05 11.52
N ALA F 241 34.96 -23.32 11.71
CA ALA F 241 35.49 -24.24 12.72
C ALA F 241 35.70 -23.51 14.06
N MET G 1 25.27 15.12 18.47
CA MET G 1 24.48 14.39 19.45
C MET G 1 23.12 14.00 18.89
N LYS G 2 22.77 12.69 18.96
CA LYS G 2 21.51 12.17 18.45
C LYS G 2 20.65 11.60 19.58
N THR G 3 19.34 11.45 19.32
CA THR G 3 18.37 10.92 20.29
C THR G 3 17.66 9.66 19.81
N THR G 4 17.40 8.76 20.76
CA THR G 4 16.67 7.50 20.56
C THR G 4 15.52 7.48 21.55
N GLN G 5 14.32 7.05 21.10
CA GLN G 5 13.12 6.97 21.94
C GLN G 5 12.17 5.88 21.43
N PRO G 6 11.36 5.21 22.32
CA PRO G 6 10.46 4.13 21.86
C PRO G 6 9.58 4.55 20.68
N PRO G 7 9.51 3.72 19.61
CA PRO G 7 8.76 4.14 18.39
C PRO G 7 7.26 4.36 18.60
N SER G 8 6.64 3.56 19.48
CA SER G 8 5.21 3.66 19.77
C SER G 8 4.97 3.50 21.27
N MET G 9 3.90 4.13 21.78
CA MET G 9 3.49 4.10 23.19
C MET G 9 1.98 4.19 23.32
N ASP G 10 1.40 3.32 24.15
CA ASP G 10 -0.03 3.27 24.42
C ASP G 10 -0.26 3.52 25.91
N CYS G 11 -0.94 4.63 26.25
CA CYS G 11 -1.18 5.00 27.65
C CYS G 11 -2.67 5.23 27.92
N ALA G 12 -3.13 4.87 29.13
CA ALA G 12 -4.51 5.05 29.54
C ALA G 12 -4.78 6.51 29.87
N GLU G 13 -5.93 7.03 29.40
CA GLU G 13 -6.30 8.43 29.66
C GLU G 13 -6.62 8.64 31.15
N GLY G 14 -6.29 9.82 31.66
CA GLY G 14 -6.50 10.19 33.06
C GLY G 14 -5.26 10.04 33.91
N ARG G 15 -4.34 9.16 33.49
CA ARG G 15 -3.07 8.89 34.17
C ARG G 15 -1.91 9.64 33.48
N ALA G 16 -0.87 10.02 34.25
CA ALA G 16 0.30 10.74 33.75
C ALA G 16 1.12 9.92 32.75
N ALA G 17 1.36 10.47 31.55
CA ALA G 17 2.14 9.82 30.50
C ALA G 17 3.59 10.27 30.57
N ASN G 18 4.51 9.33 30.82
CA ASN G 18 5.95 9.61 30.90
C ASN G 18 6.67 9.09 29.65
N LEU G 19 7.15 10.01 28.79
CA LEU G 19 7.83 9.65 27.55
C LEU G 19 9.35 9.70 27.71
N PRO G 20 10.07 8.56 27.55
CA PRO G 20 11.53 8.59 27.68
C PRO G 20 12.26 8.97 26.38
N CYS G 21 13.48 9.49 26.55
CA CYS G 21 14.39 9.91 25.48
C CYS G 21 15.82 9.65 25.93
N ASN G 22 16.66 9.11 25.03
CA ASN G 22 18.06 8.81 25.33
C ASN G 22 18.99 9.62 24.41
N HIS G 23 19.93 10.35 25.03
CA HIS G 23 20.89 11.22 24.36
C HIS G 23 22.21 11.22 25.14
N SER G 24 22.99 10.13 25.00
CA SER G 24 24.25 9.91 25.70
C SER G 24 25.40 10.81 25.23
N THR G 25 25.44 11.15 23.92
CA THR G 25 26.49 11.95 23.28
C THR G 25 26.24 13.47 23.36
N ILE G 26 25.32 13.92 24.24
CA ILE G 26 25.00 15.33 24.43
C ILE G 26 26.18 16.08 25.07
N SER G 27 26.32 17.38 24.76
CA SER G 27 27.34 18.24 25.35
C SER G 27 26.67 19.22 26.32
N GLY G 28 27.46 19.82 27.20
CA GLY G 28 27.02 20.75 28.24
C GLY G 28 26.12 21.90 27.81
N ASN G 29 26.44 22.54 26.65
CA ASN G 29 25.72 23.69 26.11
C ASN G 29 24.40 23.30 25.40
N GLU G 30 24.22 22.01 25.07
CA GLU G 30 23.07 21.56 24.31
C GLU G 30 21.79 21.41 25.14
N TYR G 31 20.70 21.93 24.58
CA TYR G 31 19.34 21.92 25.11
C TYR G 31 18.58 20.69 24.65
N VAL G 32 17.61 20.25 25.46
CA VAL G 32 16.73 19.17 25.05
C VAL G 32 15.39 19.81 24.69
N TYR G 33 14.96 19.62 23.43
CA TYR G 33 13.74 20.19 22.89
C TYR G 33 12.69 19.12 22.62
N TRP G 34 11.46 19.38 23.05
CA TRP G 34 10.35 18.47 22.82
C TRP G 34 9.26 19.14 21.99
N TYR G 35 8.97 18.55 20.83
CA TYR G 35 7.93 18.97 19.90
C TYR G 35 6.94 17.84 19.70
N ARG G 36 5.70 18.14 19.37
CA ARG G 36 4.74 17.12 19.03
C ARG G 36 3.99 17.43 17.76
N GLN G 37 3.75 16.46 16.91
CA GLN G 37 2.90 16.68 15.76
C GLN G 37 1.63 15.86 15.81
N ILE G 38 0.52 16.51 16.09
CA ILE G 38 -0.75 15.84 16.00
C ILE G 38 -0.91 15.76 14.53
N HIS G 39 -1.62 14.79 14.01
CA HIS G 39 -1.29 14.09 12.80
C HIS G 39 -1.18 14.94 11.56
N SER G 40 -2.16 15.79 11.32
CA SER G 40 -2.34 16.44 10.04
C SER G 40 -1.86 17.85 10.09
N GLN G 41 -1.06 18.14 11.10
CA GLN G 41 -0.72 19.49 11.44
C GLN G 41 0.76 19.67 11.61
N GLY G 42 1.18 20.92 11.57
CA GLY G 42 2.55 21.29 11.77
C GLY G 42 2.98 21.07 13.20
N PRO G 43 4.35 20.95 13.40
CA PRO G 43 4.72 20.66 14.78
C PRO G 43 4.39 21.74 15.78
N GLN G 44 4.30 21.32 17.02
CA GLN G 44 3.94 22.15 18.18
C GLN G 44 5.00 21.99 19.29
N TYR G 45 5.62 23.11 19.68
CA TYR G 45 6.64 23.16 20.74
C TYR G 45 5.95 22.92 22.08
N ILE G 46 6.59 22.11 22.94
CA ILE G 46 6.06 21.85 24.26
C ILE G 46 6.94 22.54 25.32
N ILE G 47 8.16 22.02 25.52
CA ILE G 47 9.10 22.47 26.52
C ILE G 47 10.56 22.28 26.03
N HIS G 48 11.50 22.86 26.77
CA HIS G 48 12.93 22.73 26.55
C HIS G 48 13.64 23.03 27.85
N GLY G 49 14.79 22.40 28.03
CA GLY G 49 15.61 22.57 29.22
C GLY G 49 17.08 22.36 28.94
N LEU G 50 17.92 22.78 29.88
CA LEU G 50 19.37 22.62 29.77
C LEU G 50 19.85 21.64 30.84
N LYS G 51 19.49 21.89 32.11
CA LYS G 51 19.90 21.06 33.25
C LYS G 51 18.75 20.84 34.25
N ASN G 52 18.08 21.94 34.68
CA ASN G 52 16.99 21.92 35.65
C ASN G 52 15.75 21.20 35.11
N ASN G 53 14.96 20.62 36.02
CA ASN G 53 13.71 19.94 35.68
C ASN G 53 12.65 21.02 35.44
N GLU G 54 12.42 21.35 34.16
CA GLU G 54 11.50 22.41 33.74
C GLU G 54 10.03 21.97 33.78
N THR G 55 9.14 22.94 34.01
CA THR G 55 7.69 22.75 34.10
C THR G 55 6.99 23.98 33.54
N ASN G 56 6.01 23.75 32.66
CA ASN G 56 5.21 24.82 32.11
C ASN G 56 3.74 24.39 32.10
N GLU G 57 2.84 25.25 31.60
CA GLU G 57 1.39 25.02 31.54
C GLU G 57 1.00 23.72 30.80
N MET G 58 1.76 23.35 29.76
CA MET G 58 1.51 22.17 28.92
C MET G 58 2.00 20.87 29.57
N ALA G 59 3.32 20.75 29.79
CA ALA G 59 3.92 19.55 30.35
C ALA G 59 5.17 19.87 31.18
N SER G 60 5.84 18.82 31.67
CA SER G 60 7.05 18.92 32.47
C SER G 60 8.17 18.07 31.86
N LEU G 61 9.41 18.53 32.00
CA LEU G 61 10.61 17.86 31.48
C LEU G 61 11.59 17.65 32.63
N ILE G 62 12.09 16.41 32.75
CA ILE G 62 13.06 16.04 33.77
C ILE G 62 14.30 15.46 33.08
N ILE G 63 15.45 16.13 33.26
CA ILE G 63 16.75 15.74 32.72
C ILE G 63 17.57 15.16 33.89
N THR G 64 18.13 13.94 33.69
CA THR G 64 18.96 13.23 34.66
C THR G 64 20.22 14.03 35.00
N GLU G 65 20.86 13.75 36.17
CA GLU G 65 22.06 14.47 36.61
C GLU G 65 23.25 14.30 35.64
N ASP G 66 23.34 13.13 34.96
CA ASP G 66 24.37 12.82 33.98
C ASP G 66 24.00 13.34 32.57
N ARG G 67 22.79 13.95 32.42
CA ARG G 67 22.22 14.57 31.21
C ARG G 67 22.07 13.59 30.00
N LYS G 68 22.35 12.29 30.17
CA LYS G 68 22.30 11.32 29.09
C LYS G 68 20.86 10.82 28.78
N SER G 69 19.91 11.13 29.66
CA SER G 69 18.51 10.70 29.52
C SER G 69 17.57 11.78 30.04
N SER G 70 16.43 11.98 29.35
CA SER G 70 15.42 12.93 29.78
C SER G 70 14.03 12.33 29.61
N THR G 71 13.03 12.90 30.31
CA THR G 71 11.66 12.42 30.28
C THR G 71 10.66 13.54 30.12
N LEU G 72 9.61 13.31 29.31
CA LEU G 72 8.52 14.27 29.16
C LEU G 72 7.28 13.74 29.90
N ILE G 73 6.73 14.55 30.84
CA ILE G 73 5.57 14.16 31.64
C ILE G 73 4.36 15.02 31.29
N LEU G 74 3.29 14.37 30.78
CA LEU G 74 2.01 15.00 30.47
C LEU G 74 1.10 14.67 31.66
N PRO G 75 0.93 15.63 32.62
CA PRO G 75 0.23 15.33 33.89
C PRO G 75 -1.03 14.48 33.84
N HIS G 76 -2.00 14.76 32.94
CA HIS G 76 -3.22 13.95 32.88
C HIS G 76 -3.60 13.78 31.43
N ALA G 77 -3.08 12.70 30.83
CA ALA G 77 -3.22 12.33 29.43
C ALA G 77 -4.68 12.26 28.98
N THR G 78 -4.95 12.87 27.82
CA THR G 78 -6.25 12.94 27.16
C THR G 78 -6.10 12.55 25.70
N LEU G 79 -7.22 12.42 25.01
CA LEU G 79 -7.30 12.08 23.57
C LEU G 79 -6.69 13.19 22.71
N ARG G 80 -6.47 14.39 23.29
CA ARG G 80 -5.86 15.56 22.66
C ARG G 80 -4.33 15.46 22.68
N ASP G 81 -3.79 14.54 23.51
CA ASP G 81 -2.36 14.28 23.66
C ASP G 81 -1.88 13.16 22.72
N THR G 82 -2.81 12.58 21.91
CA THR G 82 -2.51 11.55 20.93
C THR G 82 -1.83 12.23 19.73
N ALA G 83 -0.50 12.05 19.64
CA ALA G 83 0.38 12.63 18.61
C ALA G 83 1.76 11.95 18.63
N VAL G 84 2.62 12.28 17.65
CA VAL G 84 3.99 11.79 17.58
C VAL G 84 4.88 12.86 18.28
N TYR G 85 5.63 12.43 19.31
CA TYR G 85 6.45 13.31 20.16
C TYR G 85 7.92 13.18 19.79
N TYR G 86 8.53 14.30 19.38
CA TYR G 86 9.93 14.36 18.97
C TYR G 86 10.82 14.98 20.06
N CYS G 87 11.93 14.31 20.35
CA CYS G 87 12.94 14.72 21.31
C CYS G 87 14.20 15.05 20.53
N ILE G 88 14.61 16.31 20.54
CA ILE G 88 15.70 16.75 19.71
C ILE G 88 16.71 17.46 20.55
N VAL G 89 17.92 17.55 20.06
CA VAL G 89 18.97 18.21 20.80
C VAL G 89 19.44 19.44 20.09
N LEU G 90 19.52 20.53 20.82
CA LEU G 90 20.09 21.75 20.31
C LEU G 90 21.13 22.29 21.27
N GLY G 91 22.16 22.92 20.76
CA GLY G 91 22.48 22.98 19.35
C GLY G 91 23.32 24.20 19.02
N GLY G 92 23.93 24.18 17.85
CA GLY G 92 24.75 25.28 17.43
C GLY G 92 24.09 25.75 16.19
N ALA G 93 24.80 25.71 15.08
CA ALA G 93 24.26 26.17 13.83
C ALA G 93 23.65 25.04 13.05
N ASP G 94 23.75 23.85 13.61
CA ASP G 94 23.47 22.62 12.89
C ASP G 94 22.05 22.52 12.45
N GLY G 95 21.12 22.86 13.31
CA GLY G 95 19.72 22.84 12.92
C GLY G 95 18.86 21.63 13.23
N LEU G 96 17.56 21.87 13.23
CA LEU G 96 16.61 20.90 13.68
C LEU G 96 16.49 19.68 12.85
N THR G 97 16.34 18.56 13.52
CA THR G 97 16.17 17.27 12.85
C THR G 97 15.18 16.43 13.64
N PHE G 98 14.17 15.89 12.97
CA PHE G 98 13.17 15.03 13.58
C PHE G 98 13.46 13.58 13.27
N GLY G 99 13.41 12.74 14.31
CA GLY G 99 13.59 11.30 14.16
C GLY G 99 12.23 10.68 13.91
N LYS G 100 12.08 9.39 14.20
CA LYS G 100 10.80 8.71 14.05
C LYS G 100 9.88 9.08 15.22
N GLY G 101 10.49 9.55 16.32
CA GLY G 101 9.80 9.97 17.53
C GLY G 101 9.07 8.87 18.27
N THR G 102 8.11 9.26 19.11
CA THR G 102 7.28 8.33 19.89
C THR G 102 5.84 8.61 19.47
N HIS G 103 5.25 7.66 18.72
CA HIS G 103 3.86 7.73 18.27
C HIS G 103 3.01 7.32 19.47
N LEU G 104 2.57 8.33 20.24
CA LEU G 104 1.80 8.10 21.47
C LEU G 104 0.31 8.06 21.16
N ILE G 105 -0.35 6.93 21.49
CA ILE G 105 -1.79 6.71 21.34
C ILE G 105 -2.40 6.62 22.75
N ILE G 106 -3.28 7.58 23.09
CA ILE G 106 -3.92 7.59 24.40
C ILE G 106 -5.22 6.80 24.31
N GLN G 107 -5.26 5.64 24.99
CA GLN G 107 -6.40 4.72 25.01
C GLN G 107 -7.42 5.07 26.09
N PRO G 108 -8.74 5.02 25.79
CA PRO G 108 -9.75 5.30 26.83
C PRO G 108 -10.31 4.02 27.46
N TYR G 109 -10.73 4.12 28.71
CA TYR G 109 -11.43 3.03 29.31
C TYR G 109 -12.84 2.98 28.79
N ILE G 110 -13.24 1.82 28.30
CA ILE G 110 -14.65 1.67 27.92
C ILE G 110 -15.37 1.05 29.13
N GLN G 111 -16.15 1.89 29.85
CA GLN G 111 -16.86 1.56 31.10
C GLN G 111 -17.61 0.23 31.02
N ASN G 112 -18.53 0.10 30.04
CA ASN G 112 -19.32 -1.12 29.82
C ASN G 112 -19.42 -1.35 28.32
N PRO G 113 -18.51 -2.17 27.74
CA PRO G 113 -18.55 -2.39 26.28
C PRO G 113 -19.66 -3.35 25.84
N ASP G 114 -20.46 -2.91 24.85
CA ASP G 114 -21.52 -3.73 24.26
C ASP G 114 -21.21 -3.83 22.75
N PRO G 115 -20.22 -4.67 22.33
CA PRO G 115 -19.86 -4.74 20.91
C PRO G 115 -21.06 -5.12 20.04
N ALA G 116 -21.26 -4.37 18.94
CA ALA G 116 -22.38 -4.59 18.03
C ALA G 116 -22.03 -4.18 16.60
N VAL G 117 -22.55 -4.92 15.62
CA VAL G 117 -22.36 -4.64 14.18
C VAL G 117 -23.73 -4.22 13.63
N TYR G 118 -23.90 -2.89 13.44
CA TYR G 118 -25.17 -2.30 12.99
C TYR G 118 -25.17 -1.97 11.51
N GLN G 119 -26.32 -2.18 10.85
CA GLN G 119 -26.50 -1.85 9.43
C GLN G 119 -27.29 -0.55 9.33
N LEU G 120 -26.72 0.43 8.63
CA LEU G 120 -27.28 1.76 8.41
C LEU G 120 -27.80 1.91 6.98
N ARG G 121 -28.82 2.75 6.77
CA ARG G 121 -29.40 3.02 5.45
C ARG G 121 -29.15 4.49 5.02
N ASP G 122 -29.10 4.74 3.69
CA ASP G 122 -28.90 6.07 3.10
C ASP G 122 -30.11 6.99 3.40
N SER G 123 -29.86 8.29 3.66
CA SER G 123 -30.91 9.27 3.99
C SER G 123 -31.80 9.62 2.78
N ASP G 127 -27.84 2.68 0.68
CA ASP G 127 -27.34 2.08 -0.56
C ASP G 127 -26.16 2.92 -1.15
N LYS G 128 -24.91 2.38 -1.16
CA LYS G 128 -24.51 1.05 -0.68
C LYS G 128 -24.43 1.01 0.86
N SER G 129 -25.21 0.09 1.48
CA SER G 129 -25.32 -0.10 2.94
C SER G 129 -23.96 -0.23 3.63
N VAL G 130 -23.83 0.38 4.82
CA VAL G 130 -22.61 0.36 5.62
C VAL G 130 -22.83 -0.44 6.92
N CYS G 131 -21.76 -1.12 7.39
CA CYS G 131 -21.76 -1.87 8.63
C CYS G 131 -20.90 -1.13 9.65
N LEU G 132 -21.49 -0.79 10.80
CA LEU G 132 -20.80 -0.07 11.86
C LEU G 132 -20.50 -0.97 13.05
N PHE G 133 -19.21 -1.24 13.29
CA PHE G 133 -18.76 -1.98 14.45
C PHE G 133 -18.45 -0.95 15.50
N THR G 134 -19.27 -0.91 16.57
CA THR G 134 -19.14 0.10 17.60
C THR G 134 -19.24 -0.51 19.00
N ASP G 135 -19.07 0.34 20.04
CA ASP G 135 -19.13 0.09 21.48
C ASP G 135 -18.28 -1.14 21.90
N PHE G 136 -17.12 -1.31 21.28
CA PHE G 136 -16.20 -2.40 21.57
C PHE G 136 -15.00 -1.89 22.38
N ASP G 137 -14.33 -2.82 23.07
CA ASP G 137 -13.15 -2.62 23.92
C ASP G 137 -11.99 -1.94 23.17
N SER G 138 -11.20 -1.13 23.91
CA SER G 138 -10.00 -0.44 23.40
C SER G 138 -8.82 -1.40 23.29
N GLN G 139 -8.97 -2.63 23.81
CA GLN G 139 -7.95 -3.67 23.78
C GLN G 139 -8.06 -4.50 22.50
N THR G 140 -9.27 -4.58 21.91
CA THR G 140 -9.51 -5.32 20.67
C THR G 140 -8.99 -4.52 19.47
N ASN G 141 -8.30 -5.22 18.54
CA ASN G 141 -7.70 -4.62 17.34
C ASN G 141 -8.45 -5.06 16.07
N VAL G 142 -8.78 -4.08 15.20
CA VAL G 142 -9.49 -4.33 13.93
C VAL G 142 -8.48 -4.47 12.78
N SER G 143 -8.71 -5.46 11.91
CA SER G 143 -7.84 -5.79 10.77
C SER G 143 -8.45 -5.34 9.45
N GLN G 144 -7.58 -5.00 8.48
CA GLN G 144 -7.95 -4.60 7.12
C GLN G 144 -8.53 -5.81 6.38
N SER G 145 -9.52 -5.58 5.51
CA SER G 145 -10.21 -6.63 4.74
C SER G 145 -9.25 -7.39 3.83
N LYS G 146 -9.46 -8.71 3.72
CA LYS G 146 -8.68 -9.60 2.85
C LYS G 146 -9.08 -9.34 1.39
N ASP G 147 -10.39 -9.28 1.10
CA ASP G 147 -10.94 -9.02 -0.22
C ASP G 147 -10.88 -7.52 -0.52
N SER G 148 -10.28 -7.17 -1.67
CA SER G 148 -10.07 -5.80 -2.14
C SER G 148 -11.39 -5.04 -2.44
N ASP G 149 -12.44 -5.76 -2.89
CA ASP G 149 -13.74 -5.17 -3.22
C ASP G 149 -14.54 -4.72 -1.98
N VAL G 150 -14.03 -5.05 -0.76
CA VAL G 150 -14.59 -4.68 0.54
C VAL G 150 -13.64 -3.63 1.16
N TYR G 151 -14.20 -2.59 1.80
CA TYR G 151 -13.41 -1.51 2.43
C TYR G 151 -13.68 -1.41 3.92
N ILE G 152 -12.61 -1.53 4.73
CA ILE G 152 -12.70 -1.46 6.20
C ILE G 152 -11.72 -0.39 6.73
N THR G 153 -12.28 0.62 7.42
CA THR G 153 -11.51 1.68 8.05
C THR G 153 -10.99 1.15 9.38
N ASP G 154 -9.89 1.72 9.89
CA ASP G 154 -9.39 1.31 11.20
C ASP G 154 -10.24 2.00 12.27
N LYS G 155 -10.19 1.49 13.52
CA LYS G 155 -10.96 2.01 14.63
C LYS G 155 -10.55 3.43 14.96
N CYS G 156 -11.53 4.24 15.38
CA CYS G 156 -11.31 5.61 15.81
C CYS G 156 -12.28 5.90 16.98
N VAL G 157 -11.73 6.49 18.05
CA VAL G 157 -12.48 6.75 19.27
C VAL G 157 -13.25 8.09 19.19
N LEU G 158 -14.56 7.97 19.43
CA LEU G 158 -15.58 9.00 19.50
C LEU G 158 -15.55 9.59 20.92
N ASP G 159 -15.92 10.88 21.09
CA ASP G 159 -15.97 11.49 22.42
C ASP G 159 -17.21 12.37 22.58
N MET G 160 -18.20 11.86 23.35
CA MET G 160 -19.43 12.57 23.67
C MET G 160 -19.26 13.29 25.00
N ARG G 161 -18.73 14.53 24.97
CA ARG G 161 -18.52 15.35 26.17
C ARG G 161 -19.86 15.81 26.76
N SER G 162 -20.92 15.75 25.93
CA SER G 162 -22.30 16.09 26.27
C SER G 162 -22.88 15.14 27.34
N MET G 163 -22.40 13.88 27.35
CA MET G 163 -22.84 12.82 28.27
C MET G 163 -21.67 12.21 29.06
N ASP G 164 -20.42 12.59 28.72
CA ASP G 164 -19.15 12.09 29.28
C ASP G 164 -19.03 10.57 28.98
N PHE G 165 -19.13 10.24 27.67
CA PHE G 165 -19.10 8.89 27.12
C PHE G 165 -18.13 8.82 25.94
N LYS G 166 -17.34 7.75 25.88
CA LYS G 166 -16.38 7.50 24.80
C LYS G 166 -16.59 6.11 24.22
N SER G 167 -16.47 5.98 22.89
CA SER G 167 -16.69 4.69 22.20
C SER G 167 -15.80 4.54 20.97
N ASN G 168 -15.31 3.32 20.73
CA ASN G 168 -14.50 3.02 19.55
C ASN G 168 -15.42 2.58 18.42
N SER G 169 -15.06 2.88 17.17
CA SER G 169 -15.90 2.52 16.03
C SER G 169 -15.11 2.32 14.73
N ALA G 170 -15.48 1.28 13.98
CA ALA G 170 -14.92 0.92 12.67
C ALA G 170 -16.05 0.76 11.65
N VAL G 171 -15.85 1.25 10.42
CA VAL G 171 -16.87 1.20 9.36
C VAL G 171 -16.42 0.23 8.24
N ALA G 172 -17.39 -0.48 7.62
CA ALA G 172 -17.18 -1.43 6.53
C ALA G 172 -18.26 -1.31 5.47
N TRP G 173 -17.87 -1.29 4.18
CA TRP G 173 -18.81 -1.20 3.06
C TRP G 173 -18.27 -1.88 1.80
N SER G 174 -19.19 -2.32 0.92
CA SER G 174 -18.90 -2.99 -0.35
C SER G 174 -20.15 -3.05 -1.24
N ASN G 175 -19.96 -2.92 -2.57
CA ASN G 175 -21.04 -3.01 -3.55
C ASN G 175 -21.35 -4.48 -3.90
N LYS G 176 -20.42 -5.40 -3.54
CA LYS G 176 -20.49 -6.85 -3.74
C LYS G 176 -21.78 -7.45 -3.17
N SER G 177 -22.35 -8.44 -3.87
CA SER G 177 -23.57 -9.16 -3.46
C SER G 177 -23.28 -10.02 -2.22
N ASP G 178 -22.06 -10.58 -2.13
CA ASP G 178 -21.54 -11.41 -1.04
C ASP G 178 -21.60 -10.71 0.32
N PHE G 179 -21.29 -9.39 0.34
CA PHE G 179 -21.23 -8.55 1.52
C PHE G 179 -22.53 -8.52 2.31
N ALA G 180 -22.37 -8.70 3.63
CA ALA G 180 -23.38 -8.69 4.69
C ALA G 180 -22.66 -8.42 6.01
N CYS G 181 -23.33 -7.76 6.98
CA CYS G 181 -22.76 -7.39 8.27
C CYS G 181 -22.23 -8.59 9.08
N ALA G 182 -22.71 -9.81 8.77
CA ALA G 182 -22.30 -11.05 9.42
C ALA G 182 -20.87 -11.47 9.06
N ASN G 183 -20.46 -11.24 7.80
CA ASN G 183 -19.13 -11.59 7.28
C ASN G 183 -18.20 -10.38 7.08
N ALA G 184 -18.69 -9.16 7.40
CA ALA G 184 -17.97 -7.90 7.23
C ALA G 184 -16.66 -7.85 8.02
N PHE G 185 -16.70 -8.09 9.35
CA PHE G 185 -15.52 -8.03 10.21
C PHE G 185 -14.98 -9.43 10.54
N ASN G 186 -15.24 -10.41 9.65
CA ASN G 186 -14.78 -11.79 9.78
C ASN G 186 -13.26 -11.91 9.55
N ASN G 187 -12.59 -10.80 9.18
CA ASN G 187 -11.15 -10.71 8.90
C ASN G 187 -10.33 -10.44 10.17
N SER G 188 -10.99 -10.03 11.28
CA SER G 188 -10.30 -9.68 12.53
C SER G 188 -10.75 -10.53 13.74
N ILE G 189 -10.02 -10.38 14.88
CA ILE G 189 -10.29 -11.07 16.15
C ILE G 189 -11.46 -10.38 16.85
N ILE G 190 -12.66 -10.59 16.30
CA ILE G 190 -13.93 -10.04 16.77
C ILE G 190 -14.35 -10.77 18.09
N PRO G 191 -14.74 -10.03 19.17
CA PRO G 191 -15.12 -10.71 20.42
C PRO G 191 -16.26 -11.73 20.28
N GLU G 192 -16.31 -12.69 21.22
CA GLU G 192 -17.29 -13.77 21.25
C GLU G 192 -18.72 -13.29 21.55
N ASP G 193 -18.86 -12.19 22.33
CA ASP G 193 -20.17 -11.64 22.74
C ASP G 193 -20.62 -10.45 21.86
N THR G 194 -20.27 -10.47 20.54
CA THR G 194 -20.63 -9.41 19.59
C THR G 194 -22.11 -9.58 19.17
N PHE G 195 -22.87 -8.47 19.27
CA PHE G 195 -24.29 -8.40 18.92
C PHE G 195 -24.47 -8.30 17.41
N PHE G 196 -25.38 -9.14 16.86
CA PHE G 196 -25.68 -9.18 15.43
C PHE G 196 -27.21 -9.20 15.23
N PRO G 197 -27.83 -8.03 14.95
CA PRO G 197 -29.30 -8.01 14.75
C PRO G 197 -29.70 -8.53 13.37
N GLY H 2 0.76 33.49 15.70
CA GLY H 2 1.51 32.38 15.14
C GLY H 2 1.99 32.59 13.71
N VAL H 3 2.75 31.60 13.19
CA VAL H 3 3.31 31.59 11.84
C VAL H 3 2.21 31.24 10.83
N SER H 4 1.99 32.11 9.84
CA SER H 4 0.98 31.92 8.80
C SER H 4 1.61 31.28 7.56
N GLN H 5 0.85 30.43 6.85
CA GLN H 5 1.30 29.78 5.61
C GLN H 5 0.16 29.73 4.58
N SER H 6 0.48 30.08 3.33
CA SER H 6 -0.49 30.08 2.24
C SER H 6 0.14 29.58 0.91
N PRO H 7 -0.58 28.75 0.13
CA PRO H 7 -1.92 28.20 0.38
C PRO H 7 -1.89 26.98 1.30
N SER H 8 -3.06 26.61 1.86
CA SER H 8 -3.19 25.45 2.74
C SER H 8 -2.92 24.14 1.96
N ASN H 9 -3.38 24.11 0.70
CA ASN H 9 -3.23 22.99 -0.21
C ASN H 9 -2.87 23.47 -1.62
N LYS H 10 -2.16 22.62 -2.37
CA LYS H 10 -1.82 22.91 -3.76
C LYS H 10 -1.75 21.61 -4.55
N VAL H 11 -2.65 21.50 -5.53
CA VAL H 11 -2.77 20.42 -6.49
C VAL H 11 -2.32 21.03 -7.82
N THR H 12 -1.25 20.48 -8.39
CA THR H 12 -0.66 20.98 -9.63
C THR H 12 -0.24 19.81 -10.54
N GLU H 13 -0.06 20.10 -11.83
CA GLU H 13 0.42 19.17 -12.84
C GLU H 13 1.95 19.29 -12.93
N LYS H 14 2.66 18.24 -13.39
CA LYS H 14 4.13 18.26 -13.50
C LYS H 14 4.58 19.29 -14.54
N GLY H 15 5.73 19.91 -14.27
CA GLY H 15 6.33 20.93 -15.12
C GLY H 15 5.85 22.35 -14.84
N LYS H 16 4.91 22.51 -13.91
CA LYS H 16 4.37 23.81 -13.51
C LYS H 16 5.25 24.42 -12.42
N ASP H 17 5.14 25.74 -12.20
CA ASP H 17 5.89 26.46 -11.17
C ASP H 17 4.95 26.82 -10.03
N VAL H 18 5.43 26.74 -8.77
CA VAL H 18 4.59 27.05 -7.58
C VAL H 18 5.30 28.01 -6.62
N GLU H 19 4.50 28.83 -5.92
CA GLU H 19 4.93 29.80 -4.91
C GLU H 19 4.31 29.47 -3.56
N LEU H 20 5.15 29.38 -2.51
CA LEU H 20 4.71 29.06 -1.13
C LEU H 20 5.11 30.21 -0.20
N ARG H 21 4.09 30.89 0.33
CA ARG H 21 4.24 32.06 1.21
C ARG H 21 4.30 31.66 2.69
N CYS H 22 5.12 32.36 3.47
CA CYS H 22 5.22 32.15 4.92
C CYS H 22 5.32 33.48 5.64
N ASP H 23 4.27 33.82 6.40
CA ASP H 23 4.21 35.03 7.20
C ASP H 23 4.60 34.65 8.63
N PRO H 24 5.83 35.00 9.08
CA PRO H 24 6.24 34.58 10.43
C PRO H 24 5.64 35.45 11.54
N ILE H 25 5.87 35.06 12.81
CA ILE H 25 5.43 35.80 13.99
C ILE H 25 6.11 37.18 13.96
N SER H 26 5.35 38.25 14.27
CA SER H 26 5.89 39.61 14.27
C SER H 26 7.05 39.74 15.25
N GLY H 27 8.14 40.34 14.79
CA GLY H 27 9.35 40.56 15.58
C GLY H 27 10.39 39.46 15.44
N HIS H 28 10.05 38.37 14.73
CA HIS H 28 10.94 37.24 14.50
C HIS H 28 11.76 37.48 13.22
N THR H 29 13.09 37.69 13.39
CA THR H 29 14.00 37.99 12.27
C THR H 29 14.57 36.74 11.61
N ALA H 30 14.28 35.55 12.16
CA ALA H 30 14.77 34.31 11.57
C ALA H 30 13.62 33.42 11.08
N LEU H 31 13.72 32.94 9.83
CA LEU H 31 12.73 32.10 9.17
C LEU H 31 13.39 30.82 8.66
N TYR H 32 12.71 29.68 8.81
CA TYR H 32 13.22 28.37 8.40
C TYR H 32 12.23 27.67 7.47
N TRP H 33 12.75 26.98 6.44
CA TRP H 33 11.95 26.22 5.49
C TRP H 33 12.21 24.73 5.63
N TYR H 34 11.12 23.95 5.73
CA TYR H 34 11.16 22.51 5.90
C TYR H 34 10.28 21.78 4.90
N ARG H 35 10.58 20.49 4.70
CA ARG H 35 9.89 19.59 3.79
C ARG H 35 9.57 18.31 4.58
N GLN H 36 8.28 17.95 4.69
CA GLN H 36 7.93 16.73 5.42
C GLN H 36 7.08 15.80 4.57
N SER H 37 7.62 14.59 4.36
CA SER H 37 6.98 13.50 3.62
C SER H 37 7.05 12.24 4.48
N LEU H 38 6.04 11.40 4.43
CA LEU H 38 6.05 10.21 5.25
C LEU H 38 7.22 9.32 4.88
N GLY H 39 7.52 9.23 3.60
CA GLY H 39 8.72 8.58 3.14
C GLY H 39 10.07 9.16 3.51
N GLN H 40 10.22 10.47 3.47
CA GLN H 40 11.52 11.10 3.65
C GLN H 40 11.83 11.86 4.93
N GLY H 41 10.92 11.86 5.90
CA GLY H 41 11.18 12.50 7.18
C GLY H 41 11.02 14.00 7.09
N LEU H 42 11.49 14.74 8.09
CA LEU H 42 11.50 16.19 8.00
C LEU H 42 12.83 16.69 7.52
N GLU H 43 12.82 17.26 6.32
CA GLU H 43 14.02 17.74 5.61
C GLU H 43 14.16 19.26 5.70
N PHE H 44 15.28 19.74 6.26
CA PHE H 44 15.57 21.18 6.37
C PHE H 44 15.99 21.69 4.98
N LEU H 45 15.32 22.74 4.48
CA LEU H 45 15.60 23.26 3.13
C LEU H 45 16.51 24.47 3.15
N ILE H 46 16.06 25.59 3.74
CA ILE H 46 16.81 26.84 3.82
C ILE H 46 16.31 27.72 4.98
N TYR H 47 17.21 28.52 5.56
CA TYR H 47 16.88 29.46 6.63
C TYR H 47 17.31 30.85 6.24
N PHE H 48 16.78 31.85 6.96
CA PHE H 48 17.06 33.25 6.77
C PHE H 48 17.31 33.93 8.09
N GLN H 49 18.35 34.76 8.14
CA GLN H 49 18.65 35.64 9.26
C GLN H 49 18.65 37.01 8.63
N GLY H 50 17.50 37.65 8.71
CA GLY H 50 17.25 38.95 8.10
C GLY H 50 16.59 38.74 6.74
N ASN H 51 17.12 39.40 5.71
CA ASN H 51 16.59 39.28 4.34
C ASN H 51 17.51 38.44 3.43
N SER H 52 18.67 37.99 3.96
CA SER H 52 19.64 37.19 3.21
C SER H 52 19.83 35.79 3.80
N ALA H 53 19.88 34.77 2.92
CA ALA H 53 20.12 33.36 3.27
C ALA H 53 21.62 33.08 3.18
N PRO H 54 22.29 32.66 4.29
CA PRO H 54 23.75 32.48 4.23
C PRO H 54 24.17 31.20 3.49
N ASP H 55 23.48 30.07 3.77
CA ASP H 55 23.80 28.77 3.16
C ASP H 55 22.70 28.37 2.18
N LYS H 56 23.06 28.31 0.88
CA LYS H 56 22.12 27.93 -0.18
C LYS H 56 22.02 26.39 -0.33
N SER H 57 22.76 25.61 0.49
CA SER H 57 22.67 24.14 0.46
C SER H 57 21.37 23.71 1.19
N GLY H 58 21.10 22.41 1.23
CA GLY H 58 19.88 21.91 1.84
C GLY H 58 18.74 21.87 0.84
N LEU H 59 18.79 22.76 -0.17
CA LEU H 59 17.85 22.84 -1.27
C LEU H 59 18.06 21.63 -2.19
N PRO H 60 16.98 20.91 -2.58
CA PRO H 60 17.16 19.70 -3.41
C PRO H 60 17.79 19.92 -4.79
N SER H 61 17.15 20.76 -5.65
CA SER H 61 17.67 20.99 -7.00
C SER H 61 17.72 22.48 -7.36
N ASP H 62 18.19 22.79 -8.59
CA ASP H 62 18.28 24.13 -9.17
C ASP H 62 16.88 24.74 -9.44
N ARG H 63 15.83 23.99 -9.06
CA ARG H 63 14.42 24.37 -9.21
C ARG H 63 13.89 25.01 -7.93
N PHE H 64 14.56 24.70 -6.79
CA PHE H 64 14.20 25.19 -5.46
C PHE H 64 14.99 26.46 -5.12
N SER H 65 14.27 27.58 -5.05
CA SER H 65 14.82 28.89 -4.71
C SER H 65 13.99 29.52 -3.60
N ALA H 66 14.57 30.45 -2.82
CA ALA H 66 13.86 31.10 -1.73
C ALA H 66 14.25 32.55 -1.60
N GLU H 67 13.26 33.39 -1.35
CA GLU H 67 13.43 34.81 -1.30
C GLU H 67 12.74 35.32 -0.08
N ARG H 68 13.33 36.29 0.57
CA ARG H 68 12.67 37.00 1.63
C ARG H 68 13.05 38.47 1.57
N THR H 69 12.61 39.17 0.54
CA THR H 69 13.10 40.50 0.31
C THR H 69 12.78 41.46 1.45
N GLY H 70 11.56 41.40 1.94
CA GLY H 70 11.11 42.32 2.96
C GLY H 70 11.94 42.22 4.20
N GLY H 71 12.36 41.00 4.53
CA GLY H 71 12.96 40.74 5.81
C GLY H 71 11.92 40.27 6.78
N SER H 72 10.71 40.02 6.28
CA SER H 72 9.70 39.28 7.02
C SER H 72 9.15 38.10 6.24
N VAL H 73 8.10 38.34 5.48
CA VAL H 73 7.41 37.29 4.75
C VAL H 73 8.31 36.69 3.71
N SER H 74 8.24 35.38 3.58
CA SER H 74 9.13 34.65 2.73
C SER H 74 8.38 33.87 1.73
N THR H 75 9.01 33.64 0.59
CA THR H 75 8.42 32.90 -0.49
C THR H 75 9.38 31.82 -0.89
N LEU H 76 8.86 30.60 -1.05
CA LEU H 76 9.58 29.44 -1.56
C LEU H 76 9.04 29.13 -2.93
N THR H 77 9.91 29.04 -3.93
CA THR H 77 9.47 28.81 -5.29
C THR H 77 10.02 27.49 -5.83
N ILE H 78 9.11 26.58 -6.22
CA ILE H 78 9.47 25.31 -6.85
C ILE H 78 9.12 25.46 -8.31
N GLN H 79 10.13 25.56 -9.19
CA GLN H 79 9.87 25.72 -10.62
C GLN H 79 9.93 24.36 -11.33
N ARG H 80 9.19 24.23 -12.47
CA ARG H 80 9.02 23.04 -13.33
C ARG H 80 8.99 21.76 -12.45
N THR H 81 7.97 21.71 -11.57
CA THR H 81 7.71 20.68 -10.56
C THR H 81 7.73 19.25 -11.10
N GLN H 82 8.18 18.33 -10.25
CA GLN H 82 8.27 16.88 -10.49
C GLN H 82 7.43 16.15 -9.44
N GLN H 83 7.12 14.86 -9.68
CA GLN H 83 6.33 14.02 -8.77
C GLN H 83 7.02 13.92 -7.40
N GLU H 84 8.37 13.81 -7.39
CA GLU H 84 9.21 13.71 -6.19
C GLU H 84 9.04 14.90 -5.23
N ASP H 85 8.58 16.05 -5.73
CA ASP H 85 8.38 17.29 -4.96
C ASP H 85 7.10 17.27 -4.12
N SER H 86 6.20 16.29 -4.36
CA SER H 86 4.95 16.16 -3.61
C SER H 86 5.26 15.91 -2.13
N ALA H 87 4.93 16.91 -1.27
CA ALA H 87 5.20 16.87 0.17
C ALA H 87 4.47 18.00 0.91
N VAL H 88 4.48 17.93 2.26
CA VAL H 88 3.92 18.98 3.11
C VAL H 88 5.08 19.94 3.41
N TYR H 89 5.00 21.16 2.86
CA TYR H 89 6.06 22.15 3.03
C TYR H 89 5.78 22.97 4.26
N LEU H 90 6.65 22.83 5.25
CA LEU H 90 6.55 23.47 6.57
C LEU H 90 7.50 24.64 6.70
N CYS H 91 7.08 25.64 7.50
CA CYS H 91 7.84 26.84 7.75
C CYS H 91 7.83 27.15 9.24
N ALA H 92 8.99 27.57 9.78
CA ALA H 92 9.15 27.91 11.19
C ALA H 92 9.82 29.26 11.37
N SER H 93 9.60 29.91 12.52
CA SER H 93 10.24 31.19 12.82
C SER H 93 10.72 31.25 14.28
N SER H 94 11.80 31.97 14.50
CA SER H 94 12.34 32.26 15.81
C SER H 94 12.82 33.67 15.80
N PHE H 95 12.97 34.28 16.95
CA PHE H 95 13.26 35.69 17.05
C PHE H 95 14.55 35.92 16.36
N ARG H 96 15.45 35.02 16.60
CA ARG H 96 16.81 35.13 16.15
C ARG H 96 17.22 33.79 15.66
N PHE H 97 18.26 33.72 14.85
CA PHE H 97 18.78 32.44 14.42
C PHE H 97 19.27 31.68 15.62
N THR H 98 18.96 30.38 15.68
CA THR H 98 19.39 29.50 16.75
C THR H 98 18.44 29.55 17.92
N ASP H 99 17.35 30.24 17.75
CA ASP H 99 16.37 30.37 18.80
C ASP H 99 15.21 29.42 18.69
N THR H 100 14.34 29.39 19.68
CA THR H 100 13.26 28.44 19.68
C THR H 100 12.45 28.70 18.47
N GLN H 101 12.12 27.63 17.76
CA GLN H 101 11.35 27.69 16.51
C GLN H 101 9.90 27.33 16.73
N TYR H 102 9.01 28.10 16.10
CA TYR H 102 7.57 27.92 16.14
C TYR H 102 7.10 27.70 14.70
N PHE H 103 6.45 26.54 14.42
CA PHE H 103 6.02 26.12 13.08
C PHE H 103 4.59 26.54 12.69
N GLY H 104 4.41 26.78 11.39
CA GLY H 104 3.12 27.11 10.79
C GLY H 104 2.29 25.86 10.47
N PRO H 105 1.13 26.01 9.77
CA PRO H 105 0.27 24.84 9.49
C PRO H 105 0.71 23.98 8.30
N GLY H 106 1.71 24.45 7.55
CA GLY H 106 2.21 23.76 6.38
C GLY H 106 1.44 24.07 5.10
N THR H 107 1.91 23.50 4.00
CA THR H 107 1.30 23.59 2.67
C THR H 107 1.35 22.19 2.09
N ARG H 108 0.18 21.56 1.86
CA ARG H 108 0.19 20.23 1.27
C ARG H 108 0.26 20.38 -0.24
N LEU H 109 1.41 19.99 -0.82
CA LEU H 109 1.66 20.07 -2.26
C LEU H 109 1.62 18.67 -2.89
N THR H 110 0.81 18.52 -3.95
CA THR H 110 0.66 17.27 -4.69
C THR H 110 0.86 17.59 -6.17
N VAL H 111 1.84 16.92 -6.78
CA VAL H 111 2.22 17.05 -8.19
C VAL H 111 1.80 15.75 -8.91
N LEU H 112 1.10 15.89 -10.04
CA LEU H 112 0.57 14.74 -10.78
C LEU H 112 1.10 14.66 -12.22
N GLU H 113 1.00 13.46 -12.84
CA GLU H 113 1.43 13.21 -14.22
C GLU H 113 0.43 13.84 -15.20
N ASP H 114 -0.86 13.61 -14.96
CA ASP H 114 -1.97 14.20 -15.70
C ASP H 114 -3.10 14.54 -14.72
N LEU H 115 -3.94 15.51 -15.10
CA LEU H 115 -5.06 15.96 -14.27
C LEU H 115 -6.36 15.20 -14.61
N LYS H 116 -6.26 14.20 -15.52
CA LYS H 116 -7.36 13.34 -15.97
C LYS H 116 -7.80 12.37 -14.87
N ASN H 117 -6.92 12.15 -13.88
CA ASN H 117 -7.16 11.27 -12.73
C ASN H 117 -7.79 12.00 -11.53
N VAL H 118 -7.89 13.35 -11.59
CA VAL H 118 -8.48 14.19 -10.54
C VAL H 118 -10.02 14.01 -10.53
N PHE H 119 -10.59 13.74 -9.33
CA PHE H 119 -12.03 13.52 -9.13
C PHE H 119 -12.55 14.15 -7.84
N PRO H 120 -13.74 14.79 -7.83
CA PRO H 120 -14.28 15.30 -6.56
C PRO H 120 -14.86 14.16 -5.72
N PRO H 121 -15.07 14.28 -4.38
CA PRO H 121 -15.65 13.16 -3.64
C PRO H 121 -17.15 13.06 -3.84
N GLU H 122 -17.70 11.90 -3.49
CA GLU H 122 -19.14 11.62 -3.48
C GLU H 122 -19.49 11.51 -2.02
N VAL H 123 -20.31 12.44 -1.49
CA VAL H 123 -20.65 12.44 -0.07
C VAL H 123 -22.06 11.86 0.16
N ALA H 124 -22.15 10.85 1.05
CA ALA H 124 -23.39 10.19 1.42
C ALA H 124 -23.54 10.11 2.94
N VAL H 125 -24.73 10.43 3.45
CA VAL H 125 -25.00 10.37 4.88
C VAL H 125 -25.88 9.15 5.15
N PHE H 126 -25.47 8.34 6.12
CA PHE H 126 -26.14 7.09 6.49
C PHE H 126 -26.79 7.26 7.85
N GLU H 127 -28.14 7.21 7.87
CA GLU H 127 -28.97 7.42 9.05
C GLU H 127 -28.73 6.31 10.11
N PRO H 128 -28.86 6.62 11.42
CA PRO H 128 -28.64 5.60 12.47
C PRO H 128 -29.56 4.39 12.37
N SER H 129 -29.03 3.23 12.82
CA SER H 129 -29.71 1.95 12.87
C SER H 129 -30.77 1.97 13.99
N GLU H 130 -32.02 1.58 13.66
CA GLU H 130 -33.14 1.52 14.61
C GLU H 130 -32.85 0.48 15.71
N ALA H 131 -31.89 -0.42 15.45
CA ALA H 131 -31.41 -1.45 16.39
C ALA H 131 -30.52 -0.79 17.45
N GLU H 132 -29.66 0.16 17.03
CA GLU H 132 -28.73 0.92 17.89
C GLU H 132 -29.50 1.79 18.89
N ILE H 133 -30.53 2.51 18.39
CA ILE H 133 -31.40 3.41 19.17
C ILE H 133 -32.11 2.61 20.27
N SER H 134 -32.62 1.42 19.94
CA SER H 134 -33.32 0.57 20.91
C SER H 134 -32.36 -0.26 21.79
N HIS H 135 -31.04 -0.23 21.51
CA HIS H 135 -30.07 -1.02 22.28
C HIS H 135 -29.24 -0.18 23.25
N THR H 136 -28.49 0.83 22.74
CA THR H 136 -27.60 1.66 23.56
C THR H 136 -28.23 3.05 23.88
N GLN H 137 -29.39 3.37 23.29
CA GLN H 137 -30.15 4.63 23.45
C GLN H 137 -29.34 5.81 22.87
N LYS H 138 -28.55 5.53 21.84
CA LYS H 138 -27.72 6.51 21.13
C LYS H 138 -27.93 6.36 19.63
N ALA H 139 -27.53 7.38 18.85
CA ALA H 139 -27.70 7.39 17.41
C ALA H 139 -26.42 7.80 16.69
N THR H 140 -25.82 6.88 15.90
CA THR H 140 -24.60 7.17 15.15
C THR H 140 -24.92 7.38 13.67
N LEU H 141 -24.55 8.55 13.16
CA LEU H 141 -24.68 8.94 11.77
C LEU H 141 -23.33 8.74 11.14
N VAL H 142 -23.25 7.98 10.03
CA VAL H 142 -21.96 7.71 9.38
C VAL H 142 -21.91 8.43 8.03
N CYS H 143 -20.80 9.12 7.79
CA CYS H 143 -20.57 9.86 6.55
C CYS H 143 -19.56 9.13 5.70
N LEU H 144 -19.75 9.19 4.36
CA LEU H 144 -18.83 8.54 3.42
C LEU H 144 -18.46 9.44 2.28
N ALA H 145 -17.15 9.72 2.16
CA ALA H 145 -16.53 10.46 1.07
C ALA H 145 -15.81 9.42 0.24
N THR H 146 -16.24 9.21 -1.01
CA THR H 146 -15.67 8.15 -1.85
C THR H 146 -15.24 8.64 -3.23
N GLY H 147 -14.40 7.83 -3.87
CA GLY H 147 -13.88 8.04 -5.22
C GLY H 147 -13.34 9.41 -5.51
N PHE H 148 -12.44 9.89 -4.68
CA PHE H 148 -11.81 11.16 -4.92
C PHE H 148 -10.33 11.05 -5.03
N TYR H 149 -9.78 11.70 -6.04
CA TYR H 149 -8.36 11.90 -6.21
C TYR H 149 -8.24 13.36 -6.47
N PRO H 150 -7.22 14.15 -5.93
CA PRO H 150 -6.18 13.43 -5.19
C PRO H 150 -6.20 13.23 -3.68
N ASP H 151 -7.24 13.51 -2.91
CA ASP H 151 -7.20 13.29 -1.44
C ASP H 151 -6.90 14.44 -0.49
N HIS H 152 -6.86 15.65 -1.00
CA HIS H 152 -6.79 16.78 -0.16
C HIS H 152 -8.22 17.05 0.20
N VAL H 153 -8.70 16.46 1.28
CA VAL H 153 -10.03 16.75 1.75
C VAL H 153 -10.09 17.02 3.23
N GLU H 154 -11.08 17.76 3.64
CA GLU H 154 -11.31 18.10 5.03
C GLU H 154 -12.79 17.88 5.35
N LEU H 155 -13.07 16.93 6.26
CA LEU H 155 -14.44 16.59 6.64
C LEU H 155 -14.89 17.34 7.91
N SER H 156 -16.13 17.86 7.90
CA SER H 156 -16.76 18.57 9.01
C SER H 156 -18.25 18.24 9.09
N TRP H 157 -18.83 18.33 10.29
CA TRP H 157 -20.25 18.09 10.57
C TRP H 157 -20.91 19.38 11.02
N TRP H 158 -22.08 19.71 10.44
CA TRP H 158 -22.81 20.94 10.71
C TRP H 158 -24.22 20.60 11.20
N VAL H 159 -24.43 20.73 12.52
CA VAL H 159 -25.71 20.43 13.17
C VAL H 159 -26.44 21.75 13.46
N ASN H 160 -27.68 21.85 12.93
CA ASN H 160 -28.59 22.99 13.06
C ASN H 160 -27.92 24.33 12.70
N GLY H 161 -27.26 24.35 11.54
CA GLY H 161 -26.59 25.52 11.00
C GLY H 161 -25.11 25.66 11.30
N LYS H 162 -24.72 25.55 12.58
CA LYS H 162 -23.33 25.72 12.99
C LYS H 162 -22.56 24.39 13.07
N GLU H 163 -21.21 24.47 12.99
CA GLU H 163 -20.28 23.34 13.05
C GLU H 163 -20.28 22.68 14.43
N VAL H 164 -19.88 21.40 14.52
CA VAL H 164 -19.79 20.63 15.77
C VAL H 164 -18.43 19.89 15.87
N HIS H 165 -18.06 19.45 17.10
CA HIS H 165 -16.83 18.73 17.41
C HIS H 165 -17.09 17.59 18.39
N SER H 166 -18.01 17.81 19.35
CA SER H 166 -18.39 16.80 20.35
C SER H 166 -19.22 15.69 19.70
N GLY H 167 -18.81 14.45 19.96
CA GLY H 167 -19.46 13.27 19.42
C GLY H 167 -19.15 13.00 17.97
N VAL H 168 -17.98 13.44 17.51
CA VAL H 168 -17.51 13.30 16.13
C VAL H 168 -16.18 12.53 16.11
N CYS H 169 -15.96 11.71 15.06
CA CYS H 169 -14.70 11.02 14.84
C CYS H 169 -14.49 10.74 13.37
N THR H 170 -13.52 11.44 12.78
CA THR H 170 -13.14 11.30 11.38
C THR H 170 -11.89 10.42 11.31
N ASP H 171 -11.69 9.72 10.19
CA ASP H 171 -10.50 8.90 9.97
C ASP H 171 -9.28 9.80 9.82
N PRO H 172 -8.08 9.42 10.33
CA PRO H 172 -6.92 10.31 10.18
C PRO H 172 -6.32 10.25 8.77
N GLN H 173 -6.48 9.11 8.07
CA GLN H 173 -5.92 8.88 6.76
C GLN H 173 -6.95 8.22 5.82
N PRO H 174 -7.13 8.74 4.57
CA PRO H 174 -8.08 8.10 3.63
C PRO H 174 -7.56 6.77 3.10
N LEU H 175 -8.46 5.80 2.89
CA LEU H 175 -8.07 4.47 2.38
C LEU H 175 -8.11 4.43 0.85
N LYS H 176 -7.28 3.55 0.24
CA LYS H 176 -7.24 3.35 -1.21
C LYS H 176 -8.36 2.39 -1.64
N GLU H 177 -9.07 2.75 -2.71
CA GLU H 177 -10.15 1.92 -3.25
C GLU H 177 -9.55 0.74 -4.04
N GLN H 178 -8.38 0.97 -4.66
CA GLN H 178 -7.61 -0.02 -5.40
C GLN H 178 -6.19 0.02 -4.83
N PRO H 179 -5.94 -0.63 -3.65
CA PRO H 179 -4.63 -0.52 -3.00
C PRO H 179 -3.45 -1.06 -3.82
N ALA H 180 -3.72 -1.91 -4.82
CA ALA H 180 -2.68 -2.44 -5.71
C ALA H 180 -2.19 -1.37 -6.69
N LEU H 181 -3.07 -0.40 -7.05
CA LEU H 181 -2.77 0.68 -8.01
C LEU H 181 -2.19 1.91 -7.33
N ASN H 182 -1.24 2.57 -8.01
CA ASN H 182 -0.56 3.80 -7.57
C ASN H 182 -1.55 4.94 -7.63
N ASP H 183 -2.09 5.21 -8.84
CA ASP H 183 -3.10 6.23 -9.09
C ASP H 183 -4.47 5.62 -8.76
N SER H 184 -4.82 5.65 -7.47
CA SER H 184 -6.06 5.08 -6.95
C SER H 184 -6.86 6.13 -6.20
N ARG H 185 -8.18 6.14 -6.44
CA ARG H 185 -9.16 7.01 -5.78
C ARG H 185 -9.24 6.65 -4.30
N TYR H 186 -9.57 7.63 -3.44
CA TYR H 186 -9.61 7.43 -2.00
C TYR H 186 -11.03 7.45 -1.41
N ALA H 187 -11.12 7.03 -0.14
CA ALA H 187 -12.36 7.01 0.63
C ALA H 187 -12.10 7.42 2.08
N LEU H 188 -13.02 8.20 2.66
CA LEU H 188 -12.93 8.66 4.04
C LEU H 188 -14.29 8.56 4.72
N SER H 189 -14.30 8.07 5.97
CA SER H 189 -15.52 7.96 6.77
C SER H 189 -15.44 8.83 8.03
N SER H 190 -16.62 9.15 8.61
CA SER H 190 -16.74 9.93 9.83
C SER H 190 -18.00 9.54 10.59
N ARG H 191 -17.93 9.58 11.91
CA ARG H 191 -19.06 9.24 12.78
C ARG H 191 -19.51 10.44 13.60
N LEU H 192 -20.83 10.66 13.65
CA LEU H 192 -21.47 11.69 14.48
C LEU H 192 -22.47 10.96 15.36
N ARG H 193 -22.18 10.90 16.66
CA ARG H 193 -23.06 10.22 17.61
C ARG H 193 -23.75 11.24 18.49
N VAL H 194 -25.09 11.19 18.49
CA VAL H 194 -25.97 12.05 19.28
C VAL H 194 -26.90 11.16 20.12
N SER H 195 -27.58 11.75 21.11
CA SER H 195 -28.54 11.03 21.96
C SER H 195 -29.76 10.65 21.12
N ALA H 196 -30.37 9.47 21.40
CA ALA H 196 -31.54 8.98 20.67
C ALA H 196 -32.65 10.03 20.58
N THR H 197 -32.90 10.77 21.70
CA THR H 197 -33.89 11.83 21.82
C THR H 197 -33.63 12.98 20.83
N PHE H 198 -32.34 13.38 20.66
CA PHE H 198 -31.95 14.45 19.74
C PHE H 198 -32.25 14.08 18.29
N TRP H 199 -31.92 12.83 17.89
CA TRP H 199 -32.19 12.29 16.56
C TRP H 199 -33.70 12.17 16.34
N GLN H 200 -34.45 11.76 17.38
CA GLN H 200 -35.90 11.56 17.33
C GLN H 200 -36.66 12.85 16.96
N ASN H 201 -36.13 14.03 17.33
CA ASN H 201 -36.74 15.32 17.01
C ASN H 201 -36.53 15.64 15.51
N PRO H 202 -37.62 15.79 14.71
CA PRO H 202 -37.45 16.04 13.28
C PRO H 202 -37.01 17.48 12.94
N ARG H 203 -37.06 18.38 13.92
CA ARG H 203 -36.67 19.79 13.76
C ARG H 203 -35.13 19.95 13.66
N ASN H 204 -34.37 18.92 14.10
CA ASN H 204 -32.90 18.91 14.09
C ASN H 204 -32.37 18.48 12.72
N HIS H 205 -31.44 19.28 12.17
CA HIS H 205 -30.82 19.08 10.87
C HIS H 205 -29.35 18.65 11.01
N PHE H 206 -28.97 17.57 10.31
CA PHE H 206 -27.61 17.01 10.32
C PHE H 206 -27.01 17.04 8.92
N ARG H 207 -25.91 17.77 8.74
CA ARG H 207 -25.24 17.86 7.46
C ARG H 207 -23.74 17.59 7.59
N CYS H 208 -23.25 16.73 6.70
CA CYS H 208 -21.85 16.34 6.59
C CYS H 208 -21.22 17.13 5.43
N GLN H 209 -20.08 17.81 5.68
CA GLN H 209 -19.41 18.65 4.68
C GLN H 209 -17.98 18.18 4.43
N VAL H 210 -17.62 17.98 3.15
CA VAL H 210 -16.28 17.56 2.74
C VAL H 210 -15.67 18.63 1.81
N GLN H 211 -14.59 19.30 2.27
CA GLN H 211 -13.88 20.36 1.57
C GLN H 211 -12.78 19.78 0.70
N PHE H 212 -13.06 19.62 -0.60
CA PHE H 212 -12.11 19.07 -1.56
C PHE H 212 -11.28 20.18 -2.20
N TYR H 213 -9.97 19.94 -2.32
CA TYR H 213 -9.01 20.84 -2.95
C TYR H 213 -8.54 20.17 -4.22
N GLY H 214 -8.96 20.72 -5.36
CA GLY H 214 -8.63 20.16 -6.67
C GLY H 214 -8.04 21.14 -7.64
N LEU H 215 -8.68 21.28 -8.81
CA LEU H 215 -8.24 22.17 -9.87
C LEU H 215 -8.61 23.64 -9.60
N SER H 216 -8.19 24.54 -10.51
CA SER H 216 -8.43 25.98 -10.44
C SER H 216 -8.79 26.54 -11.82
N GLU H 217 -9.23 27.82 -11.89
CA GLU H 217 -9.60 28.52 -13.13
C GLU H 217 -8.41 28.58 -14.10
N ASN H 218 -7.17 28.63 -13.55
CA ASN H 218 -5.91 28.68 -14.30
C ASN H 218 -5.65 27.37 -15.08
N ASP H 219 -5.99 26.20 -14.47
CA ASP H 219 -5.79 24.87 -15.07
C ASP H 219 -6.78 24.59 -16.21
N GLU H 220 -6.38 23.72 -17.17
CA GLU H 220 -7.17 23.37 -18.34
C GLU H 220 -7.94 22.05 -18.16
N TRP H 221 -9.12 21.96 -18.80
CA TRP H 221 -9.98 20.77 -18.77
C TRP H 221 -10.47 20.43 -20.16
N THR H 222 -10.13 19.22 -20.64
CA THR H 222 -10.47 18.73 -21.98
C THR H 222 -11.64 17.74 -21.94
N GLN H 223 -11.78 16.99 -20.83
CA GLN H 223 -12.82 15.97 -20.62
C GLN H 223 -14.25 16.54 -20.69
N ASP H 224 -15.23 15.63 -20.88
CA ASP H 224 -16.65 15.95 -20.97
C ASP H 224 -17.25 16.27 -19.59
N ARG H 225 -16.87 15.49 -18.55
CA ARG H 225 -17.36 15.64 -17.17
C ARG H 225 -16.96 17.00 -16.59
N ALA H 226 -17.65 17.42 -15.50
CA ALA H 226 -17.41 18.68 -14.82
C ALA H 226 -15.96 18.79 -14.33
N LYS H 227 -15.38 20.00 -14.42
CA LYS H 227 -14.00 20.24 -13.98
C LYS H 227 -13.90 19.93 -12.47
N PRO H 228 -13.01 18.97 -12.06
CA PRO H 228 -12.90 18.62 -10.63
C PRO H 228 -12.18 19.70 -9.82
N VAL H 229 -12.69 20.93 -9.90
CA VAL H 229 -12.20 22.14 -9.26
C VAL H 229 -12.37 22.04 -7.73
N THR H 230 -11.63 22.89 -6.97
CA THR H 230 -11.70 22.99 -5.51
C THR H 230 -13.16 23.27 -5.14
N GLN H 231 -13.77 22.37 -4.34
CA GLN H 231 -15.20 22.50 -4.02
C GLN H 231 -15.59 21.83 -2.69
N ILE H 232 -16.82 22.13 -2.25
CA ILE H 232 -17.47 21.56 -1.07
C ILE H 232 -18.57 20.62 -1.57
N VAL H 233 -18.56 19.38 -1.11
CA VAL H 233 -19.60 18.38 -1.42
C VAL H 233 -20.19 17.96 -0.09
N SER H 234 -21.53 18.02 0.02
CA SER H 234 -22.25 17.73 1.25
C SER H 234 -23.30 16.63 1.10
N ALA H 235 -23.84 16.17 2.25
CA ALA H 235 -24.91 15.18 2.36
C ALA H 235 -25.69 15.48 3.63
N GLU H 236 -26.99 15.78 3.49
CA GLU H 236 -27.82 16.15 4.62
C GLU H 236 -28.90 15.13 4.98
N ALA H 237 -29.31 15.15 6.25
CA ALA H 237 -30.36 14.30 6.83
C ALA H 237 -31.06 15.03 7.97
N TRP H 238 -32.36 14.78 8.11
CA TRP H 238 -33.19 15.37 9.16
C TRP H 238 -33.53 14.31 10.22
N GLY H 239 -33.94 14.77 11.41
CA GLY H 239 -34.36 13.90 12.51
C GLY H 239 -35.54 13.01 12.17
N ARG H 240 -35.56 11.79 12.71
CA ARG H 240 -36.63 10.82 12.43
C ARG H 240 -37.34 10.41 13.72
N ALA H 241 -38.67 10.63 13.78
CA ALA H 241 -39.51 10.28 14.93
C ALA H 241 -40.13 8.89 14.74
N ALA I 1 -35.31 -26.62 -12.62
CA ALA I 1 -34.64 -26.51 -13.91
C ALA I 1 -34.28 -27.90 -14.49
N PRO I 2 -34.69 -28.21 -15.74
CA PRO I 2 -34.37 -29.53 -16.32
C PRO I 2 -32.91 -29.66 -16.74
N GLN I 3 -32.26 -30.77 -16.30
CA GLN I 3 -30.87 -31.10 -16.59
C GLN I 3 -30.80 -31.96 -17.89
N PRO I 4 -29.98 -31.57 -18.88
CA PRO I 4 -29.93 -32.33 -20.14
C PRO I 4 -28.78 -33.35 -20.22
N GLU I 5 -28.89 -34.28 -21.20
CA GLU I 5 -27.84 -35.26 -21.51
C GLU I 5 -26.90 -34.58 -22.52
N LEU I 6 -25.58 -34.73 -22.34
CA LEU I 6 -24.61 -34.04 -23.19
C LEU I 6 -23.82 -34.97 -24.11
N PRO I 7 -23.73 -34.63 -25.43
CA PRO I 7 -22.95 -35.46 -26.36
C PRO I 7 -21.45 -35.18 -26.29
N TYR I 8 -20.63 -36.19 -26.57
CA TYR I 8 -19.17 -36.07 -26.49
C TYR I 8 -18.51 -36.08 -27.88
N PRO I 9 -17.34 -35.39 -28.02
CA PRO I 9 -16.72 -35.30 -29.35
C PRO I 9 -16.08 -36.61 -29.83
N GLN I 10 -16.17 -36.87 -31.15
CA GLN I 10 -15.56 -38.02 -31.81
C GLN I 10 -14.05 -37.78 -31.91
N PRO I 11 -13.19 -38.82 -31.79
CA PRO I 11 -11.74 -38.59 -31.88
C PRO I 11 -11.30 -38.02 -33.24
N GLY I 12 -10.45 -37.00 -33.20
CA GLY I 12 -9.92 -36.35 -34.38
C GLY I 12 -10.36 -34.91 -34.58
N SER I 13 -10.68 -34.54 -35.83
CA SER I 13 -11.10 -33.19 -36.22
C SER I 13 -12.55 -33.19 -36.69
N ALA J 1 33.91 22.35 20.55
CA ALA J 1 33.48 23.55 19.83
C ALA J 1 33.21 24.76 20.78
N PRO J 2 33.87 25.92 20.56
CA PRO J 2 33.58 27.11 21.40
C PRO J 2 32.20 27.70 21.09
N GLN J 3 31.41 27.98 22.14
CA GLN J 3 30.06 28.51 22.01
C GLN J 3 30.04 30.04 21.97
N PRO J 4 29.42 30.64 20.94
CA PRO J 4 29.38 32.11 20.86
C PRO J 4 28.18 32.74 21.55
N GLU J 5 28.36 34.00 22.01
CA GLU J 5 27.30 34.83 22.58
C GLU J 5 26.55 35.43 21.40
N LEU J 6 25.24 35.65 21.54
CA LEU J 6 24.44 36.08 20.42
C LEU J 6 23.83 37.49 20.55
N PRO J 7 24.12 38.40 19.58
CA PRO J 7 23.49 39.73 19.61
C PRO J 7 22.04 39.64 19.14
N TYR J 8 21.10 40.30 19.84
CA TYR J 8 19.70 40.26 19.47
C TYR J 8 19.31 41.46 18.57
N PRO J 9 18.28 41.34 17.70
CA PRO J 9 17.95 42.43 16.78
C PRO J 9 17.35 43.63 17.50
N GLN J 10 17.81 44.81 17.08
CA GLN J 10 17.38 46.11 17.58
C GLN J 10 15.94 46.39 17.08
N PRO J 11 15.02 46.94 17.92
CA PRO J 11 13.68 47.25 17.37
C PRO J 11 13.76 48.39 16.34
N GLY J 12 13.07 48.27 15.20
CA GLY J 12 12.21 47.17 14.81
C GLY J 12 12.36 46.79 13.35
#